data_9F6C
#
_entry.id   9F6C
#
_cell.length_a   69.424
_cell.length_b   128.326
_cell.length_c   103.530
_cell.angle_alpha   90.000
_cell.angle_beta   91.470
_cell.angle_gamma   90.000
#
_symmetry.space_group_name_H-M   'P 1 21 1'
#
loop_
_entity.id
_entity.type
_entity.pdbx_description
1 polymer Myosin-7
2 non-polymer 'SULFATE ION'
3 non-polymer 'MAGNESIUM ION'
4 non-polymer aficamten
5 non-polymer "ADENOSINE-5'-DIPHOSPHATE"
6 non-polymer 'VANADATE ION'
7 water water
#
_entity_poly.entity_id   1
_entity_poly.type   'polypeptide(L)'
_entity_poly.pdbx_seq_one_letter_code
;MVDAEMAAFGEAAPYLRKSEKERLEAQTRPFDLKKDVFVPDDKEEFVKATILSREGGKVTAETEHGKTVTVKEDQVLQQN
PPKFDKIEDMAMLTFLHEPAVLYNLKERYASWMIYTYSGLFCVTINPY(M3L)WLPVYNAEVVAAYRGKKRSEAPPHIFS
ISDNAYQYMLTDRENQSILITGESGAGKTVNTKRVIQYFAVIAAIGDRSKKEQATGKGTLEDQIIQANPALEAFGNAKTV
RNDNSSRFGKFIRIHFGATGKLASADIETYLLEKSRVIFQLKAERDYHIFYQILSNKKPELLDMLLITNNPYDYAFISQG
ETTVASIDDAEELMATDNAFDVLGFTTEEKNSMYKLTGAIMHFGNMKFKLKQREEQAEPDGTEEADKSAYLMGLNSADLL
KGLCHPRVKVGNEYVTKGQNVQQVVYAKGALAKAVYERMFNWMVTRINATLETKQPRQYFIGVLDIAGFEIFDFNSFEQL
CINFTNEKLQQFFNHHMFVLEQEEYKKEGIEWEFIDFGMDLQACIDLIEKPMGIMSILEEECMFPKATDMTF(M3L)AKL
FDNHLGKSSNFQKPRNIKGKPEAHFSLIHYAGTVDYNIIGWLQKNKDPLNETVVDLYKKSSLKMLSSLFANYAGFDTPIE
KGKGKAKKGSSFQTVSALHRENLNKLMTNLRSTHPHFVRCIIPNETKSPGVIDNPLVMHQLRCNGVLEGIRICRKGFPNR
ILYGDFRQRYRILNPAAIPEGQFIDSRKGAEKLLGSLDIDHNQYKFGHTKVFFKAGLLGLLEEMRDERLS
;
_entity_poly.pdbx_strand_id   A,B
#
# COMPACT_ATOMS: atom_id res chain seq x y z
N LEU A 33 -38.55 -28.35 -28.75
CA LEU A 33 -38.75 -27.81 -30.08
C LEU A 33 -38.61 -26.25 -30.08
N LYS A 34 -38.71 -25.61 -31.27
CA LYS A 34 -38.69 -24.15 -31.46
C LYS A 34 -40.03 -23.57 -30.95
N LYS A 35 -41.02 -24.48 -30.67
CA LYS A 35 -42.36 -24.21 -30.15
C LYS A 35 -42.37 -23.85 -28.66
N ASP A 36 -41.44 -24.41 -27.88
CA ASP A 36 -41.33 -24.21 -26.43
C ASP A 36 -40.48 -22.99 -26.13
N VAL A 37 -41.14 -21.96 -25.59
CA VAL A 37 -40.61 -20.61 -25.34
C VAL A 37 -41.06 -20.05 -23.98
N PHE A 38 -40.77 -18.75 -23.75
CA PHE A 38 -41.17 -17.90 -22.61
C PHE A 38 -41.72 -16.64 -23.17
N VAL A 39 -42.76 -16.13 -22.55
CA VAL A 39 -43.47 -14.91 -22.96
C VAL A 39 -43.58 -14.00 -21.70
N PRO A 40 -43.50 -12.65 -21.82
CA PRO A 40 -43.63 -11.82 -20.60
C PRO A 40 -45.04 -11.92 -20.00
N ASP A 41 -45.12 -11.93 -18.65
CA ASP A 41 -46.38 -12.02 -17.90
C ASP A 41 -46.41 -10.95 -16.80
N ASP A 42 -47.54 -10.21 -16.73
CA ASP A 42 -47.80 -9.11 -15.80
C ASP A 42 -47.59 -9.50 -14.32
N LYS A 43 -48.10 -10.67 -13.91
CA LYS A 43 -47.97 -11.11 -12.51
C LYS A 43 -46.72 -11.91 -12.17
N GLU A 44 -46.28 -12.81 -13.09
CA GLU A 44 -45.19 -13.78 -12.87
C GLU A 44 -43.90 -13.48 -13.63
N GLU A 45 -43.78 -12.26 -14.19
CA GLU A 45 -42.63 -11.78 -14.98
C GLU A 45 -42.58 -12.48 -16.36
N PHE A 46 -42.48 -13.82 -16.35
CA PHE A 46 -42.41 -14.70 -17.50
C PHE A 46 -43.13 -15.97 -17.18
N VAL A 47 -43.72 -16.56 -18.21
CA VAL A 47 -44.50 -17.80 -18.19
C VAL A 47 -44.05 -18.64 -19.41
N LYS A 48 -44.11 -19.98 -19.30
CA LYS A 48 -43.81 -20.88 -20.42
C LYS A 48 -44.98 -20.81 -21.41
N ALA A 49 -44.70 -21.11 -22.69
CA ALA A 49 -45.74 -21.10 -23.74
C ALA A 49 -45.36 -22.01 -24.93
N THR A 50 -46.36 -22.40 -25.69
CA THR A 50 -46.19 -23.16 -26.92
C THR A 50 -46.62 -22.27 -28.06
N ILE A 51 -45.69 -21.99 -29.00
CA ILE A 51 -45.97 -21.21 -30.22
C ILE A 51 -47.01 -21.98 -31.03
N LEU A 52 -48.10 -21.32 -31.39
CA LEU A 52 -49.17 -21.86 -32.20
C LEU A 52 -49.01 -21.41 -33.64
N SER A 53 -48.59 -20.16 -33.87
CA SER A 53 -48.37 -19.55 -35.19
C SER A 53 -47.47 -18.29 -35.14
N ARG A 54 -46.93 -17.90 -36.32
CA ARG A 54 -46.08 -16.73 -36.56
C ARG A 54 -46.62 -15.96 -37.76
N GLU A 55 -46.85 -14.64 -37.61
CA GLU A 55 -47.39 -13.76 -38.66
C GLU A 55 -47.09 -12.29 -38.34
N GLY A 56 -46.75 -11.49 -39.37
CA GLY A 56 -46.47 -10.06 -39.27
C GLY A 56 -45.61 -9.53 -38.13
N GLY A 57 -44.58 -10.29 -37.76
CA GLY A 57 -43.66 -9.94 -36.67
C GLY A 57 -44.20 -10.26 -35.29
N LYS A 58 -45.29 -11.05 -35.29
CA LYS A 58 -46.02 -11.48 -34.10
C LYS A 58 -46.17 -12.99 -33.98
N VAL A 59 -46.07 -13.47 -32.72
CA VAL A 59 -46.21 -14.86 -32.34
C VAL A 59 -47.51 -15.09 -31.53
N THR A 60 -48.32 -16.09 -31.93
CA THR A 60 -49.52 -16.52 -31.19
C THR A 60 -49.11 -17.75 -30.38
N ALA A 61 -49.30 -17.73 -29.05
CA ALA A 61 -48.89 -18.82 -28.15
C ALA A 61 -49.90 -19.16 -27.05
N GLU A 62 -49.90 -20.43 -26.59
CA GLU A 62 -50.73 -20.89 -25.46
C GLU A 62 -49.80 -21.04 -24.24
N THR A 63 -50.08 -20.34 -23.13
CA THR A 63 -49.15 -20.15 -22.01
C THR A 63 -49.05 -21.22 -20.88
N GLU A 64 -49.33 -22.50 -21.10
CA GLU A 64 -49.10 -23.51 -20.02
C GLU A 64 -49.89 -23.24 -18.71
N HIS A 65 -50.81 -22.26 -18.77
CA HIS A 65 -51.80 -21.87 -17.78
C HIS A 65 -53.13 -21.86 -18.56
N GLY A 66 -53.02 -22.02 -19.88
CA GLY A 66 -54.12 -22.08 -20.82
C GLY A 66 -54.42 -20.80 -21.58
N LYS A 67 -53.78 -19.68 -21.20
CA LYS A 67 -54.00 -18.37 -21.86
C LYS A 67 -53.48 -18.33 -23.30
N THR A 68 -54.27 -17.81 -24.23
CA THR A 68 -53.86 -17.65 -25.62
C THR A 68 -53.46 -16.21 -25.79
N VAL A 69 -52.19 -16.02 -26.09
CA VAL A 69 -51.53 -14.74 -26.18
C VAL A 69 -50.93 -14.45 -27.58
N THR A 70 -50.84 -13.17 -27.94
CA THR A 70 -50.18 -12.69 -29.14
C THR A 70 -49.17 -11.67 -28.67
N VAL A 71 -47.88 -11.93 -28.94
CA VAL A 71 -46.79 -11.04 -28.53
C VAL A 71 -45.85 -10.79 -29.71
N LYS A 72 -45.06 -9.70 -29.66
CA LYS A 72 -44.08 -9.37 -30.70
C LYS A 72 -42.90 -10.37 -30.61
N GLU A 73 -42.28 -10.71 -31.78
CA GLU A 73 -41.15 -11.63 -31.96
C GLU A 73 -40.02 -11.42 -30.93
N ASP A 74 -39.65 -10.13 -30.70
CA ASP A 74 -38.60 -9.66 -29.79
C ASP A 74 -38.89 -9.93 -28.31
N GLN A 75 -40.13 -10.34 -28.00
CA GLN A 75 -40.54 -10.63 -26.62
C GLN A 75 -40.49 -12.10 -26.28
N VAL A 76 -40.42 -12.96 -27.28
CA VAL A 76 -40.39 -14.43 -27.16
C VAL A 76 -38.94 -14.95 -26.98
N LEU A 77 -38.65 -15.58 -25.83
CA LEU A 77 -37.33 -16.14 -25.51
C LEU A 77 -37.40 -17.67 -25.52
N GLN A 78 -36.36 -18.33 -26.08
CA GLN A 78 -36.32 -19.79 -26.22
C GLN A 78 -36.12 -20.58 -24.93
N GLN A 79 -36.88 -21.66 -24.77
CA GLN A 79 -36.70 -22.58 -23.64
C GLN A 79 -35.49 -23.47 -23.94
N ASN A 80 -34.68 -23.73 -22.92
CA ASN A 80 -33.53 -24.62 -23.07
C ASN A 80 -34.05 -26.08 -23.16
N PRO A 81 -33.34 -26.98 -23.91
CA PRO A 81 -33.76 -28.39 -24.00
C PRO A 81 -33.86 -29.11 -22.66
N PRO A 82 -34.63 -30.23 -22.55
CA PRO A 82 -34.73 -30.97 -21.28
C PRO A 82 -33.40 -31.44 -20.67
N LYS A 83 -32.32 -31.54 -21.48
CA LYS A 83 -31.02 -31.98 -20.96
C LYS A 83 -30.38 -30.94 -20.03
N PHE A 84 -30.81 -29.67 -20.15
CA PHE A 84 -30.35 -28.56 -19.34
C PHE A 84 -31.25 -28.33 -18.13
N ASP A 85 -32.19 -29.24 -17.86
CA ASP A 85 -33.09 -29.14 -16.72
C ASP A 85 -32.31 -29.27 -15.44
N LYS A 86 -32.57 -28.34 -14.47
CA LYS A 86 -31.93 -28.30 -13.14
C LYS A 86 -30.38 -28.34 -13.23
N ILE A 87 -29.82 -27.75 -14.33
CA ILE A 87 -28.40 -27.68 -14.56
C ILE A 87 -27.71 -27.00 -13.36
N GLU A 88 -26.56 -27.55 -12.96
CA GLU A 88 -25.77 -27.09 -11.82
C GLU A 88 -25.06 -25.75 -12.05
N ASP A 89 -24.62 -25.47 -13.30
CA ASP A 89 -23.99 -24.20 -13.67
C ASP A 89 -24.73 -23.59 -14.86
N MET A 90 -25.45 -22.46 -14.62
CA MET A 90 -26.26 -21.78 -15.62
C MET A 90 -25.42 -21.11 -16.74
N ALA A 91 -24.07 -21.12 -16.63
CA ALA A 91 -23.22 -20.59 -17.70
C ALA A 91 -23.16 -21.58 -18.89
N MET A 92 -23.60 -22.83 -18.67
CA MET A 92 -23.65 -23.92 -19.63
C MET A 92 -24.95 -23.98 -20.46
N LEU A 93 -25.94 -23.11 -20.13
CA LEU A 93 -27.22 -23.08 -20.86
C LEU A 93 -27.04 -22.62 -22.30
N THR A 94 -27.77 -23.23 -23.26
CA THR A 94 -27.65 -22.82 -24.66
C THR A 94 -28.22 -21.40 -24.85
N PHE A 95 -29.37 -21.11 -24.20
CA PHE A 95 -30.01 -19.82 -24.23
C PHE A 95 -29.94 -19.16 -22.83
N LEU A 96 -29.29 -18.00 -22.78
CA LEU A 96 -29.16 -17.27 -21.53
C LEU A 96 -29.98 -15.99 -21.59
N HIS A 97 -30.99 -15.96 -20.76
CA HIS A 97 -31.93 -14.85 -20.59
C HIS A 97 -32.58 -14.99 -19.22
N GLU A 98 -33.24 -13.93 -18.79
CA GLU A 98 -33.95 -13.83 -17.51
C GLU A 98 -34.84 -15.06 -17.19
N PRO A 99 -35.84 -15.46 -18.03
CA PRO A 99 -36.64 -16.64 -17.67
C PRO A 99 -35.90 -17.97 -17.66
N ALA A 100 -34.83 -18.13 -18.47
CA ALA A 100 -33.98 -19.36 -18.47
C ALA A 100 -33.36 -19.55 -17.10
N VAL A 101 -32.79 -18.45 -16.53
CA VAL A 101 -32.18 -18.37 -15.19
C VAL A 101 -33.24 -18.58 -14.09
N LEU A 102 -34.31 -17.77 -14.11
CA LEU A 102 -35.42 -17.84 -13.16
C LEU A 102 -36.05 -19.25 -13.09
N TYR A 103 -36.33 -19.85 -14.24
CA TYR A 103 -36.95 -21.17 -14.25
C TYR A 103 -35.98 -22.30 -13.84
N ASN A 104 -34.66 -22.19 -14.19
CA ASN A 104 -33.66 -23.18 -13.77
C ASN A 104 -33.56 -23.19 -12.24
N LEU A 105 -33.56 -21.99 -11.62
CA LEU A 105 -33.50 -21.80 -10.18
C LEU A 105 -34.77 -22.32 -9.50
N LYS A 106 -35.95 -22.02 -10.06
CA LYS A 106 -37.27 -22.44 -9.58
C LYS A 106 -37.41 -23.96 -9.58
N GLU A 107 -36.96 -24.62 -10.66
CA GLU A 107 -36.99 -26.08 -10.84
C GLU A 107 -36.03 -26.79 -9.90
N ARG A 108 -34.84 -26.21 -9.65
CA ARG A 108 -33.87 -26.74 -8.69
C ARG A 108 -34.44 -26.58 -7.29
N TYR A 109 -35.00 -25.39 -6.97
CA TYR A 109 -35.62 -25.07 -5.67
C TYR A 109 -36.79 -25.98 -5.34
N ALA A 110 -37.60 -26.34 -6.36
CA ALA A 110 -38.74 -27.26 -6.22
C ALA A 110 -38.26 -28.68 -5.81
N SER A 111 -36.99 -29.02 -6.09
CA SER A 111 -36.36 -30.30 -5.74
C SER A 111 -35.44 -30.12 -4.51
N TRP A 112 -35.57 -28.96 -3.83
CA TRP A 112 -34.81 -28.58 -2.64
C TRP A 112 -33.31 -28.55 -2.92
N MET A 113 -32.96 -28.10 -4.14
CA MET A 113 -31.61 -27.96 -4.65
C MET A 113 -31.42 -26.47 -4.59
N ILE A 114 -30.98 -25.98 -3.39
CA ILE A 114 -30.90 -24.56 -3.01
C ILE A 114 -29.64 -23.82 -3.47
N TYR A 115 -28.60 -24.53 -3.98
CA TYR A 115 -27.41 -23.84 -4.51
C TYR A 115 -27.36 -24.05 -6.02
N THR A 116 -26.94 -23.05 -6.80
CA THR A 116 -26.79 -23.14 -8.26
C THR A 116 -25.64 -22.24 -8.68
N TYR A 117 -24.73 -22.74 -9.52
CA TYR A 117 -23.63 -21.94 -10.02
C TYR A 117 -24.14 -21.10 -11.16
N SER A 118 -23.60 -19.90 -11.26
CA SER A 118 -23.92 -18.88 -12.24
C SER A 118 -22.59 -18.34 -12.68
N GLY A 119 -21.90 -19.09 -13.55
CA GLY A 119 -20.57 -18.72 -13.98
C GLY A 119 -19.60 -18.97 -12.86
N LEU A 120 -18.77 -17.99 -12.51
CA LEU A 120 -17.77 -18.18 -11.45
C LEU A 120 -18.26 -17.86 -10.02
N PHE A 121 -19.58 -17.65 -9.84
CA PHE A 121 -20.18 -17.37 -8.55
C PHE A 121 -21.40 -18.28 -8.31
N CYS A 122 -21.98 -18.25 -7.13
CA CYS A 122 -23.05 -19.14 -6.69
C CYS A 122 -24.25 -18.35 -6.26
N VAL A 123 -25.42 -18.89 -6.54
CA VAL A 123 -26.71 -18.32 -6.15
C VAL A 123 -27.38 -19.32 -5.18
N THR A 124 -27.94 -18.83 -4.06
CA THR A 124 -28.65 -19.71 -3.15
C THR A 124 -30.02 -19.12 -2.83
N ILE A 125 -31.05 -19.97 -2.75
CA ILE A 125 -32.41 -19.55 -2.45
C ILE A 125 -32.80 -20.11 -1.09
N ASN A 126 -33.17 -19.22 -0.15
CA ASN A 126 -33.57 -19.59 1.21
C ASN A 126 -34.68 -20.68 1.24
N PRO A 127 -34.39 -21.91 1.73
CA PRO A 127 -35.44 -22.96 1.76
C PRO A 127 -36.49 -22.76 2.86
N TYR A 128 -36.19 -21.96 3.92
CA TYR A 128 -37.09 -21.76 5.07
C TYR A 128 -37.47 -23.08 5.78
N TRP A 130 -35.10 -26.94 7.42
CA TRP A 130 -33.88 -27.75 7.54
C TRP A 130 -33.84 -28.76 6.40
N LEU A 131 -32.69 -28.90 5.75
CA LEU A 131 -32.47 -29.88 4.67
C LEU A 131 -31.31 -30.80 5.05
N PRO A 132 -31.28 -32.09 4.58
CA PRO A 132 -30.18 -33.00 5.01
C PRO A 132 -28.91 -32.88 4.17
N VAL A 133 -28.53 -31.67 3.84
CA VAL A 133 -27.41 -31.38 2.95
C VAL A 133 -26.14 -30.90 3.67
N TYR A 134 -26.18 -30.74 5.01
CA TYR A 134 -25.07 -30.17 5.77
C TYR A 134 -24.44 -31.08 6.84
N ASN A 135 -24.68 -32.41 6.81
CA ASN A 135 -24.10 -33.33 7.80
C ASN A 135 -22.60 -33.57 7.55
N ALA A 136 -21.91 -34.20 8.54
CA ALA A 136 -20.48 -34.54 8.51
C ALA A 136 -20.06 -35.45 7.36
N GLU A 137 -20.97 -36.28 6.82
CA GLU A 137 -20.68 -37.16 5.68
C GLU A 137 -20.57 -36.30 4.42
N VAL A 138 -21.42 -35.27 4.37
CA VAL A 138 -21.45 -34.32 3.26
C VAL A 138 -20.19 -33.48 3.30
N VAL A 139 -19.77 -32.99 4.49
CA VAL A 139 -18.56 -32.17 4.58
C VAL A 139 -17.33 -32.98 4.17
N ALA A 140 -17.20 -34.22 4.65
CA ALA A 140 -16.09 -35.08 4.31
C ALA A 140 -16.00 -35.36 2.80
N ALA A 141 -17.13 -35.58 2.14
CA ALA A 141 -17.17 -35.88 0.72
C ALA A 141 -16.75 -34.69 -0.19
N TYR A 142 -16.93 -33.44 0.26
CA TYR A 142 -16.57 -32.23 -0.49
C TYR A 142 -15.09 -31.93 -0.46
N ARG A 143 -14.37 -32.44 0.55
CA ARG A 143 -12.94 -32.22 0.79
C ARG A 143 -12.11 -32.59 -0.44
N GLY A 144 -11.48 -31.56 -1.01
CA GLY A 144 -10.58 -31.67 -2.16
C GLY A 144 -11.25 -31.76 -3.52
N LYS A 145 -12.59 -31.76 -3.56
CA LYS A 145 -13.35 -31.86 -4.81
C LYS A 145 -13.26 -30.56 -5.60
N LYS A 146 -13.14 -30.68 -6.93
CA LYS A 146 -13.16 -29.56 -7.85
C LYS A 146 -14.64 -29.19 -7.97
N ARG A 147 -14.92 -27.91 -8.19
CA ARG A 147 -16.26 -27.37 -8.27
C ARG A 147 -17.28 -28.18 -9.11
N SER A 148 -16.84 -28.66 -10.28
CA SER A 148 -17.64 -29.43 -11.24
C SER A 148 -17.85 -30.93 -10.85
N GLU A 149 -16.97 -31.49 -9.99
CA GLU A 149 -17.09 -32.91 -9.63
C GLU A 149 -17.95 -33.14 -8.35
N ALA A 150 -18.75 -32.11 -7.96
CA ALA A 150 -19.66 -32.20 -6.83
C ALA A 150 -20.85 -31.28 -7.05
N PRO A 151 -22.05 -31.54 -6.46
CA PRO A 151 -23.19 -30.60 -6.65
C PRO A 151 -22.92 -29.20 -6.10
N PRO A 152 -23.58 -28.12 -6.61
CA PRO A 152 -23.35 -26.77 -6.04
C PRO A 152 -23.65 -26.77 -4.55
N HIS A 153 -22.71 -26.21 -3.76
CA HIS A 153 -22.83 -26.16 -2.31
C HIS A 153 -21.91 -25.11 -1.72
N ILE A 154 -22.27 -24.62 -0.54
CA ILE A 154 -21.47 -23.69 0.27
C ILE A 154 -20.15 -24.35 0.71
N PHE A 155 -20.15 -25.70 0.88
CA PHE A 155 -18.98 -26.51 1.24
C PHE A 155 -17.96 -26.53 0.14
N SER A 156 -18.44 -26.49 -1.12
CA SER A 156 -17.59 -26.46 -2.30
C SER A 156 -16.95 -25.09 -2.45
N ILE A 157 -17.71 -24.01 -2.16
CA ILE A 157 -17.21 -22.65 -2.19
C ILE A 157 -16.05 -22.60 -1.15
N SER A 158 -16.29 -23.13 0.08
CA SER A 158 -15.34 -23.15 1.18
C SER A 158 -14.10 -23.95 0.80
N ASP A 159 -14.28 -25.20 0.27
CA ASP A 159 -13.14 -26.03 -0.13
C ASP A 159 -12.30 -25.45 -1.26
N ASN A 160 -12.95 -24.85 -2.27
CA ASN A 160 -12.25 -24.28 -3.42
C ASN A 160 -11.45 -23.02 -3.02
N ALA A 161 -11.95 -22.23 -2.04
CA ALA A 161 -11.22 -21.08 -1.51
C ALA A 161 -9.98 -21.61 -0.77
N TYR A 162 -10.10 -22.77 -0.07
CA TYR A 162 -9.00 -23.42 0.65
C TYR A 162 -7.92 -23.91 -0.32
N GLN A 163 -8.31 -24.52 -1.46
CA GLN A 163 -7.41 -25.03 -2.49
C GLN A 163 -6.65 -23.90 -3.15
N TYR A 164 -7.32 -22.77 -3.45
CA TYR A 164 -6.70 -21.55 -4.04
C TYR A 164 -5.73 -20.95 -3.05
N MET A 165 -6.09 -20.92 -1.75
CA MET A 165 -5.22 -20.39 -0.68
C MET A 165 -3.88 -21.13 -0.66
N LEU A 166 -3.88 -22.47 -0.67
CA LEU A 166 -2.65 -23.27 -0.69
C LEU A 166 -1.94 -23.28 -2.04
N THR A 167 -2.68 -23.28 -3.15
CA THR A 167 -2.06 -23.27 -4.50
C THR A 167 -1.40 -21.91 -4.82
N ASP A 168 -2.09 -20.80 -4.55
CA ASP A 168 -1.64 -19.46 -4.90
C ASP A 168 -0.91 -18.76 -3.79
N ARG A 169 -0.95 -19.32 -2.57
CA ARG A 169 -0.34 -18.76 -1.36
C ARG A 169 -0.85 -17.34 -1.12
N GLU A 170 -2.20 -17.19 -1.13
CA GLU A 170 -2.86 -15.91 -0.91
C GLU A 170 -4.16 -16.01 -0.13
N ASN A 171 -4.52 -14.90 0.56
CA ASN A 171 -5.71 -14.81 1.40
C ASN A 171 -6.97 -14.83 0.56
N GLN A 172 -8.03 -15.40 1.09
CA GLN A 172 -9.27 -15.53 0.36
C GLN A 172 -10.37 -14.86 1.11
N SER A 173 -11.43 -14.49 0.40
CA SER A 173 -12.61 -13.90 1.02
C SER A 173 -13.86 -14.54 0.44
N ILE A 174 -14.84 -14.85 1.28
CA ILE A 174 -16.14 -15.40 0.92
C ILE A 174 -17.14 -14.29 1.23
N LEU A 175 -17.68 -13.67 0.18
CA LEU A 175 -18.53 -12.52 0.27
C LEU A 175 -19.94 -12.90 -0.03
N ILE A 176 -20.74 -12.99 1.05
CA ILE A 176 -22.13 -13.46 1.03
C ILE A 176 -23.10 -12.30 1.02
N THR A 177 -23.72 -12.04 -0.15
CA THR A 177 -24.65 -10.93 -0.34
C THR A 177 -26.12 -11.37 -0.16
N GLY A 178 -27.01 -10.41 0.00
CA GLY A 178 -28.44 -10.65 0.15
C GLY A 178 -29.19 -9.63 1.01
N GLU A 179 -30.49 -9.52 0.80
CA GLU A 179 -31.37 -8.64 1.57
C GLU A 179 -31.55 -9.28 2.96
N SER A 180 -32.13 -8.53 3.92
CA SER A 180 -32.46 -9.06 5.24
C SER A 180 -33.33 -10.32 5.07
N GLY A 181 -32.86 -11.44 5.61
CA GLY A 181 -33.56 -12.73 5.61
C GLY A 181 -33.17 -13.71 4.54
N ALA A 182 -32.32 -13.29 3.59
CA ALA A 182 -31.89 -14.12 2.46
C ALA A 182 -31.06 -15.36 2.80
N GLY A 183 -30.31 -15.31 3.91
CA GLY A 183 -29.54 -16.48 4.37
C GLY A 183 -28.04 -16.31 4.51
N LYS A 184 -27.59 -15.07 4.64
CA LYS A 184 -26.16 -14.72 4.76
C LYS A 184 -25.52 -15.32 6.01
N THR A 185 -26.16 -15.13 7.17
CA THR A 185 -25.70 -15.64 8.45
C THR A 185 -25.67 -17.16 8.46
N VAL A 186 -26.73 -17.81 7.90
CA VAL A 186 -26.80 -19.28 7.79
C VAL A 186 -25.62 -19.77 6.98
N ASN A 187 -25.36 -19.14 5.81
CA ASN A 187 -24.25 -19.56 4.94
C ASN A 187 -22.90 -19.28 5.54
N THR A 188 -22.75 -18.18 6.30
CA THR A 188 -21.52 -17.82 7.01
C THR A 188 -21.19 -18.94 7.99
N LYS A 189 -22.20 -19.39 8.81
CA LYS A 189 -22.10 -20.45 9.82
C LYS A 189 -21.82 -21.80 9.20
N ARG A 190 -22.23 -22.03 7.95
CA ARG A 190 -21.97 -23.27 7.22
C ARG A 190 -20.53 -23.32 6.68
N VAL A 191 -19.95 -22.16 6.33
CA VAL A 191 -18.56 -22.05 5.90
C VAL A 191 -17.68 -22.36 7.14
N ILE A 192 -17.99 -21.76 8.31
CA ILE A 192 -17.27 -22.03 9.57
C ILE A 192 -17.37 -23.53 9.93
N GLN A 193 -18.60 -24.09 9.92
CA GLN A 193 -18.88 -25.48 10.22
C GLN A 193 -18.01 -26.38 9.36
N TYR A 194 -17.86 -26.05 8.04
CA TYR A 194 -17.05 -26.83 7.11
C TYR A 194 -15.62 -26.97 7.60
N PHE A 195 -14.92 -25.85 7.86
CA PHE A 195 -13.52 -25.89 8.30
C PHE A 195 -13.33 -26.50 9.69
N ALA A 196 -14.27 -26.29 10.62
CA ALA A 196 -14.21 -26.91 11.95
C ALA A 196 -14.37 -28.44 11.92
N VAL A 197 -15.27 -28.93 11.08
CA VAL A 197 -15.52 -30.36 10.97
C VAL A 197 -14.33 -31.00 10.25
N ILE A 198 -13.79 -30.33 9.19
CA ILE A 198 -12.60 -30.82 8.45
C ILE A 198 -11.42 -30.94 9.41
N ALA A 199 -11.18 -29.90 10.22
CA ALA A 199 -10.11 -29.88 11.22
C ALA A 199 -10.25 -30.98 12.28
N ALA A 200 -11.49 -31.29 12.69
CA ALA A 200 -11.82 -32.34 13.67
C ALA A 200 -11.41 -33.74 13.16
N ILE A 201 -11.55 -33.96 11.84
CA ILE A 201 -11.19 -35.20 11.16
C ILE A 201 -9.66 -35.27 11.03
N THR A 211 -8.02 -21.46 24.25
CA THR A 211 -7.85 -21.36 25.70
C THR A 211 -9.21 -21.25 26.43
N GLY A 212 -10.02 -22.31 26.31
CA GLY A 212 -11.34 -22.44 26.92
C GLY A 212 -11.68 -23.86 27.33
N LYS A 213 -12.99 -24.21 27.34
CA LYS A 213 -13.48 -25.54 27.70
C LYS A 213 -13.18 -26.57 26.61
N GLY A 214 -13.62 -26.28 25.38
CA GLY A 214 -13.48 -27.12 24.19
C GLY A 214 -12.34 -26.75 23.26
N THR A 215 -12.13 -27.58 22.20
CA THR A 215 -11.07 -27.40 21.18
C THR A 215 -11.36 -26.14 20.33
N LEU A 216 -10.41 -25.73 19.45
CA LEU A 216 -10.61 -24.55 18.61
C LEU A 216 -11.85 -24.72 17.71
N GLU A 217 -12.01 -25.91 17.14
CA GLU A 217 -13.14 -26.31 16.31
C GLU A 217 -14.48 -26.16 17.04
N ASP A 218 -14.54 -26.60 18.31
CA ASP A 218 -15.75 -26.50 19.14
C ASP A 218 -16.06 -25.06 19.51
N GLN A 219 -15.00 -24.26 19.75
CA GLN A 219 -15.17 -22.85 20.11
C GLN A 219 -15.59 -21.97 18.94
N ILE A 220 -15.12 -22.24 17.69
CA ILE A 220 -15.44 -21.45 16.49
C ILE A 220 -16.97 -21.57 16.16
N ILE A 221 -17.52 -22.76 16.40
CA ILE A 221 -18.92 -23.11 16.20
C ILE A 221 -19.80 -22.40 17.23
N GLN A 222 -19.30 -22.24 18.47
CA GLN A 222 -20.04 -21.61 19.56
C GLN A 222 -19.96 -20.09 19.60
N ALA A 223 -19.07 -19.45 18.81
CA ALA A 223 -18.93 -17.99 18.80
C ALA A 223 -20.21 -17.27 18.35
N ASN A 224 -20.84 -17.79 17.29
CA ASN A 224 -22.07 -17.23 16.72
C ASN A 224 -23.28 -17.37 17.67
N PRO A 225 -23.63 -18.54 18.29
CA PRO A 225 -24.75 -18.53 19.29
C PRO A 225 -24.65 -17.45 20.37
N ALA A 226 -23.42 -17.18 20.85
CA ALA A 226 -23.08 -16.19 21.89
C ALA A 226 -23.28 -14.77 21.38
N LEU A 227 -22.75 -14.46 20.18
CA LEU A 227 -22.89 -13.14 19.58
C LEU A 227 -24.33 -12.84 19.19
N GLU A 228 -25.06 -13.85 18.74
CA GLU A 228 -26.45 -13.74 18.29
C GLU A 228 -27.47 -13.44 19.38
N ALA A 229 -27.26 -13.91 20.62
CA ALA A 229 -28.17 -13.62 21.73
C ALA A 229 -28.13 -12.11 22.07
N PHE A 230 -26.96 -11.46 21.89
CA PHE A 230 -26.73 -10.06 22.20
C PHE A 230 -26.78 -9.11 20.98
N GLY A 231 -26.48 -9.60 19.78
CA GLY A 231 -26.39 -8.80 18.56
C GLY A 231 -27.43 -9.06 17.50
N ASN A 232 -28.31 -10.05 17.71
CA ASN A 232 -29.39 -10.38 16.77
C ASN A 232 -30.75 -10.09 17.41
N ALA A 233 -31.77 -9.87 16.57
CA ALA A 233 -33.12 -9.57 17.00
C ALA A 233 -34.16 -9.81 15.91
N LYS A 234 -35.41 -9.92 16.34
CA LYS A 234 -36.55 -10.08 15.45
C LYS A 234 -36.94 -8.73 14.86
N THR A 235 -36.94 -8.65 13.53
CA THR A 235 -37.43 -7.50 12.76
C THR A 235 -38.57 -8.09 11.91
N VAL A 236 -39.22 -7.29 11.07
CA VAL A 236 -40.31 -7.84 10.24
C VAL A 236 -39.78 -8.84 9.18
N ARG A 237 -38.61 -8.57 8.58
CA ARG A 237 -38.05 -9.41 7.52
C ARG A 237 -37.35 -10.69 7.99
N ASN A 238 -36.77 -10.66 9.20
CA ASN A 238 -36.04 -11.80 9.75
C ASN A 238 -36.24 -11.95 11.24
N ASP A 239 -36.61 -13.15 11.69
CA ASP A 239 -36.80 -13.46 13.12
C ASP A 239 -35.48 -13.44 13.89
N ASN A 240 -34.37 -13.60 13.15
CA ASN A 240 -33.04 -13.60 13.71
C ASN A 240 -32.15 -12.65 12.89
N SER A 241 -32.60 -11.39 12.75
CA SER A 241 -31.84 -10.41 11.99
C SER A 241 -30.51 -10.06 12.68
N SER A 242 -29.40 -9.98 11.92
CA SER A 242 -28.08 -9.55 12.43
C SER A 242 -28.12 -8.02 12.53
N ARG A 243 -27.90 -7.51 13.74
CA ARG A 243 -27.91 -6.08 14.03
C ARG A 243 -26.51 -5.52 14.16
N PHE A 244 -25.57 -6.20 13.50
CA PHE A 244 -24.14 -5.87 13.39
C PHE A 244 -23.61 -6.57 12.13
N GLY A 245 -22.60 -6.00 11.51
CA GLY A 245 -21.93 -6.66 10.40
C GLY A 245 -20.73 -7.37 10.99
N LYS A 246 -20.18 -8.35 10.29
CA LYS A 246 -19.00 -9.07 10.80
C LYS A 246 -18.14 -9.61 9.68
N PHE A 247 -16.83 -9.68 9.96
CA PHE A 247 -15.82 -10.27 9.10
C PHE A 247 -15.05 -11.24 9.96
N ILE A 248 -15.19 -12.55 9.63
CA ILE A 248 -14.54 -13.65 10.36
C ILE A 248 -13.38 -14.15 9.55
N ARG A 249 -12.17 -14.06 10.12
CA ARG A 249 -10.97 -14.57 9.48
C ARG A 249 -10.65 -15.93 10.05
N ILE A 250 -10.52 -16.93 9.18
CA ILE A 250 -10.17 -18.29 9.58
C ILE A 250 -8.73 -18.48 9.14
N HIS A 251 -7.82 -18.57 10.13
CA HIS A 251 -6.40 -18.66 9.89
C HIS A 251 -5.89 -20.07 9.72
N PHE A 252 -4.91 -20.24 8.80
CA PHE A 252 -4.30 -21.53 8.48
C PHE A 252 -2.80 -21.39 8.40
N GLY A 253 -2.10 -22.45 8.80
CA GLY A 253 -0.64 -22.51 8.73
C GLY A 253 -0.20 -22.74 7.29
N ALA A 254 1.12 -22.66 7.05
CA ALA A 254 1.76 -22.83 5.72
C ALA A 254 1.37 -24.09 4.98
N THR A 255 1.06 -25.16 5.73
CA THR A 255 0.72 -26.50 5.26
C THR A 255 -0.83 -26.70 5.14
N GLY A 256 -1.59 -25.71 5.58
CA GLY A 256 -3.05 -25.69 5.55
C GLY A 256 -3.81 -26.18 6.78
N LYS A 257 -3.11 -26.37 7.93
CA LYS A 257 -3.80 -26.81 9.15
C LYS A 257 -4.46 -25.62 9.85
N LEU A 258 -5.72 -25.82 10.35
CA LEU A 258 -6.52 -24.80 11.04
C LEU A 258 -5.71 -24.28 12.24
N ALA A 259 -5.29 -23.00 12.17
CA ALA A 259 -4.45 -22.38 13.19
C ALA A 259 -5.19 -21.57 14.21
N SER A 260 -6.12 -20.73 13.77
CA SER A 260 -6.78 -19.75 14.62
C SER A 260 -8.01 -19.17 13.90
N ALA A 261 -8.71 -18.23 14.56
CA ALA A 261 -9.82 -17.45 14.00
C ALA A 261 -9.99 -16.16 14.75
N ASP A 262 -10.50 -15.14 14.10
CA ASP A 262 -10.81 -13.88 14.73
C ASP A 262 -12.05 -13.27 14.10
N ILE A 263 -12.76 -12.44 14.86
CA ILE A 263 -13.98 -11.77 14.45
C ILE A 263 -13.83 -10.27 14.65
N GLU A 264 -14.25 -9.50 13.65
CA GLU A 264 -14.36 -8.06 13.70
C GLU A 264 -15.83 -7.78 13.48
N THR A 265 -16.45 -6.98 14.36
CA THR A 265 -17.85 -6.61 14.25
C THR A 265 -17.99 -5.12 13.93
N TYR A 266 -19.05 -4.74 13.20
CA TYR A 266 -19.28 -3.38 12.79
C TYR A 266 -20.60 -2.85 13.31
N LEU A 267 -20.54 -1.62 13.82
CA LEU A 267 -21.61 -0.79 14.35
C LEU A 267 -22.88 -1.54 14.76
N LEU A 268 -22.87 -2.10 15.99
CA LEU A 268 -24.04 -2.71 16.62
C LEU A 268 -25.11 -1.61 16.71
N GLU A 269 -26.35 -1.97 16.41
CA GLU A 269 -27.49 -1.07 16.45
C GLU A 269 -27.84 -0.82 17.95
N LYS A 270 -27.23 0.21 18.50
CA LYS A 270 -27.36 0.63 19.89
C LYS A 270 -28.76 1.02 20.23
N SER A 271 -29.46 1.74 19.33
CA SER A 271 -30.83 2.24 19.54
C SER A 271 -31.84 1.19 19.97
N ARG A 272 -31.74 -0.06 19.46
CA ARG A 272 -32.63 -1.20 19.75
C ARG A 272 -32.70 -1.54 21.23
N VAL A 273 -31.61 -1.32 21.98
CA VAL A 273 -31.51 -1.62 23.41
C VAL A 273 -32.64 -0.96 24.22
N ILE A 274 -32.98 0.27 23.83
CA ILE A 274 -33.96 1.12 24.52
C ILE A 274 -35.20 1.44 23.69
N PHE A 275 -35.18 1.12 22.38
CA PHE A 275 -36.30 1.46 21.48
C PHE A 275 -36.64 0.36 20.51
N GLN A 276 -37.95 0.15 20.25
CA GLN A 276 -38.42 -0.82 19.26
C GLN A 276 -39.57 -0.23 18.47
N LEU A 277 -39.65 -0.57 17.16
CA LEU A 277 -40.79 -0.23 16.30
C LEU A 277 -41.89 -1.28 16.61
N LYS A 278 -43.12 -1.07 16.12
CA LYS A 278 -44.28 -1.91 16.48
C LYS A 278 -44.12 -3.43 16.26
N ALA A 279 -43.56 -3.85 15.11
CA ALA A 279 -43.43 -5.28 14.79
C ALA A 279 -42.01 -5.86 14.98
N GLU A 280 -41.29 -5.37 15.99
CA GLU A 280 -39.93 -5.86 16.25
C GLU A 280 -39.66 -6.02 17.73
N ARG A 281 -38.60 -6.78 18.04
CA ARG A 281 -38.16 -7.07 19.40
C ARG A 281 -36.81 -6.41 19.68
N ASP A 282 -36.46 -6.34 20.97
CA ASP A 282 -35.14 -5.92 21.43
C ASP A 282 -34.24 -7.16 21.16
N TYR A 283 -32.99 -7.12 21.59
CA TYR A 283 -32.06 -8.24 21.43
C TYR A 283 -32.56 -9.49 22.15
N HIS A 284 -32.35 -10.67 21.54
CA HIS A 284 -32.82 -11.97 22.02
C HIS A 284 -32.61 -12.20 23.51
N ILE A 285 -31.41 -11.88 24.01
CA ILE A 285 -30.95 -12.12 25.41
C ILE A 285 -31.97 -11.72 26.48
N PHE A 286 -32.62 -10.56 26.32
CA PHE A 286 -33.59 -10.06 27.29
C PHE A 286 -34.70 -11.06 27.50
N TYR A 287 -35.25 -11.59 26.39
CA TYR A 287 -36.32 -12.56 26.39
C TYR A 287 -35.85 -13.93 26.80
N GLN A 288 -34.58 -14.28 26.49
CA GLN A 288 -33.94 -15.55 26.88
C GLN A 288 -33.85 -15.62 28.40
N ILE A 289 -33.44 -14.52 29.06
CA ILE A 289 -33.33 -14.43 30.53
C ILE A 289 -34.72 -14.53 31.16
N LEU A 290 -35.69 -13.72 30.66
CA LEU A 290 -37.07 -13.66 31.17
C LEU A 290 -37.87 -14.94 31.02
N SER A 291 -37.45 -15.86 30.13
CA SER A 291 -38.09 -17.16 29.88
C SER A 291 -38.24 -18.01 31.15
N ASN A 292 -37.47 -17.64 32.21
CA ASN A 292 -37.44 -18.30 33.51
C ASN A 292 -36.84 -19.73 33.44
N LYS A 293 -36.18 -20.09 32.30
CA LYS A 293 -35.49 -21.37 32.13
C LYS A 293 -34.34 -21.55 33.14
N LYS A 294 -33.83 -20.43 33.67
CA LYS A 294 -32.82 -20.39 34.72
C LYS A 294 -33.40 -19.47 35.82
N PRO A 295 -34.18 -20.05 36.80
CA PRO A 295 -34.79 -19.20 37.84
C PRO A 295 -33.79 -18.43 38.68
N GLU A 296 -32.57 -18.98 38.84
CA GLU A 296 -31.46 -18.38 39.57
C GLU A 296 -30.99 -17.04 38.94
N LEU A 297 -31.23 -16.86 37.60
CA LEU A 297 -30.91 -15.64 36.88
C LEU A 297 -31.88 -14.52 37.25
N LEU A 298 -33.19 -14.83 37.28
CA LEU A 298 -34.25 -13.88 37.61
C LEU A 298 -34.00 -13.33 39.02
N ASP A 299 -33.67 -14.22 39.98
CA ASP A 299 -33.35 -13.84 41.36
C ASP A 299 -32.13 -12.93 41.45
N MET A 300 -31.02 -13.35 40.80
CA MET A 300 -29.75 -12.62 40.76
C MET A 300 -29.91 -11.20 40.17
N LEU A 301 -30.77 -11.04 39.13
CA LEU A 301 -30.99 -9.77 38.46
C LEU A 301 -32.11 -8.94 39.09
N LEU A 302 -32.80 -9.49 40.14
CA LEU A 302 -33.89 -8.82 40.88
C LEU A 302 -35.06 -8.42 39.96
N ILE A 303 -35.29 -9.24 38.90
CA ILE A 303 -36.31 -9.06 37.87
C ILE A 303 -37.49 -10.02 37.97
N THR A 304 -38.61 -9.64 37.35
CA THR A 304 -39.82 -10.45 37.24
C THR A 304 -39.70 -11.31 35.95
N ASN A 305 -40.68 -12.16 35.68
CA ASN A 305 -40.68 -13.01 34.48
C ASN A 305 -41.37 -12.30 33.27
N ASN A 306 -42.00 -11.12 33.54
CA ASN A 306 -42.74 -10.36 32.55
C ASN A 306 -41.91 -9.26 31.84
N PRO A 307 -41.71 -9.42 30.49
CA PRO A 307 -41.00 -8.38 29.73
C PRO A 307 -41.71 -7.02 29.69
N TYR A 308 -43.07 -7.02 29.86
CA TYR A 308 -43.90 -5.80 29.85
C TYR A 308 -43.70 -4.93 31.10
N ASP A 309 -42.96 -5.44 32.12
CA ASP A 309 -42.61 -4.69 33.32
C ASP A 309 -41.37 -3.81 33.08
N TYR A 310 -40.74 -3.94 31.88
CA TYR A 310 -39.50 -3.27 31.51
C TYR A 310 -39.68 -2.46 30.24
N ALA A 311 -39.73 -1.14 30.40
CA ALA A 311 -39.98 -0.14 29.37
C ALA A 311 -39.05 -0.23 28.16
N PHE A 312 -37.72 -0.38 28.39
CA PHE A 312 -36.69 -0.49 27.37
C PHE A 312 -36.90 -1.61 26.33
N ILE A 313 -37.44 -2.79 26.76
CA ILE A 313 -37.56 -4.01 25.96
C ILE A 313 -38.99 -4.41 25.49
N SER A 314 -40.04 -3.63 25.83
CA SER A 314 -41.39 -4.05 25.47
C SER A 314 -42.24 -2.99 24.70
N GLN A 315 -41.58 -2.24 23.79
CA GLN A 315 -42.23 -1.22 22.95
C GLN A 315 -42.85 -1.81 21.66
N GLY A 316 -42.39 -3.01 21.28
CA GLY A 316 -42.86 -3.73 20.11
C GLY A 316 -43.40 -5.08 20.53
N GLU A 317 -42.85 -6.14 19.95
CA GLU A 317 -43.24 -7.51 20.28
C GLU A 317 -42.28 -8.09 21.33
N THR A 318 -42.74 -9.12 22.10
CA THR A 318 -41.94 -9.78 23.15
C THR A 318 -41.77 -11.29 22.89
N THR A 319 -42.59 -11.86 21.97
CA THR A 319 -42.49 -13.28 21.59
C THR A 319 -42.37 -13.46 20.07
N VAL A 320 -41.70 -14.54 19.66
CA VAL A 320 -41.52 -14.92 18.27
C VAL A 320 -41.89 -16.39 18.20
N ALA A 321 -42.86 -16.73 17.32
CA ALA A 321 -43.36 -18.09 17.14
C ALA A 321 -42.26 -19.09 16.81
N SER A 322 -41.32 -18.70 15.93
CA SER A 322 -40.22 -19.57 15.50
C SER A 322 -39.10 -19.76 16.53
N ILE A 323 -39.10 -18.95 17.64
CA ILE A 323 -38.03 -18.97 18.65
C ILE A 323 -38.49 -19.47 20.02
N ASP A 324 -37.76 -20.44 20.57
CA ASP A 324 -37.98 -20.93 21.92
C ASP A 324 -36.90 -20.26 22.76
N ASP A 325 -37.24 -19.14 23.41
CA ASP A 325 -36.32 -18.34 24.21
C ASP A 325 -35.71 -19.11 25.40
N ALA A 326 -36.43 -20.12 25.94
CA ALA A 326 -36.00 -20.97 27.04
C ALA A 326 -34.84 -21.87 26.59
N GLU A 327 -35.02 -22.55 25.44
CA GLU A 327 -33.96 -23.39 24.89
C GLU A 327 -32.82 -22.53 24.40
N GLU A 328 -33.12 -21.32 23.86
CA GLU A 328 -32.06 -20.43 23.40
C GLU A 328 -31.16 -19.95 24.53
N LEU A 329 -31.73 -19.73 25.75
CA LEU A 329 -30.96 -19.35 26.95
C LEU A 329 -29.89 -20.39 27.27
N MET A 330 -30.27 -21.69 27.18
CA MET A 330 -29.40 -22.84 27.40
C MET A 330 -28.24 -22.84 26.39
N ALA A 331 -28.56 -22.65 25.09
CA ALA A 331 -27.60 -22.59 23.99
C ALA A 331 -26.59 -21.45 24.19
N THR A 332 -27.07 -20.26 24.65
CA THR A 332 -26.24 -19.07 24.94
C THR A 332 -25.30 -19.37 26.09
N ASP A 333 -25.86 -19.86 27.22
CA ASP A 333 -25.11 -20.19 28.42
C ASP A 333 -24.04 -21.23 28.11
N ASN A 334 -24.40 -22.26 27.32
CA ASN A 334 -23.47 -23.31 26.92
C ASN A 334 -22.34 -22.78 26.05
N ALA A 335 -22.67 -21.88 25.09
CA ALA A 335 -21.69 -21.24 24.22
C ALA A 335 -20.62 -20.55 25.04
N PHE A 336 -21.00 -19.79 26.11
CA PHE A 336 -20.05 -19.09 27.00
C PHE A 336 -19.12 -20.08 27.71
N ASP A 337 -19.68 -21.23 28.14
CA ASP A 337 -18.91 -22.31 28.75
C ASP A 337 -17.89 -22.87 27.78
N VAL A 338 -18.33 -23.24 26.55
CA VAL A 338 -17.44 -23.77 25.49
C VAL A 338 -16.34 -22.74 25.11
N LEU A 339 -16.67 -21.44 25.14
CA LEU A 339 -15.71 -20.38 24.86
C LEU A 339 -14.81 -20.03 26.06
N GLY A 340 -14.93 -20.83 27.12
CA GLY A 340 -14.12 -20.66 28.32
C GLY A 340 -14.34 -19.38 29.08
N PHE A 341 -15.60 -18.88 29.13
CA PHE A 341 -15.91 -17.72 29.94
C PHE A 341 -16.04 -18.21 31.37
N THR A 342 -15.57 -17.42 32.34
CA THR A 342 -15.65 -17.82 33.76
C THR A 342 -17.08 -17.57 34.26
N THR A 343 -17.42 -18.08 35.46
CA THR A 343 -18.73 -17.88 36.08
C THR A 343 -18.88 -16.37 36.40
N GLU A 344 -17.78 -15.72 36.84
CA GLU A 344 -17.70 -14.30 37.14
C GLU A 344 -17.98 -13.45 35.87
N GLU A 345 -17.44 -13.85 34.71
CA GLU A 345 -17.62 -13.13 33.44
C GLU A 345 -19.05 -13.29 32.91
N LYS A 346 -19.63 -14.50 33.01
CA LYS A 346 -20.99 -14.80 32.59
C LYS A 346 -22.00 -14.03 33.46
N ASN A 347 -21.86 -14.12 34.82
CA ASN A 347 -22.72 -13.44 35.78
C ASN A 347 -22.70 -11.92 35.64
N SER A 348 -21.53 -11.32 35.29
CA SER A 348 -21.36 -9.88 35.09
C SER A 348 -22.13 -9.42 33.87
N MET A 349 -22.10 -10.23 32.78
CA MET A 349 -22.83 -9.93 31.56
C MET A 349 -24.31 -10.02 31.82
N TYR A 350 -24.72 -11.02 32.62
CA TYR A 350 -26.12 -11.19 33.00
C TYR A 350 -26.58 -10.02 33.89
N LYS A 351 -25.76 -9.68 34.92
CA LYS A 351 -26.04 -8.58 35.84
C LYS A 351 -26.20 -7.25 35.12
N LEU A 352 -25.31 -6.95 34.14
CA LEU A 352 -25.36 -5.72 33.36
C LEU A 352 -26.58 -5.69 32.46
N THR A 353 -27.00 -6.86 31.93
CA THR A 353 -28.20 -6.97 31.09
C THR A 353 -29.45 -6.64 31.95
N GLY A 354 -29.50 -7.18 33.17
CA GLY A 354 -30.54 -6.94 34.14
C GLY A 354 -30.57 -5.50 34.62
N ALA A 355 -29.38 -4.89 34.85
CA ALA A 355 -29.24 -3.50 35.28
C ALA A 355 -29.75 -2.52 34.24
N ILE A 356 -29.57 -2.86 32.93
CA ILE A 356 -30.07 -2.06 31.80
C ILE A 356 -31.61 -2.07 31.84
N MET A 357 -32.20 -3.24 32.19
CA MET A 357 -33.64 -3.42 32.35
C MET A 357 -34.20 -2.48 33.45
N HIS A 358 -33.55 -2.43 34.62
CA HIS A 358 -33.97 -1.56 35.73
C HIS A 358 -33.75 -0.07 35.42
N PHE A 359 -32.65 0.24 34.68
CA PHE A 359 -32.27 1.61 34.28
C PHE A 359 -33.39 2.25 33.50
N GLY A 360 -34.03 1.47 32.63
CA GLY A 360 -35.15 1.92 31.82
C GLY A 360 -36.40 2.21 32.59
N ASN A 361 -36.56 1.59 33.79
CA ASN A 361 -37.71 1.79 34.67
C ASN A 361 -37.55 2.97 35.63
N MET A 362 -36.40 3.66 35.63
CA MET A 362 -36.14 4.82 36.49
C MET A 362 -37.00 6.02 36.07
N LYS A 363 -37.87 6.48 37.01
CA LYS A 363 -38.79 7.60 36.83
C LYS A 363 -38.22 8.89 37.37
N PHE A 364 -38.51 9.99 36.65
CA PHE A 364 -38.10 11.34 37.02
C PHE A 364 -39.32 12.29 36.95
N LYS A 365 -39.35 13.30 37.82
CA LYS A 365 -40.43 14.28 37.90
C LYS A 365 -39.84 15.69 37.99
N LEU A 366 -40.67 16.74 37.81
CA LEU A 366 -40.16 18.10 37.93
C LEU A 366 -40.12 18.56 39.38
N LYS A 367 -38.96 19.13 39.78
CA LYS A 367 -38.67 19.68 41.10
C LYS A 367 -39.61 20.89 41.32
N GLN A 368 -40.47 20.83 42.36
CA GLN A 368 -41.44 21.88 42.74
C GLN A 368 -40.71 23.20 43.09
N ARG A 369 -41.16 24.32 42.49
CA ARG A 369 -40.60 25.66 42.67
C ARG A 369 -41.57 26.59 43.36
N GLU A 371 -36.60 24.80 34.72
CA GLU A 371 -37.15 23.44 34.83
C GLU A 371 -36.06 22.41 35.23
N GLN A 372 -36.16 21.82 36.45
CA GLN A 372 -35.18 20.82 36.92
C GLN A 372 -35.85 19.52 37.32
N ALA A 373 -35.32 18.42 36.80
CA ALA A 373 -35.81 17.06 37.06
C ALA A 373 -35.23 16.50 38.38
N GLU A 374 -36.04 15.68 39.08
CA GLU A 374 -35.65 14.99 40.31
C GLU A 374 -36.19 13.55 40.29
N PRO A 375 -35.54 12.55 40.96
CA PRO A 375 -36.08 11.18 40.90
C PRO A 375 -37.52 11.10 41.42
N ASP A 376 -38.37 10.34 40.70
CA ASP A 376 -39.77 10.07 41.06
C ASP A 376 -39.76 8.61 41.53
N GLY A 377 -39.09 8.37 42.66
CA GLY A 377 -38.88 7.05 43.22
C GLY A 377 -37.43 6.71 43.16
N THR A 378 -36.98 5.71 43.92
CA THR A 378 -35.56 5.39 43.91
C THR A 378 -35.29 3.87 43.81
N GLU A 379 -36.35 3.03 43.94
CA GLU A 379 -36.29 1.57 43.91
C GLU A 379 -35.54 1.03 42.72
N GLU A 380 -35.92 1.48 41.51
CA GLU A 380 -35.33 1.05 40.23
C GLU A 380 -33.90 1.48 40.08
N ALA A 381 -33.50 2.63 40.64
CA ALA A 381 -32.10 3.10 40.62
C ALA A 381 -31.29 2.25 41.58
N ASP A 382 -31.79 2.02 42.80
CA ASP A 382 -31.17 1.19 43.84
C ASP A 382 -30.85 -0.22 43.32
N LYS A 383 -31.82 -0.83 42.59
CA LYS A 383 -31.66 -2.15 41.99
C LYS A 383 -30.51 -2.13 40.95
N SER A 384 -30.58 -1.21 39.94
CA SER A 384 -29.57 -1.05 38.88
C SER A 384 -28.18 -0.64 39.39
N ALA A 385 -28.10 0.17 40.47
CA ALA A 385 -26.83 0.55 41.09
C ALA A 385 -26.17 -0.68 41.75
N TYR A 386 -26.98 -1.52 42.47
CA TYR A 386 -26.56 -2.73 43.17
C TYR A 386 -25.91 -3.70 42.19
N LEU A 387 -26.54 -3.89 41.01
CA LEU A 387 -26.03 -4.79 39.97
C LEU A 387 -24.79 -4.23 39.27
N MET A 388 -24.68 -2.89 39.16
CA MET A 388 -23.60 -2.18 38.47
C MET A 388 -22.45 -1.77 39.39
N GLY A 389 -22.52 -2.16 40.66
CA GLY A 389 -21.51 -1.82 41.66
C GLY A 389 -21.31 -0.33 41.81
N LEU A 390 -22.43 0.43 41.86
CA LEU A 390 -22.42 1.89 41.99
C LEU A 390 -23.24 2.29 43.19
N ASN A 391 -23.15 3.58 43.55
CA ASN A 391 -23.95 4.17 44.62
C ASN A 391 -25.17 4.80 43.94
N SER A 392 -26.38 4.38 44.37
CA SER A 392 -27.67 4.85 43.85
C SER A 392 -27.82 6.39 43.90
N ALA A 393 -27.59 6.98 45.08
CA ALA A 393 -27.68 8.42 45.30
C ALA A 393 -26.69 9.20 44.44
N ASP A 394 -25.51 8.62 44.15
CA ASP A 394 -24.49 9.25 43.28
C ASP A 394 -24.93 9.22 41.81
N LEU A 395 -25.52 8.09 41.37
CA LEU A 395 -26.03 7.88 40.02
C LEU A 395 -27.13 8.87 39.71
N LEU A 396 -28.11 9.00 40.62
CA LEU A 396 -29.26 9.89 40.45
C LEU A 396 -28.84 11.35 40.46
N LYS A 397 -27.87 11.73 41.32
CA LYS A 397 -27.39 13.09 41.34
C LYS A 397 -26.55 13.41 40.09
N GLY A 398 -25.75 12.45 39.59
CA GLY A 398 -24.98 12.58 38.36
C GLY A 398 -25.87 12.71 37.13
N LEU A 399 -27.04 12.05 37.13
CA LEU A 399 -28.02 12.11 36.04
C LEU A 399 -28.73 13.44 36.02
N CYS A 400 -29.20 13.93 37.17
CA CYS A 400 -29.95 15.19 37.22
C CYS A 400 -29.04 16.39 37.15
N HIS A 401 -27.86 16.28 37.75
CA HIS A 401 -26.93 17.38 37.82
C HIS A 401 -25.56 17.04 37.23
N PRO A 402 -25.41 16.98 35.88
CA PRO A 402 -24.07 16.67 35.32
C PRO A 402 -23.09 17.82 35.51
N ARG A 403 -21.81 17.51 35.66
CA ARG A 403 -20.81 18.54 35.87
C ARG A 403 -20.23 19.11 34.60
N VAL A 404 -20.00 20.42 34.61
CA VAL A 404 -19.41 21.18 33.52
C VAL A 404 -18.09 21.72 34.08
N LYS A 405 -16.99 21.46 33.37
CA LYS A 405 -15.66 21.91 33.80
C LYS A 405 -15.46 23.42 33.54
N VAL A 406 -15.11 24.15 34.61
CA VAL A 406 -14.80 25.58 34.62
C VAL A 406 -13.36 25.70 35.21
N GLY A 407 -12.40 25.36 34.37
CA GLY A 407 -10.99 25.31 34.72
C GLY A 407 -10.75 24.12 35.64
N ASN A 408 -10.27 24.40 36.85
CA ASN A 408 -10.06 23.38 37.89
C ASN A 408 -11.20 23.44 38.93
N GLU A 409 -12.38 23.87 38.48
CA GLU A 409 -13.60 24.05 39.25
C GLU A 409 -14.68 23.47 38.38
N TYR A 410 -15.82 23.15 38.95
CA TYR A 410 -16.90 22.62 38.12
C TYR A 410 -18.18 23.30 38.50
N VAL A 411 -19.15 23.27 37.60
CA VAL A 411 -20.48 23.81 37.82
C VAL A 411 -21.48 22.74 37.40
N THR A 412 -22.49 22.52 38.23
CA THR A 412 -23.57 21.59 37.93
C THR A 412 -24.45 22.21 36.82
N LYS A 413 -24.79 21.41 35.83
CA LYS A 413 -25.63 21.80 34.69
C LYS A 413 -27.04 21.34 35.04
N GLY A 414 -28.03 22.14 34.66
CA GLY A 414 -29.43 21.79 34.92
C GLY A 414 -29.97 20.82 33.90
N GLN A 415 -30.89 19.92 34.32
CA GLN A 415 -31.52 18.96 33.41
C GLN A 415 -33.03 18.88 33.64
N ASN A 416 -33.84 18.98 32.56
CA ASN A 416 -35.29 18.78 32.66
C ASN A 416 -35.55 17.28 32.51
N VAL A 417 -36.81 16.81 32.71
CA VAL A 417 -37.14 15.37 32.64
C VAL A 417 -36.74 14.76 31.28
N GLN A 418 -36.99 15.45 30.16
CA GLN A 418 -36.65 15.02 28.78
C GLN A 418 -35.13 14.80 28.66
N GLN A 419 -34.35 15.71 29.24
CA GLN A 419 -32.90 15.61 29.20
C GLN A 419 -32.37 14.41 29.98
N VAL A 420 -32.96 14.11 31.16
CA VAL A 420 -32.58 12.98 32.01
C VAL A 420 -32.94 11.66 31.34
N VAL A 421 -34.19 11.54 30.80
CA VAL A 421 -34.59 10.30 30.15
C VAL A 421 -33.75 10.07 28.87
N TYR A 422 -33.31 11.15 28.17
CA TYR A 422 -32.43 11.00 27.02
C TYR A 422 -31.06 10.47 27.48
N ALA A 423 -30.47 11.09 28.52
CA ALA A 423 -29.16 10.72 29.07
C ALA A 423 -29.17 9.27 29.57
N LYS A 424 -30.22 8.88 30.33
CA LYS A 424 -30.42 7.54 30.89
C LYS A 424 -30.45 6.47 29.79
N GLY A 425 -31.08 6.82 28.66
CA GLY A 425 -31.13 5.98 27.47
C GLY A 425 -29.76 5.84 26.82
N ALA A 426 -29.04 6.96 26.63
CA ALA A 426 -27.70 7.00 26.03
C ALA A 426 -26.68 6.16 26.81
N LEU A 427 -26.74 6.24 28.16
CA LEU A 427 -25.86 5.46 29.02
C LEU A 427 -26.12 3.97 28.90
N ALA A 428 -27.42 3.54 28.93
CA ALA A 428 -27.83 2.13 28.80
C ALA A 428 -27.31 1.54 27.49
N LYS A 429 -27.42 2.30 26.36
CA LYS A 429 -26.94 1.90 25.02
C LYS A 429 -25.43 1.69 25.06
N ALA A 430 -24.68 2.63 25.70
CA ALA A 430 -23.24 2.60 25.82
C ALA A 430 -22.78 1.41 26.61
N VAL A 431 -23.41 1.12 27.77
CA VAL A 431 -22.97 -0.06 28.53
C VAL A 431 -23.25 -1.33 27.73
N TYR A 432 -24.42 -1.42 27.04
CA TYR A 432 -24.76 -2.60 26.22
C TYR A 432 -23.79 -2.83 25.09
N GLU A 433 -23.55 -1.79 24.29
CA GLU A 433 -22.62 -1.84 23.15
C GLU A 433 -21.21 -2.14 23.64
N ARG A 434 -20.80 -1.55 24.79
CA ARG A 434 -19.47 -1.81 25.32
C ARG A 434 -19.33 -3.23 25.79
N MET A 435 -20.40 -3.79 26.38
CA MET A 435 -20.44 -5.19 26.85
C MET A 435 -20.36 -6.15 25.67
N PHE A 436 -21.07 -5.84 24.57
CA PHE A 436 -21.03 -6.60 23.32
C PHE A 436 -19.62 -6.57 22.73
N ASN A 437 -18.97 -5.39 22.70
CA ASN A 437 -17.60 -5.25 22.17
C ASN A 437 -16.60 -6.05 23.04
N TRP A 438 -16.80 -6.01 24.37
CA TRP A 438 -15.99 -6.73 25.33
C TRP A 438 -16.09 -8.23 25.04
N MET A 439 -17.33 -8.74 24.81
CA MET A 439 -17.63 -10.13 24.47
C MET A 439 -16.87 -10.58 23.22
N VAL A 440 -16.92 -9.77 22.14
CA VAL A 440 -16.19 -10.03 20.88
C VAL A 440 -14.68 -10.15 21.15
N THR A 441 -14.11 -9.19 21.93
CA THR A 441 -12.70 -9.19 22.34
C THR A 441 -12.34 -10.48 23.15
N ARG A 442 -13.23 -10.85 24.08
CA ARG A 442 -13.10 -12.05 24.91
C ARG A 442 -13.18 -13.35 24.07
N ILE A 443 -14.06 -13.39 23.06
CA ILE A 443 -14.17 -14.54 22.15
C ILE A 443 -12.86 -14.64 21.34
N ASN A 444 -12.38 -13.51 20.81
CA ASN A 444 -11.12 -13.45 20.05
C ASN A 444 -9.91 -13.99 20.82
N ALA A 445 -9.78 -13.61 22.13
CA ALA A 445 -8.73 -14.08 23.04
C ALA A 445 -8.69 -15.62 23.13
N THR A 446 -9.87 -16.29 23.18
CA THR A 446 -9.97 -17.75 23.28
C THR A 446 -9.68 -18.39 21.92
N LEU A 447 -10.05 -17.71 20.81
CA LEU A 447 -9.83 -18.20 19.44
C LEU A 447 -8.35 -18.11 19.03
N GLU A 448 -7.54 -17.34 19.79
CA GLU A 448 -6.08 -17.20 19.61
C GLU A 448 -5.46 -18.49 20.15
N THR A 449 -4.71 -19.22 19.31
CA THR A 449 -4.02 -20.44 19.75
C THR A 449 -2.47 -20.25 19.68
N LYS A 450 -1.67 -21.30 20.03
CA LYS A 450 -0.22 -21.16 19.87
C LYS A 450 0.24 -21.95 18.62
N GLN A 451 -0.41 -21.63 17.47
CA GLN A 451 -0.16 -22.20 16.15
C GLN A 451 0.10 -21.07 15.16
N PRO A 452 1.25 -21.07 14.43
CA PRO A 452 1.52 -19.98 13.47
C PRO A 452 0.53 -19.92 12.29
N ARG A 453 0.41 -18.73 11.73
CA ARG A 453 -0.52 -18.33 10.66
C ARG A 453 0.19 -17.84 9.42
N GLN A 454 -0.23 -18.31 8.24
CA GLN A 454 0.35 -17.88 6.96
C GLN A 454 -0.70 -17.15 6.14
N TYR A 455 -1.88 -17.75 6.01
CA TYR A 455 -3.02 -17.21 5.24
C TYR A 455 -4.33 -17.38 6.00
N PHE A 456 -5.35 -16.71 5.49
CA PHE A 456 -6.69 -16.82 6.04
C PHE A 456 -7.74 -16.83 4.95
N ILE A 457 -8.93 -17.30 5.32
CA ILE A 457 -10.17 -17.25 4.54
C ILE A 457 -11.10 -16.38 5.37
N GLY A 458 -11.41 -15.22 4.85
CA GLY A 458 -12.27 -14.27 5.55
C GLY A 458 -13.68 -14.35 5.03
N VAL A 459 -14.66 -14.47 5.92
CA VAL A 459 -16.08 -14.58 5.56
C VAL A 459 -16.78 -13.28 6.01
N LEU A 460 -17.40 -12.58 5.07
CA LEU A 460 -18.10 -11.35 5.34
C LEU A 460 -19.60 -11.60 5.40
N ASP A 461 -20.21 -11.18 6.51
CA ASP A 461 -21.63 -11.31 6.79
C ASP A 461 -22.15 -9.94 7.30
N ILE A 462 -22.53 -9.09 6.35
CA ILE A 462 -23.05 -7.75 6.65
C ILE A 462 -24.55 -7.80 7.07
N ALA A 463 -25.09 -6.69 7.58
CA ALA A 463 -26.53 -6.64 7.86
C ALA A 463 -27.11 -6.31 6.47
N GLY A 464 -28.08 -7.11 6.04
CA GLY A 464 -28.67 -7.02 4.71
C GLY A 464 -29.61 -5.87 4.47
N PHE A 465 -29.76 -5.52 3.16
CA PHE A 465 -30.61 -4.46 2.64
C PHE A 465 -32.01 -4.64 3.20
N GLU A 466 -32.59 -3.54 3.72
CA GLU A 466 -33.92 -3.54 4.33
C GLU A 466 -34.64 -2.22 4.15
N ILE A 467 -36.00 -2.30 4.13
CA ILE A 467 -36.89 -1.15 4.04
C ILE A 467 -37.98 -1.33 5.13
N PHE A 468 -38.04 -0.41 6.10
CA PHE A 468 -39.03 -0.44 7.17
C PHE A 468 -40.05 0.63 6.84
N ASP A 469 -41.15 0.74 7.62
CA ASP A 469 -42.13 1.82 7.46
C ASP A 469 -41.45 3.13 7.90
N PHE A 470 -40.53 3.02 8.89
CA PHE A 470 -39.73 4.11 9.45
C PHE A 470 -38.26 3.76 9.21
N ASN A 471 -37.57 4.53 8.33
CA ASN A 471 -36.17 4.34 8.01
C ASN A 471 -35.39 5.49 8.53
N SER A 472 -34.48 5.20 9.46
CA SER A 472 -33.65 6.19 10.09
C SER A 472 -32.17 6.02 9.69
N PHE A 473 -31.27 6.61 10.46
CA PHE A 473 -29.84 6.62 10.25
C PHE A 473 -29.25 5.21 10.13
N GLU A 474 -29.76 4.25 10.93
CA GLU A 474 -29.32 2.86 10.89
C GLU A 474 -29.50 2.26 9.53
N GLN A 475 -30.69 2.48 8.95
CA GLN A 475 -31.08 1.96 7.63
C GLN A 475 -30.18 2.51 6.54
N LEU A 476 -29.81 3.79 6.63
CA LEU A 476 -28.87 4.38 5.67
C LEU A 476 -27.51 3.70 5.78
N CYS A 477 -26.98 3.53 7.00
CA CYS A 477 -25.71 2.87 7.23
C CYS A 477 -25.72 1.44 6.69
N ILE A 478 -26.83 0.68 6.94
CA ILE A 478 -27.00 -0.72 6.51
C ILE A 478 -27.09 -0.79 4.97
N ASN A 479 -27.98 0.01 4.34
CA ASN A 479 -28.19 0.00 2.90
C ASN A 479 -26.99 0.51 2.10
N PHE A 480 -26.24 1.49 2.65
CA PHE A 480 -25.00 1.98 2.05
C PHE A 480 -23.94 0.81 2.00
N THR A 481 -23.82 0.00 3.07
CA THR A 481 -22.93 -1.16 3.10
C THR A 481 -23.26 -2.16 1.98
N ASN A 482 -24.56 -2.39 1.74
CA ASN A 482 -25.05 -3.32 0.72
C ASN A 482 -24.69 -2.82 -0.67
N GLU A 483 -24.80 -1.51 -0.88
CA GLU A 483 -24.50 -0.79 -2.10
C GLU A 483 -23.01 -0.89 -2.40
N LYS A 484 -22.14 -0.73 -1.35
CA LYS A 484 -20.68 -0.84 -1.46
C LYS A 484 -20.26 -2.25 -1.82
N LEU A 485 -20.85 -3.29 -1.16
CA LEU A 485 -20.61 -4.73 -1.42
C LEU A 485 -21.02 -5.17 -2.85
N GLN A 486 -22.16 -4.63 -3.37
CA GLN A 486 -22.59 -4.86 -4.75
C GLN A 486 -21.59 -4.22 -5.70
N GLN A 487 -21.11 -2.97 -5.42
CA GLN A 487 -20.12 -2.30 -6.25
C GLN A 487 -18.78 -3.06 -6.25
N PHE A 488 -18.41 -3.70 -5.11
CA PHE A 488 -17.19 -4.51 -5.04
C PHE A 488 -17.32 -5.67 -6.05
N PHE A 489 -18.53 -6.27 -6.11
CA PHE A 489 -18.85 -7.33 -7.06
C PHE A 489 -18.74 -6.81 -8.50
N ASN A 490 -19.35 -5.64 -8.79
CA ASN A 490 -19.37 -5.04 -10.12
C ASN A 490 -17.95 -4.76 -10.61
N HIS A 491 -17.12 -4.21 -9.73
CA HIS A 491 -15.73 -3.89 -10.06
C HIS A 491 -14.90 -5.14 -10.39
N HIS A 492 -15.04 -6.18 -9.60
CA HIS A 492 -14.32 -7.44 -9.77
C HIS A 492 -14.74 -8.18 -11.05
N MET A 493 -16.07 -8.35 -11.23
CA MET A 493 -16.64 -9.09 -12.35
C MET A 493 -16.59 -8.39 -13.71
N PHE A 494 -16.84 -7.07 -13.73
CA PHE A 494 -16.97 -6.30 -14.98
C PHE A 494 -15.83 -5.34 -15.29
N VAL A 495 -15.17 -4.81 -14.27
CA VAL A 495 -14.11 -3.86 -14.47
C VAL A 495 -12.79 -4.58 -14.54
N LEU A 496 -12.31 -5.11 -13.40
CA LEU A 496 -11.00 -5.79 -13.30
C LEU A 496 -10.84 -6.91 -14.34
N GLU A 497 -11.95 -7.63 -14.68
CA GLU A 497 -11.98 -8.73 -15.65
C GLU A 497 -11.58 -8.28 -17.05
N GLN A 498 -12.26 -7.25 -17.53
CA GLN A 498 -12.00 -6.69 -18.85
C GLN A 498 -10.68 -5.97 -18.90
N GLU A 499 -10.24 -5.37 -17.77
CA GLU A 499 -8.93 -4.72 -17.65
C GLU A 499 -7.80 -5.75 -17.76
N GLU A 500 -8.01 -6.96 -17.20
CA GLU A 500 -7.07 -8.09 -17.27
C GLU A 500 -6.82 -8.49 -18.73
N TYR A 501 -7.90 -8.62 -19.54
CA TYR A 501 -7.82 -8.96 -20.96
C TYR A 501 -7.03 -7.88 -21.71
N LYS A 502 -7.33 -6.60 -21.44
CA LYS A 502 -6.66 -5.44 -22.04
C LYS A 502 -5.16 -5.41 -21.75
N LYS A 503 -4.75 -5.50 -20.46
CA LYS A 503 -3.34 -5.45 -20.07
C LYS A 503 -2.55 -6.65 -20.58
N GLU A 504 -3.21 -7.82 -20.82
CA GLU A 504 -2.55 -9.03 -21.34
C GLU A 504 -2.55 -9.13 -22.89
N GLY A 505 -3.04 -8.09 -23.56
CA GLY A 505 -3.06 -8.00 -25.02
C GLY A 505 -4.05 -8.91 -25.71
N ILE A 506 -5.08 -9.36 -24.98
CA ILE A 506 -6.16 -10.20 -25.52
C ILE A 506 -7.08 -9.26 -26.32
N GLU A 507 -7.38 -9.62 -27.59
CA GLU A 507 -8.29 -8.87 -28.48
C GLU A 507 -9.66 -8.91 -27.82
N TRP A 508 -10.11 -7.75 -27.33
CA TRP A 508 -11.34 -7.61 -26.57
C TRP A 508 -12.04 -6.28 -26.80
N GLU A 509 -13.36 -6.34 -26.96
CA GLU A 509 -14.19 -5.15 -27.09
C GLU A 509 -14.89 -4.98 -25.75
N PHE A 510 -14.59 -3.87 -25.06
CA PHE A 510 -15.16 -3.52 -23.75
C PHE A 510 -16.71 -3.54 -23.80
N ILE A 511 -17.33 -4.22 -22.83
CA ILE A 511 -18.78 -4.34 -22.71
C ILE A 511 -19.21 -3.54 -21.50
N ASP A 512 -20.15 -2.60 -21.70
CA ASP A 512 -20.72 -1.84 -20.60
C ASP A 512 -21.91 -2.68 -20.14
N PHE A 513 -21.81 -3.29 -18.92
CA PHE A 513 -22.84 -4.17 -18.37
C PHE A 513 -23.96 -3.45 -17.62
N GLY A 514 -23.82 -2.12 -17.48
CA GLY A 514 -24.76 -1.29 -16.75
C GLY A 514 -24.75 -1.54 -15.26
N MET A 515 -23.61 -2.05 -14.74
CA MET A 515 -23.40 -2.37 -13.34
C MET A 515 -22.33 -1.42 -12.78
N ASP A 516 -22.76 -0.23 -12.31
CA ASP A 516 -21.89 0.80 -11.74
C ASP A 516 -22.69 1.65 -10.80
N LEU A 517 -22.41 1.55 -9.48
CA LEU A 517 -23.11 2.29 -8.41
C LEU A 517 -22.34 3.49 -7.87
N GLN A 518 -21.26 3.92 -8.55
CA GLN A 518 -20.41 5.03 -8.13
C GLN A 518 -21.16 6.33 -7.81
N ALA A 519 -22.22 6.66 -8.59
CA ALA A 519 -23.03 7.87 -8.36
C ALA A 519 -23.71 7.85 -7.01
N CYS A 520 -24.43 6.76 -6.67
CA CYS A 520 -25.07 6.66 -5.36
C CYS A 520 -24.05 6.59 -4.21
N ILE A 521 -22.98 5.79 -4.36
CA ILE A 521 -21.91 5.71 -3.36
C ILE A 521 -21.29 7.11 -3.08
N ASP A 522 -20.90 7.86 -4.15
CA ASP A 522 -20.33 9.20 -4.04
C ASP A 522 -21.26 10.18 -3.32
N LEU A 523 -22.59 10.10 -3.61
CA LEU A 523 -23.64 10.89 -2.97
C LEU A 523 -23.64 10.66 -1.46
N ILE A 524 -23.44 9.42 -1.04
CA ILE A 524 -23.43 9.13 0.38
C ILE A 524 -22.06 9.47 1.05
N GLU A 525 -20.92 9.04 0.46
CA GLU A 525 -19.63 9.13 1.14
C GLU A 525 -18.61 10.22 0.77
N LYS A 526 -18.62 10.77 -0.47
CA LYS A 526 -17.63 11.76 -0.89
C LYS A 526 -17.85 13.15 -0.24
N PRO A 527 -16.83 14.04 -0.17
CA PRO A 527 -17.07 15.37 0.42
C PRO A 527 -18.25 16.11 -0.22
N MET A 528 -19.08 16.71 0.63
CA MET A 528 -20.33 17.43 0.35
C MET A 528 -21.51 16.49 0.09
N GLY A 529 -21.30 15.19 0.33
CA GLY A 529 -22.32 14.16 0.24
C GLY A 529 -23.10 14.12 1.54
N ILE A 530 -24.01 13.14 1.68
CA ILE A 530 -24.89 12.97 2.84
C ILE A 530 -24.12 12.88 4.17
N MET A 531 -23.13 11.98 4.27
CA MET A 531 -22.37 11.78 5.51
C MET A 531 -21.53 13.01 5.86
N SER A 532 -20.82 13.54 4.84
CA SER A 532 -19.99 14.74 4.90
C SER A 532 -20.80 15.93 5.44
N ILE A 533 -22.05 16.14 4.93
CA ILE A 533 -22.96 17.20 5.41
C ILE A 533 -23.35 16.96 6.88
N LEU A 534 -23.77 15.72 7.24
CA LEU A 534 -24.14 15.36 8.61
C LEU A 534 -22.99 15.64 9.59
N GLU A 535 -21.76 15.21 9.23
CA GLU A 535 -20.54 15.37 10.03
C GLU A 535 -20.18 16.83 10.28
N GLU A 536 -20.37 17.68 9.25
CA GLU A 536 -20.13 19.10 9.29
C GLU A 536 -21.20 19.78 10.15
N GLU A 537 -22.51 19.40 9.99
CA GLU A 537 -23.63 19.94 10.80
C GLU A 537 -23.45 19.60 12.28
N CYS A 538 -22.68 18.54 12.54
CA CYS A 538 -22.35 18.04 13.87
C CYS A 538 -21.43 18.96 14.66
N MET A 539 -20.55 19.69 13.98
CA MET A 539 -19.62 20.58 14.64
C MET A 539 -20.18 21.98 14.93
N PHE A 540 -21.46 22.23 14.52
CA PHE A 540 -22.18 23.49 14.71
C PHE A 540 -23.20 23.41 15.85
N PRO A 541 -23.02 24.25 16.93
CA PRO A 541 -23.97 24.21 18.08
C PRO A 541 -25.42 24.66 17.79
N LYS A 542 -25.60 25.58 16.82
CA LYS A 542 -26.93 26.07 16.43
C LYS A 542 -27.66 25.17 15.40
N ALA A 543 -27.00 24.10 14.90
CA ALA A 543 -27.58 23.17 13.92
C ALA A 543 -28.70 22.33 14.49
N THR A 544 -29.74 22.14 13.67
CA THR A 544 -30.93 21.39 14.00
C THR A 544 -31.19 20.31 12.92
N ASP A 545 -32.19 19.44 13.13
CA ASP A 545 -32.55 18.42 12.12
C ASP A 545 -32.98 19.10 10.81
N MET A 546 -33.67 20.25 10.92
CA MET A 546 -34.15 21.04 9.77
C MET A 546 -33.04 21.81 9.03
N THR A 547 -31.92 22.23 9.70
CA THR A 547 -30.80 22.90 8.99
C THR A 547 -30.01 21.85 8.19
N PHE A 548 -29.86 20.65 8.78
CA PHE A 548 -29.22 19.50 8.12
C PHE A 548 -30.09 19.06 6.91
N ALA A 550 -32.24 21.00 5.21
CA ALA A 550 -32.11 22.10 4.28
C ALA A 550 -30.79 22.02 3.53
N LYS A 551 -29.68 21.66 4.22
CA LYS A 551 -28.36 21.53 3.61
C LYS A 551 -28.32 20.39 2.61
N LEU A 552 -29.00 19.24 2.93
CA LEU A 552 -29.10 18.10 2.01
C LEU A 552 -29.83 18.54 0.73
N PHE A 553 -31.00 19.19 0.87
CA PHE A 553 -31.83 19.67 -0.23
C PHE A 553 -31.12 20.68 -1.09
N ASP A 554 -30.50 21.72 -0.47
CA ASP A 554 -29.76 22.78 -1.17
C ASP A 554 -28.61 22.25 -2.01
N ASN A 555 -27.93 21.20 -1.54
CA ASN A 555 -26.79 20.60 -2.24
C ASN A 555 -27.11 19.48 -3.25
N HIS A 556 -28.22 18.72 -3.06
CA HIS A 556 -28.46 17.55 -3.89
C HIS A 556 -29.81 17.45 -4.60
N LEU A 557 -30.85 18.18 -4.16
CA LEU A 557 -32.14 18.08 -4.84
C LEU A 557 -32.08 18.72 -6.22
N GLY A 558 -32.26 17.89 -7.25
CA GLY A 558 -32.18 18.27 -8.66
C GLY A 558 -30.75 18.43 -9.13
N LYS A 559 -29.76 18.03 -8.29
CA LYS A 559 -28.33 18.15 -8.57
C LYS A 559 -27.65 16.78 -8.54
N SER A 560 -28.09 15.89 -7.63
CA SER A 560 -27.64 14.51 -7.52
C SER A 560 -28.84 13.65 -7.94
N SER A 561 -28.67 12.88 -9.03
CA SER A 561 -29.70 12.01 -9.62
C SER A 561 -30.29 10.94 -8.65
N ASN A 562 -29.45 10.41 -7.74
CA ASN A 562 -29.87 9.39 -6.77
C ASN A 562 -30.56 9.96 -5.51
N PHE A 563 -30.60 11.30 -5.41
CA PHE A 563 -31.23 12.02 -4.31
C PHE A 563 -32.55 12.55 -4.79
N GLN A 564 -33.64 12.14 -4.12
N GLN A 564 -33.64 12.18 -4.11
CA GLN A 564 -34.99 12.56 -4.48
CA GLN A 564 -34.94 12.71 -4.50
C GLN A 564 -35.81 13.02 -3.27
C GLN A 564 -35.85 12.97 -3.30
N LYS A 565 -36.97 13.64 -3.58
CA LYS A 565 -37.99 14.05 -2.61
C LYS A 565 -38.80 12.78 -2.27
N PRO A 566 -39.24 12.57 -1.00
CA PRO A 566 -39.92 11.30 -0.67
C PRO A 566 -41.40 11.19 -1.08
N ARG A 567 -41.92 9.95 -1.03
CA ARG A 567 -43.28 9.51 -1.33
C ARG A 567 -43.94 9.17 0.03
N ASN A 568 -44.63 10.16 0.63
CA ASN A 568 -45.30 10.00 1.92
C ASN A 568 -46.78 9.63 1.70
N ILE A 569 -47.18 8.42 2.14
CA ILE A 569 -48.54 7.86 2.00
C ILE A 569 -49.32 7.99 3.33
N LYS A 570 -50.67 8.18 3.26
CA LYS A 570 -51.57 8.32 4.41
C LYS A 570 -51.44 7.10 5.36
N GLY A 571 -51.31 7.39 6.66
CA GLY A 571 -51.15 6.39 7.72
C GLY A 571 -49.70 6.10 8.06
N LYS A 572 -48.85 5.91 7.01
CA LYS A 572 -47.41 5.63 7.08
C LYS A 572 -46.60 6.83 7.61
N PRO A 573 -45.46 6.58 8.33
CA PRO A 573 -44.66 7.68 8.90
C PRO A 573 -44.07 8.67 7.91
N GLU A 574 -43.80 9.91 8.37
CA GLU A 574 -43.26 10.98 7.53
C GLU A 574 -41.78 10.78 7.20
N ALA A 575 -41.36 11.09 5.95
CA ALA A 575 -39.97 10.97 5.49
C ALA A 575 -39.48 12.32 4.95
N HIS A 576 -38.17 12.57 5.00
CA HIS A 576 -37.57 13.84 4.57
C HIS A 576 -36.90 13.77 3.21
N PHE A 577 -36.32 12.62 2.86
CA PHE A 577 -35.69 12.43 1.57
C PHE A 577 -35.71 10.97 1.21
N SER A 578 -35.62 10.70 -0.09
CA SER A 578 -35.56 9.36 -0.61
C SER A 578 -34.24 9.18 -1.39
N LEU A 579 -33.66 7.97 -1.30
CA LEU A 579 -32.40 7.65 -1.95
C LEU A 579 -32.62 6.46 -2.90
N ILE A 580 -32.14 6.59 -4.15
CA ILE A 580 -32.26 5.49 -5.14
C ILE A 580 -31.08 4.52 -4.98
N HIS A 581 -31.28 3.49 -4.14
CA HIS A 581 -30.27 2.44 -3.94
C HIS A 581 -30.36 1.42 -5.07
N TYR A 582 -29.38 0.51 -5.17
CA TYR A 582 -29.33 -0.55 -6.19
C TYR A 582 -30.56 -1.49 -6.11
N ALA A 583 -31.01 -1.75 -4.87
CA ALA A 583 -32.12 -2.67 -4.56
C ALA A 583 -33.46 -1.98 -4.37
N GLY A 584 -33.52 -0.67 -4.59
CA GLY A 584 -34.76 0.10 -4.47
C GLY A 584 -34.60 1.49 -3.90
N THR A 585 -35.69 2.26 -3.97
CA THR A 585 -35.77 3.61 -3.44
C THR A 585 -36.18 3.48 -1.96
N VAL A 586 -35.43 4.16 -1.07
CA VAL A 586 -35.68 4.14 0.38
C VAL A 586 -35.96 5.56 0.86
N ASP A 587 -37.07 5.72 1.62
CA ASP A 587 -37.52 6.99 2.22
C ASP A 587 -36.98 7.07 3.62
N TYR A 588 -36.13 8.06 3.84
CA TYR A 588 -35.41 8.33 5.09
C TYR A 588 -35.99 9.49 5.87
N ASN A 589 -36.14 9.26 7.19
CA ASN A 589 -36.58 10.22 8.18
C ASN A 589 -35.29 10.64 8.89
N ILE A 590 -34.99 11.96 8.88
CA ILE A 590 -33.73 12.50 9.42
C ILE A 590 -33.81 13.01 10.88
N ILE A 591 -34.93 12.76 11.59
CA ILE A 591 -35.08 13.22 12.98
C ILE A 591 -34.13 12.46 13.89
N GLY A 592 -33.32 13.22 14.61
CA GLY A 592 -32.36 12.72 15.58
C GLY A 592 -31.02 12.29 15.02
N TRP A 593 -30.76 12.53 13.71
CA TRP A 593 -29.51 12.11 13.07
C TRP A 593 -28.29 12.80 13.62
N LEU A 594 -28.40 14.10 13.96
CA LEU A 594 -27.29 14.86 14.54
C LEU A 594 -26.87 14.26 15.89
N GLN A 595 -27.84 13.95 16.80
CA GLN A 595 -27.58 13.33 18.11
C GLN A 595 -27.08 11.90 17.98
N LYS A 596 -27.62 11.17 16.98
CA LYS A 596 -27.20 9.80 16.65
C LYS A 596 -25.77 9.80 16.17
N ASN A 597 -25.37 10.80 15.36
CA ASN A 597 -24.02 10.87 14.82
C ASN A 597 -22.98 11.30 15.87
N LYS A 598 -23.32 12.24 16.76
CA LYS A 598 -22.43 12.75 17.82
C LYS A 598 -22.32 11.71 18.92
N ASP A 599 -23.46 11.13 19.34
CA ASP A 599 -23.55 10.13 20.42
C ASP A 599 -23.00 10.69 21.78
N PRO A 600 -23.56 11.82 22.28
CA PRO A 600 -23.07 12.39 23.56
C PRO A 600 -23.42 11.55 24.81
N LEU A 601 -22.53 11.54 25.84
CA LEU A 601 -22.80 10.81 27.08
C LEU A 601 -22.64 11.68 28.30
N ASN A 602 -23.45 11.43 29.36
CA ASN A 602 -23.31 12.12 30.65
C ASN A 602 -21.97 11.59 31.23
N GLU A 603 -20.90 12.44 31.13
CA GLU A 603 -19.56 12.06 31.57
C GLU A 603 -19.41 11.98 33.09
N THR A 604 -20.39 12.52 33.85
CA THR A 604 -20.40 12.43 35.30
C THR A 604 -20.74 11.01 35.71
N VAL A 605 -21.75 10.39 35.07
CA VAL A 605 -22.06 9.02 35.44
C VAL A 605 -21.05 8.06 34.74
N VAL A 606 -20.43 8.46 33.60
CA VAL A 606 -19.38 7.62 32.98
C VAL A 606 -18.23 7.47 34.00
N ASP A 607 -17.93 8.54 34.75
CA ASP A 607 -16.90 8.56 35.81
C ASP A 607 -17.24 7.54 36.89
N LEU A 608 -18.53 7.44 37.25
CA LEU A 608 -19.00 6.49 38.26
C LEU A 608 -18.79 5.07 37.76
N TYR A 609 -19.08 4.80 36.45
CA TYR A 609 -18.88 3.51 35.78
C TYR A 609 -17.40 3.11 35.89
N LYS A 610 -16.49 4.07 35.65
CA LYS A 610 -15.05 3.86 35.76
C LYS A 610 -14.61 3.45 37.19
N LYS A 611 -15.30 3.96 38.24
CA LYS A 611 -15.00 3.73 39.66
C LYS A 611 -15.91 2.63 40.28
N SER A 612 -16.50 1.80 39.42
CA SER A 612 -17.43 0.73 39.82
C SER A 612 -16.72 -0.40 40.54
N SER A 613 -17.40 -1.01 41.54
CA SER A 613 -16.90 -2.17 42.26
C SER A 613 -17.09 -3.46 41.42
N LEU A 614 -17.90 -3.40 40.35
CA LEU A 614 -18.09 -4.50 39.41
C LEU A 614 -16.95 -4.32 38.40
N LYS A 615 -15.97 -5.24 38.43
CA LYS A 615 -14.75 -5.20 37.62
C LYS A 615 -15.00 -4.98 36.11
N MET A 616 -16.02 -5.65 35.55
CA MET A 616 -16.39 -5.56 34.13
C MET A 616 -16.84 -4.16 33.72
N LEU A 617 -17.73 -3.53 34.51
CA LEU A 617 -18.21 -2.20 34.21
C LEU A 617 -17.08 -1.18 34.17
N SER A 618 -16.13 -1.22 35.16
CA SER A 618 -14.96 -0.34 35.17
C SER A 618 -14.07 -0.56 33.95
N SER A 619 -13.89 -1.84 33.57
CA SER A 619 -13.09 -2.21 32.41
C SER A 619 -13.76 -1.73 31.11
N LEU A 620 -15.11 -1.80 31.02
CA LEU A 620 -15.86 -1.36 29.83
C LEU A 620 -15.64 0.10 29.47
N PHE A 621 -15.51 0.97 30.50
CA PHE A 621 -15.35 2.43 30.35
C PHE A 621 -13.97 2.93 30.70
N ALA A 622 -13.01 1.99 30.87
CA ALA A 622 -11.60 2.25 31.19
C ALA A 622 -10.96 3.27 30.24
N ASN A 623 -11.03 3.02 28.92
CA ASN A 623 -10.44 3.83 27.85
C ASN A 623 -11.28 5.06 27.40
N TYR A 624 -12.33 5.42 28.18
CA TYR A 624 -13.21 6.54 27.85
C TYR A 624 -12.53 7.89 28.06
N ALA A 625 -12.65 8.81 27.07
CA ALA A 625 -12.07 10.17 27.09
C ALA A 625 -13.10 11.24 26.69
N GLN A 645 -14.44 10.55 17.22
CA GLN A 645 -15.00 10.55 15.88
C GLN A 645 -16.53 10.37 15.89
N THR A 646 -17.25 10.89 14.86
CA THR A 646 -18.70 10.72 14.69
C THR A 646 -18.94 9.26 14.19
N VAL A 647 -20.18 8.72 14.36
CA VAL A 647 -20.43 7.34 13.94
C VAL A 647 -20.38 7.23 12.37
N SER A 648 -20.81 8.24 11.61
CA SER A 648 -20.68 8.16 10.14
C SER A 648 -19.20 8.17 9.66
N ALA A 649 -18.32 8.91 10.34
CA ALA A 649 -16.90 8.91 9.99
C ALA A 649 -16.29 7.53 10.30
N LEU A 650 -16.72 6.90 11.40
CA LEU A 650 -16.28 5.56 11.78
C LEU A 650 -16.82 4.53 10.77
N HIS A 651 -18.08 4.71 10.29
CA HIS A 651 -18.70 3.82 9.32
C HIS A 651 -17.95 3.83 7.98
N ARG A 652 -17.64 5.04 7.49
CA ARG A 652 -16.90 5.26 6.26
C ARG A 652 -15.49 4.65 6.39
N GLU A 653 -14.82 4.81 7.55
CA GLU A 653 -13.50 4.27 7.84
C GLU A 653 -13.52 2.73 7.81
N ASN A 654 -14.47 2.09 8.50
CA ASN A 654 -14.69 0.64 8.55
C ASN A 654 -14.83 0.09 7.12
N LEU A 655 -15.70 0.74 6.32
CA LEU A 655 -15.97 0.37 4.94
C LEU A 655 -14.75 0.51 4.07
N ASN A 656 -14.05 1.66 4.14
CA ASN A 656 -12.86 1.89 3.34
C ASN A 656 -11.78 0.89 3.64
N LYS A 657 -11.52 0.61 4.93
CA LYS A 657 -10.53 -0.33 5.41
C LYS A 657 -10.86 -1.73 4.90
N LEU A 658 -12.12 -2.17 5.08
CA LEU A 658 -12.59 -3.48 4.62
C LEU A 658 -12.42 -3.62 3.08
N MET A 659 -12.90 -2.62 2.28
CA MET A 659 -12.83 -2.66 0.82
C MET A 659 -11.40 -2.70 0.29
N THR A 660 -10.44 -1.98 0.91
CA THR A 660 -9.05 -2.04 0.45
C THR A 660 -8.43 -3.39 0.82
N ASN A 661 -8.72 -3.91 2.04
CA ASN A 661 -8.25 -5.21 2.49
C ASN A 661 -8.81 -6.35 1.66
N LEU A 662 -10.10 -6.25 1.22
CA LEU A 662 -10.74 -7.26 0.36
C LEU A 662 -10.09 -7.31 -1.04
N ARG A 663 -9.53 -6.18 -1.55
N ARG A 663 -9.53 -6.17 -1.51
CA ARG A 663 -8.90 -6.18 -2.87
CA ARG A 663 -8.85 -6.05 -2.81
C ARG A 663 -7.54 -6.90 -2.84
C ARG A 663 -7.55 -6.86 -2.81
N SER A 664 -7.01 -7.15 -1.62
CA SER A 664 -5.75 -7.92 -1.43
C SER A 664 -6.08 -9.42 -1.23
N THR A 665 -7.35 -9.82 -1.41
CA THR A 665 -7.78 -11.21 -1.29
C THR A 665 -8.39 -11.68 -2.62
N HIS A 666 -8.53 -13.00 -2.79
CA HIS A 666 -9.23 -13.64 -3.91
C HIS A 666 -10.70 -13.74 -3.43
N PRO A 667 -11.64 -13.00 -4.01
CA PRO A 667 -13.04 -13.08 -3.52
C PRO A 667 -13.83 -14.22 -4.14
N HIS A 668 -14.84 -14.71 -3.39
CA HIS A 668 -15.74 -15.77 -3.81
C HIS A 668 -17.10 -15.32 -3.42
N PHE A 669 -17.96 -15.07 -4.44
CA PHE A 669 -19.29 -14.54 -4.18
C PHE A 669 -20.38 -15.59 -4.05
N VAL A 670 -21.24 -15.40 -3.02
CA VAL A 670 -22.43 -16.22 -2.76
C VAL A 670 -23.60 -15.25 -2.70
N ARG A 671 -24.55 -15.40 -3.62
CA ARG A 671 -25.72 -14.53 -3.73
C ARG A 671 -26.97 -15.16 -3.16
N CYS A 672 -27.32 -14.78 -1.91
CA CYS A 672 -28.51 -15.29 -1.25
C CYS A 672 -29.71 -14.51 -1.71
N ILE A 673 -30.79 -15.27 -2.01
CA ILE A 673 -32.07 -14.79 -2.52
C ILE A 673 -33.18 -15.19 -1.54
N ILE A 674 -34.00 -14.20 -1.13
CA ILE A 674 -35.18 -14.43 -0.29
C ILE A 674 -36.32 -14.81 -1.29
N PRO A 675 -36.97 -16.01 -1.14
CA PRO A 675 -37.95 -16.43 -2.15
C PRO A 675 -39.32 -15.73 -2.09
N ASN A 676 -39.72 -15.25 -0.89
CA ASN A 676 -41.00 -14.61 -0.63
C ASN A 676 -40.95 -13.80 0.66
N GLU A 677 -42.02 -13.05 0.92
CA GLU A 677 -42.18 -12.20 2.09
C GLU A 677 -42.86 -12.89 3.29
N THR A 678 -43.38 -14.14 3.12
CA THR A 678 -44.15 -14.82 4.16
C THR A 678 -43.43 -15.99 4.85
N LYS A 679 -42.09 -16.04 4.77
CA LYS A 679 -41.25 -17.11 5.37
C LYS A 679 -41.80 -18.51 5.02
N SER A 680 -42.26 -18.67 3.77
CA SER A 680 -42.88 -19.89 3.25
C SER A 680 -41.89 -20.83 2.52
N PRO A 681 -41.71 -22.08 3.04
CA PRO A 681 -40.78 -23.03 2.37
C PRO A 681 -41.26 -23.43 0.99
N GLY A 682 -40.39 -23.33 0.01
CA GLY A 682 -40.68 -23.74 -1.35
C GLY A 682 -41.54 -22.85 -2.23
N VAL A 683 -41.97 -21.68 -1.73
CA VAL A 683 -42.81 -20.82 -2.58
C VAL A 683 -41.96 -19.64 -3.10
N ILE A 684 -42.01 -19.44 -4.42
CA ILE A 684 -41.30 -18.39 -5.14
C ILE A 684 -42.26 -17.26 -5.52
N ASP A 685 -41.93 -16.03 -5.13
CA ASP A 685 -42.63 -14.80 -5.51
C ASP A 685 -41.74 -14.32 -6.68
N ASN A 686 -42.12 -14.69 -7.93
CA ASN A 686 -41.37 -14.38 -9.17
C ASN A 686 -40.89 -12.92 -9.25
N PRO A 687 -41.74 -11.86 -9.13
CA PRO A 687 -41.18 -10.50 -9.20
C PRO A 687 -40.11 -10.21 -8.13
N LEU A 688 -40.26 -10.78 -6.91
CA LEU A 688 -39.27 -10.61 -5.82
C LEU A 688 -37.96 -11.34 -6.10
N VAL A 689 -38.00 -12.55 -6.70
CA VAL A 689 -36.76 -13.23 -7.09
C VAL A 689 -36.07 -12.49 -8.26
N MET A 690 -36.83 -12.17 -9.31
CA MET A 690 -36.35 -11.46 -10.48
C MET A 690 -35.69 -10.11 -10.15
N HIS A 691 -36.29 -9.35 -9.21
CA HIS A 691 -35.74 -8.08 -8.74
C HIS A 691 -34.37 -8.28 -8.13
N GLN A 692 -34.22 -9.32 -7.27
CA GLN A 692 -32.97 -9.66 -6.61
C GLN A 692 -31.94 -10.12 -7.63
N LEU A 693 -32.30 -11.00 -8.59
CA LEU A 693 -31.38 -11.41 -9.65
C LEU A 693 -30.92 -10.22 -10.53
N ARG A 694 -31.86 -9.29 -10.83
CA ARG A 694 -31.59 -8.09 -11.63
C ARG A 694 -30.60 -7.14 -10.98
N CYS A 695 -30.90 -6.66 -9.76
CA CYS A 695 -30.03 -5.69 -9.07
C CYS A 695 -28.71 -6.32 -8.59
N ASN A 696 -28.62 -7.67 -8.54
CA ASN A 696 -27.39 -8.37 -8.19
C ASN A 696 -26.46 -8.48 -9.40
N GLY A 697 -27.00 -8.40 -10.59
CA GLY A 697 -26.22 -8.55 -11.81
C GLY A 697 -25.87 -10.01 -12.07
N VAL A 698 -26.80 -10.94 -11.75
CA VAL A 698 -26.61 -12.39 -11.93
C VAL A 698 -26.44 -12.75 -13.42
N LEU A 699 -27.30 -12.20 -14.28
CA LEU A 699 -27.24 -12.44 -15.72
C LEU A 699 -25.98 -11.91 -16.39
N GLU A 700 -25.59 -10.67 -16.08
CA GLU A 700 -24.37 -10.03 -16.58
C GLU A 700 -23.14 -10.81 -16.10
N GLY A 701 -23.15 -11.25 -14.83
CA GLY A 701 -22.09 -12.03 -14.22
C GLY A 701 -21.91 -13.35 -14.97
N ILE A 702 -23.04 -13.96 -15.44
CA ILE A 702 -22.99 -15.19 -16.25
C ILE A 702 -22.47 -14.85 -17.66
N ARG A 703 -22.96 -13.74 -18.27
CA ARG A 703 -22.54 -13.29 -19.62
C ARG A 703 -21.04 -13.10 -19.74
N ILE A 704 -20.39 -12.43 -18.79
CA ILE A 704 -18.93 -12.23 -18.83
C ILE A 704 -18.17 -13.60 -18.75
N CYS A 705 -18.72 -14.61 -18.04
CA CYS A 705 -18.10 -15.95 -17.98
C CYS A 705 -18.18 -16.65 -19.33
N ARG A 706 -19.31 -16.43 -20.07
CA ARG A 706 -19.58 -17.01 -21.39
C ARG A 706 -18.87 -16.25 -22.49
N LYS A 707 -18.90 -14.92 -22.45
CA LYS A 707 -18.29 -14.04 -23.44
C LYS A 707 -16.77 -13.88 -23.28
N GLY A 708 -16.31 -13.84 -22.05
CA GLY A 708 -14.90 -13.66 -21.74
C GLY A 708 -14.09 -14.94 -21.67
N PHE A 709 -13.03 -14.89 -20.85
CA PHE A 709 -12.06 -15.97 -20.68
C PHE A 709 -11.91 -16.19 -19.17
N PRO A 710 -12.84 -16.98 -18.55
CA PRO A 710 -12.80 -17.15 -17.09
C PRO A 710 -11.53 -17.78 -16.48
N ASN A 711 -10.77 -18.54 -17.24
CA ASN A 711 -9.53 -19.14 -16.73
C ASN A 711 -8.37 -18.62 -17.52
N ARG A 712 -7.18 -18.65 -16.88
CA ARG A 712 -5.89 -18.18 -17.40
C ARG A 712 -4.75 -18.75 -16.54
N ILE A 713 -3.69 -19.22 -17.17
CA ILE A 713 -2.54 -19.84 -16.50
C ILE A 713 -1.24 -19.24 -17.04
N LEU A 714 -0.26 -18.95 -16.14
CA LEU A 714 1.06 -18.43 -16.55
C LEU A 714 1.77 -19.50 -17.41
N TYR A 715 2.47 -19.09 -18.47
CA TYR A 715 3.10 -20.01 -19.42
C TYR A 715 3.92 -21.13 -18.75
N GLY A 716 4.75 -20.75 -17.78
CA GLY A 716 5.59 -21.64 -17.00
C GLY A 716 4.78 -22.67 -16.23
N ASP A 717 3.68 -22.24 -15.58
CA ASP A 717 2.79 -23.14 -14.83
C ASP A 717 2.04 -24.07 -15.79
N PHE A 718 1.73 -23.58 -17.01
CA PHE A 718 1.04 -24.35 -18.04
C PHE A 718 1.94 -25.46 -18.58
N ARG A 719 3.16 -25.11 -19.05
CA ARG A 719 4.15 -26.03 -19.60
C ARG A 719 4.44 -27.17 -18.60
N GLN A 720 4.52 -26.84 -17.30
CA GLN A 720 4.78 -27.79 -16.22
C GLN A 720 3.64 -28.81 -16.09
N ARG A 721 2.43 -28.32 -15.79
CA ARG A 721 1.22 -29.13 -15.60
C ARG A 721 0.78 -29.94 -16.82
N TYR A 722 0.88 -29.40 -18.06
CA TYR A 722 0.30 -30.11 -19.20
C TYR A 722 1.29 -30.69 -20.21
N ARG A 723 2.63 -30.71 -19.94
CA ARG A 723 3.60 -31.33 -20.87
C ARG A 723 3.26 -32.80 -21.12
N ILE A 724 2.67 -33.48 -20.10
CA ILE A 724 2.25 -34.89 -20.11
C ILE A 724 1.22 -35.21 -21.21
N LEU A 725 0.54 -34.17 -21.73
CA LEU A 725 -0.45 -34.34 -22.79
C LEU A 725 0.17 -34.64 -24.16
N ASN A 726 1.41 -34.18 -24.38
CA ASN A 726 2.18 -34.37 -25.61
C ASN A 726 3.68 -34.01 -25.35
N PRO A 727 4.44 -34.90 -24.63
CA PRO A 727 5.86 -34.59 -24.35
C PRO A 727 6.75 -34.42 -25.59
N ALA A 728 6.37 -35.02 -26.73
CA ALA A 728 7.07 -34.92 -28.01
C ALA A 728 7.01 -33.48 -28.55
N ALA A 729 5.92 -32.72 -28.22
CA ALA A 729 5.76 -31.33 -28.64
C ALA A 729 6.86 -30.42 -28.00
N ILE A 730 7.18 -30.63 -26.69
CA ILE A 730 8.22 -29.89 -25.98
C ILE A 730 9.31 -30.86 -25.48
N PRO A 731 10.26 -31.32 -26.33
CA PRO A 731 11.31 -32.25 -25.83
C PRO A 731 12.52 -31.51 -25.28
N ILE A 736 13.79 -24.57 -25.07
CA ILE A 736 12.74 -23.73 -25.63
C ILE A 736 11.91 -23.03 -24.52
N ASP A 737 11.57 -21.75 -24.78
CA ASP A 737 10.78 -20.80 -23.98
C ASP A 737 9.41 -21.39 -23.61
N SER A 738 8.94 -21.10 -22.37
CA SER A 738 7.67 -21.59 -21.83
C SER A 738 6.46 -21.14 -22.63
N ARG A 739 6.55 -19.95 -23.30
CA ARG A 739 5.47 -19.51 -24.18
C ARG A 739 5.42 -20.35 -25.48
N LYS A 740 6.60 -20.53 -26.15
CA LYS A 740 6.71 -21.33 -27.38
C LYS A 740 6.22 -22.77 -27.14
N GLY A 741 6.55 -23.30 -25.95
CA GLY A 741 6.17 -24.62 -25.49
C GLY A 741 4.67 -24.74 -25.40
N ALA A 742 4.01 -23.81 -24.68
CA ALA A 742 2.55 -23.77 -24.53
C ALA A 742 1.84 -23.66 -25.89
N GLU A 743 2.38 -22.82 -26.80
CA GLU A 743 1.86 -22.56 -28.15
C GLU A 743 1.90 -23.83 -29.00
N LYS A 744 3.04 -24.55 -28.98
CA LYS A 744 3.22 -25.81 -29.71
C LYS A 744 2.45 -26.95 -29.07
N LEU A 745 2.41 -27.00 -27.72
CA LEU A 745 1.66 -28.00 -26.94
C LEU A 745 0.18 -27.92 -27.31
N LEU A 746 -0.46 -26.74 -27.17
CA LEU A 746 -1.88 -26.51 -27.45
C LEU A 746 -2.28 -26.77 -28.91
N GLY A 747 -1.44 -26.30 -29.84
CA GLY A 747 -1.62 -26.47 -31.29
C GLY A 747 -1.60 -27.91 -31.76
N SER A 748 -0.85 -28.79 -31.05
CA SER A 748 -0.72 -30.21 -31.35
C SER A 748 -1.89 -31.08 -30.84
N LEU A 749 -2.71 -30.57 -29.90
CA LEU A 749 -3.84 -31.30 -29.30
C LEU A 749 -5.16 -31.15 -30.11
N ASP A 750 -6.02 -32.19 -30.10
CA ASP A 750 -7.27 -32.19 -30.86
C ASP A 750 -8.40 -31.50 -30.09
N ILE A 751 -8.32 -30.17 -30.10
CA ILE A 751 -9.26 -29.26 -29.41
C ILE A 751 -9.67 -28.12 -30.35
N ASP A 752 -10.70 -27.33 -29.98
CA ASP A 752 -11.11 -26.15 -30.76
C ASP A 752 -10.12 -25.03 -30.42
N HIS A 753 -9.22 -24.75 -31.36
CA HIS A 753 -8.14 -23.78 -31.20
C HIS A 753 -8.62 -22.32 -31.08
N ASN A 754 -9.96 -22.11 -31.04
CA ASN A 754 -10.63 -20.81 -30.84
C ASN A 754 -11.02 -20.64 -29.37
N GLN A 755 -10.98 -21.75 -28.58
CA GLN A 755 -11.33 -21.79 -27.15
C GLN A 755 -10.22 -21.24 -26.23
N TYR A 756 -9.08 -20.83 -26.80
CA TYR A 756 -7.96 -20.27 -26.06
C TYR A 756 -7.29 -19.10 -26.80
N LYS A 757 -6.72 -18.16 -26.04
CA LYS A 757 -6.02 -16.99 -26.60
C LYS A 757 -4.72 -16.74 -25.84
N PHE A 758 -3.69 -16.36 -26.59
CA PHE A 758 -2.38 -16.09 -26.01
C PHE A 758 -2.24 -14.63 -25.57
N GLY A 759 -1.92 -14.43 -24.28
CA GLY A 759 -1.66 -13.13 -23.66
C GLY A 759 -0.18 -12.92 -23.45
N HIS A 760 0.20 -11.78 -22.83
CA HIS A 760 1.62 -11.46 -22.61
C HIS A 760 2.29 -12.42 -21.64
N THR A 761 1.59 -12.79 -20.54
CA THR A 761 2.15 -13.69 -19.52
C THR A 761 1.32 -14.97 -19.30
N LYS A 762 0.03 -14.96 -19.68
CA LYS A 762 -0.85 -16.10 -19.46
C LYS A 762 -1.57 -16.58 -20.71
N VAL A 763 -1.92 -17.88 -20.74
CA VAL A 763 -2.77 -18.46 -21.78
C VAL A 763 -4.19 -18.30 -21.23
N PHE A 764 -5.10 -17.71 -22.03
CA PHE A 764 -6.50 -17.49 -21.63
C PHE A 764 -7.44 -18.55 -22.22
N PHE A 765 -8.39 -19.08 -21.41
CA PHE A 765 -9.32 -20.12 -21.87
C PHE A 765 -10.79 -19.76 -21.77
N LYS A 766 -11.56 -20.17 -22.79
CA LYS A 766 -13.02 -20.05 -22.83
C LYS A 766 -13.56 -21.08 -21.84
N ALA A 767 -14.78 -20.83 -21.33
CA ALA A 767 -15.42 -21.70 -20.36
C ALA A 767 -15.44 -23.18 -20.91
N GLY A 768 -14.90 -24.12 -20.15
CA GLY A 768 -14.89 -25.52 -20.52
C GLY A 768 -13.59 -26.14 -21.01
N LEU A 769 -12.73 -25.35 -21.69
CA LEU A 769 -11.44 -25.82 -22.24
C LEU A 769 -10.48 -26.36 -21.18
N LEU A 770 -10.40 -25.71 -20.02
CA LEU A 770 -9.52 -26.13 -18.91
C LEU A 770 -9.92 -27.50 -18.31
N GLY A 771 -11.21 -27.70 -18.08
CA GLY A 771 -11.76 -28.95 -17.54
C GLY A 771 -11.46 -30.12 -18.46
N LEU A 772 -11.60 -29.89 -19.78
CA LEU A 772 -11.28 -30.88 -20.81
C LEU A 772 -9.79 -31.24 -20.74
N LEU A 773 -8.90 -30.22 -20.63
CA LEU A 773 -7.44 -30.35 -20.52
C LEU A 773 -7.06 -31.12 -19.23
N GLU A 774 -7.92 -30.99 -18.19
CA GLU A 774 -7.75 -31.63 -16.90
C GLU A 774 -8.19 -33.09 -16.96
N GLU A 775 -9.30 -33.37 -17.71
CA GLU A 775 -9.79 -34.74 -17.94
C GLU A 775 -8.68 -35.52 -18.67
N MET A 776 -8.13 -34.91 -19.75
CA MET A 776 -7.01 -35.42 -20.56
C MET A 776 -5.77 -35.73 -19.74
N ARG A 777 -5.47 -34.89 -18.72
CA ARG A 777 -4.31 -35.10 -17.85
C ARG A 777 -4.57 -36.31 -16.94
N ASP A 778 -5.82 -36.50 -16.45
CA ASP A 778 -6.23 -37.65 -15.62
C ASP A 778 -6.07 -38.97 -16.38
N GLU A 779 -6.57 -39.04 -17.63
CA GLU A 779 -6.49 -40.22 -18.53
C GLU A 779 -5.05 -40.68 -18.76
N ARG A 780 -4.12 -39.72 -18.92
CA ARG A 780 -2.71 -39.99 -19.17
C ARG A 780 -1.96 -40.45 -17.93
N LEU A 781 -2.30 -39.92 -16.74
CA LEU A 781 -1.65 -40.32 -15.48
C LEU A 781 -2.13 -41.74 -15.06
N SER A 782 -3.27 -42.19 -15.65
CA SER A 782 -3.95 -43.47 -15.44
C SER A 782 -3.94 -44.29 -16.72
N LEU B 33 -9.72 34.26 -1.27
CA LEU B 33 -9.09 33.47 -0.22
C LEU B 33 -9.61 32.03 -0.24
N LYS B 34 -10.93 31.84 0.02
CA LYS B 34 -11.58 30.52 -0.04
C LYS B 34 -11.88 30.13 -1.49
N LYS B 35 -12.03 31.16 -2.37
CA LYS B 35 -12.18 31.04 -3.82
C LYS B 35 -10.87 30.64 -4.55
N ASP B 36 -9.68 31.00 -4.02
CA ASP B 36 -8.37 30.74 -4.62
C ASP B 36 -7.86 29.34 -4.33
N VAL B 37 -7.85 28.53 -5.38
CA VAL B 37 -7.55 27.11 -5.33
C VAL B 37 -6.59 26.64 -6.43
N PHE B 38 -6.29 25.33 -6.37
CA PHE B 38 -5.55 24.55 -7.34
C PHE B 38 -6.49 23.44 -7.78
N VAL B 39 -6.48 23.13 -9.07
CA VAL B 39 -7.31 22.09 -9.69
C VAL B 39 -6.35 21.17 -10.52
N PRO B 40 -6.61 19.85 -10.66
CA PRO B 40 -5.68 19.04 -11.47
C PRO B 40 -5.73 19.41 -12.97
N ASP B 41 -4.60 19.29 -13.67
CA ASP B 41 -4.44 19.62 -15.10
C ASP B 41 -3.64 18.50 -15.74
N ASP B 42 -4.04 18.11 -16.95
CA ASP B 42 -3.41 17.04 -17.71
C ASP B 42 -1.96 17.31 -18.11
N LYS B 43 -1.64 18.56 -18.50
CA LYS B 43 -0.29 18.91 -18.94
C LYS B 43 0.65 19.40 -17.83
N GLU B 44 0.15 20.24 -16.90
CA GLU B 44 0.94 20.90 -15.86
C GLU B 44 0.73 20.37 -14.45
N GLU B 45 0.06 19.20 -14.33
CA GLU B 45 -0.26 18.51 -13.07
C GLU B 45 -1.35 19.24 -12.28
N PHE B 46 -1.10 20.52 -11.97
CA PHE B 46 -1.98 21.44 -11.25
C PHE B 46 -1.78 22.81 -11.78
N VAL B 47 -2.89 23.56 -11.75
CA VAL B 47 -3.01 24.92 -12.24
C VAL B 47 -3.80 25.71 -11.18
N LYS B 48 -3.53 27.01 -11.07
CA LYS B 48 -4.28 27.90 -10.19
C LYS B 48 -5.71 28.11 -10.78
N ALA B 49 -6.73 28.29 -9.91
CA ALA B 49 -8.12 28.52 -10.32
C ALA B 49 -8.89 29.31 -9.27
N THR B 50 -10.09 29.81 -9.64
CA THR B 50 -11.02 30.56 -8.78
C THR B 50 -12.36 29.81 -8.81
N ILE B 51 -12.84 29.41 -7.62
CA ILE B 51 -14.15 28.75 -7.44
C ILE B 51 -15.23 29.73 -7.87
N LEU B 52 -16.12 29.32 -8.79
CA LEU B 52 -17.24 30.13 -9.25
C LEU B 52 -18.52 29.67 -8.53
N SER B 53 -18.67 28.34 -8.30
CA SER B 53 -19.84 27.73 -7.64
C SER B 53 -19.58 26.30 -7.09
N ARG B 54 -20.46 25.84 -6.19
CA ARG B 54 -20.45 24.52 -5.55
C ARG B 54 -21.86 23.90 -5.64
N GLU B 55 -21.95 22.65 -6.12
CA GLU B 55 -23.22 21.92 -6.34
C GLU B 55 -22.95 20.40 -6.44
N GLY B 56 -23.82 19.58 -5.83
CA GLY B 56 -23.77 18.12 -5.82
C GLY B 56 -22.43 17.41 -5.62
N GLY B 57 -21.57 17.96 -4.76
CA GLY B 57 -20.23 17.39 -4.50
C GLY B 57 -19.20 17.73 -5.56
N LYS B 58 -19.58 18.66 -6.44
CA LYS B 58 -18.78 19.15 -7.56
C LYS B 58 -18.51 20.67 -7.36
N VAL B 59 -17.39 21.13 -7.94
CA VAL B 59 -16.95 22.52 -7.91
C VAL B 59 -16.75 23.04 -9.35
N THR B 60 -17.30 24.23 -9.66
CA THR B 60 -17.10 24.89 -10.95
C THR B 60 -16.05 25.98 -10.71
N ALA B 61 -14.97 25.98 -11.51
CA ALA B 61 -13.87 26.93 -11.34
C ALA B 61 -13.29 27.46 -12.66
N GLU B 62 -12.75 28.69 -12.64
CA GLU B 62 -12.07 29.29 -13.79
C GLU B 62 -10.56 29.23 -13.53
N THR B 63 -9.81 28.58 -14.42
CA THR B 63 -8.36 28.45 -14.25
C THR B 63 -7.62 29.73 -14.59
N GLU B 64 -6.30 29.81 -14.23
CA GLU B 64 -5.40 30.91 -14.53
C GLU B 64 -5.28 31.09 -16.06
N HIS B 65 -5.37 29.98 -16.83
CA HIS B 65 -5.33 29.98 -18.29
C HIS B 65 -6.70 30.23 -18.97
N GLY B 66 -7.69 30.66 -18.18
CA GLY B 66 -9.03 30.97 -18.69
C GLY B 66 -9.90 29.80 -19.14
N LYS B 67 -9.75 28.63 -18.50
CA LYS B 67 -10.55 27.44 -18.80
C LYS B 67 -11.54 27.20 -17.66
N THR B 68 -12.81 27.06 -18.01
CA THR B 68 -13.90 26.82 -17.06
C THR B 68 -14.03 25.33 -16.90
N VAL B 69 -13.78 24.89 -15.68
CA VAL B 69 -13.71 23.50 -15.32
C VAL B 69 -14.73 23.12 -14.21
N THR B 70 -15.16 21.86 -14.23
CA THR B 70 -16.03 21.26 -13.23
C THR B 70 -15.28 20.04 -12.74
N VAL B 71 -14.96 20.03 -11.45
CA VAL B 71 -14.22 18.96 -10.80
C VAL B 71 -14.91 18.57 -9.50
N LYS B 72 -14.66 17.35 -9.01
CA LYS B 72 -15.20 16.85 -7.75
C LYS B 72 -14.51 17.60 -6.60
N GLU B 73 -15.27 17.87 -5.52
CA GLU B 73 -14.81 18.59 -4.32
C GLU B 73 -13.44 18.12 -3.81
N ASP B 74 -13.25 16.80 -3.66
CA ASP B 74 -12.01 16.18 -3.18
C ASP B 74 -10.78 16.46 -4.07
N GLN B 75 -11.00 16.95 -5.30
CA GLN B 75 -9.91 17.29 -6.23
C GLN B 75 -9.43 18.76 -6.09
N VAL B 76 -10.21 19.57 -5.33
CA VAL B 76 -9.95 20.98 -5.09
C VAL B 76 -9.02 21.18 -3.88
N LEU B 77 -7.90 21.89 -4.09
CA LEU B 77 -6.95 22.19 -3.02
C LEU B 77 -6.76 23.70 -2.82
N GLN B 78 -6.71 24.15 -1.56
CA GLN B 78 -6.61 25.59 -1.23
C GLN B 78 -5.26 26.25 -1.49
N GLN B 79 -5.26 27.50 -2.00
CA GLN B 79 -4.01 28.25 -2.20
C GLN B 79 -3.59 28.85 -0.87
N ASN B 80 -2.29 28.84 -0.57
CA ASN B 80 -1.75 29.46 0.65
C ASN B 80 -1.77 30.99 0.48
N PRO B 81 -1.96 31.76 1.60
CA PRO B 81 -1.93 33.23 1.50
C PRO B 81 -0.61 33.81 0.95
N PRO B 82 -0.63 35.05 0.39
CA PRO B 82 0.60 35.66 -0.11
C PRO B 82 1.76 35.77 0.90
N LYS B 83 1.48 35.70 2.22
CA LYS B 83 2.53 35.80 3.24
C LYS B 83 3.43 34.56 3.26
N PHE B 84 2.93 33.44 2.71
CA PHE B 84 3.65 32.18 2.61
C PHE B 84 4.36 32.05 1.28
N ASP B 85 4.39 33.13 0.47
CA ASP B 85 5.08 33.13 -0.83
C ASP B 85 6.56 32.95 -0.63
N LYS B 86 7.18 32.05 -1.42
CA LYS B 86 8.62 31.73 -1.39
C LYS B 86 9.14 31.40 0.02
N ILE B 87 8.26 30.81 0.87
CA ILE B 87 8.59 30.42 2.23
C ILE B 87 9.82 29.50 2.23
N GLU B 88 10.72 29.71 3.21
CA GLU B 88 11.99 28.98 3.37
C GLU B 88 11.78 27.54 3.85
N ASP B 89 10.74 27.28 4.68
CA ASP B 89 10.41 25.93 5.17
C ASP B 89 8.94 25.63 4.89
N MET B 90 8.69 24.68 3.96
CA MET B 90 7.34 24.32 3.54
C MET B 90 6.52 23.60 4.62
N ALA B 91 7.13 23.25 5.76
CA ALA B 91 6.38 22.63 6.86
C ALA B 91 5.50 23.67 7.60
N MET B 92 5.79 24.97 7.37
N MET B 92 5.79 24.98 7.39
CA MET B 92 5.09 26.08 7.99
CA MET B 92 5.10 26.13 7.97
C MET B 92 3.96 26.66 7.11
C MET B 92 3.79 26.46 7.23
N LEU B 93 3.61 25.97 5.98
CA LEU B 93 2.47 26.31 5.10
C LEU B 93 1.16 25.97 5.79
N THR B 94 0.12 26.81 5.65
CA THR B 94 -1.18 26.52 6.27
C THR B 94 -1.83 25.31 5.57
N PHE B 95 -1.73 25.24 4.23
CA PHE B 95 -2.25 24.13 3.45
C PHE B 95 -1.09 23.35 2.82
N LEU B 96 -1.02 22.07 3.14
CA LEU B 96 0.03 21.22 2.60
C LEU B 96 -0.55 20.18 1.69
N HIS B 97 -0.18 20.30 0.43
CA HIS B 97 -0.60 19.44 -0.67
C HIS B 97 0.39 19.60 -1.80
N GLU B 98 0.31 18.70 -2.79
CA GLU B 98 1.20 18.64 -3.94
C GLU B 98 1.37 20.01 -4.66
N PRO B 99 0.30 20.71 -5.10
CA PRO B 99 0.53 22.00 -5.76
C PRO B 99 1.06 23.11 -4.87
N ALA B 100 0.77 23.09 -3.55
CA ALA B 100 1.31 24.08 -2.59
C ALA B 100 2.84 23.99 -2.59
N VAL B 101 3.37 22.75 -2.52
CA VAL B 101 4.80 22.41 -2.53
C VAL B 101 5.42 22.76 -3.89
N LEU B 102 4.85 22.23 -4.99
CA LEU B 102 5.30 22.47 -6.37
C LEU B 102 5.37 23.95 -6.71
N TYR B 103 4.34 24.73 -6.36
CA TYR B 103 4.31 26.16 -6.69
C TYR B 103 5.28 26.97 -5.79
N ASN B 104 5.42 26.60 -4.48
CA ASN B 104 6.40 27.25 -3.58
C ASN B 104 7.82 27.08 -4.12
N LEU B 105 8.15 25.85 -4.58
CA LEU B 105 9.45 25.52 -5.16
C LEU B 105 9.69 26.24 -6.48
N LYS B 106 8.67 26.28 -7.36
CA LYS B 106 8.69 26.95 -8.66
C LYS B 106 8.95 28.45 -8.51
N GLU B 107 8.25 29.09 -7.54
CA GLU B 107 8.36 30.53 -7.26
C GLU B 107 9.71 30.89 -6.67
N ARG B 108 10.28 30.03 -5.80
CA ARG B 108 11.62 30.21 -5.24
C ARG B 108 12.65 30.06 -6.36
N TYR B 109 12.50 29.00 -7.20
CA TYR B 109 13.37 28.71 -8.34
C TYR B 109 13.40 29.84 -9.35
N ALA B 110 12.24 30.49 -9.60
CA ALA B 110 12.10 31.62 -10.51
C ALA B 110 12.94 32.84 -10.03
N SER B 111 13.23 32.89 -8.71
CA SER B 111 14.04 33.92 -8.06
C SER B 111 15.45 33.44 -7.80
N TRP B 112 15.80 32.26 -8.39
CA TRP B 112 17.11 31.61 -8.25
C TRP B 112 17.44 31.26 -6.79
N MET B 113 16.40 30.95 -6.01
CA MET B 113 16.48 30.46 -4.63
C MET B 113 16.32 28.92 -4.80
N ILE B 114 17.45 28.26 -4.98
CA ILE B 114 17.54 26.85 -5.32
C ILE B 114 17.46 25.88 -4.13
N TYR B 115 17.55 26.36 -2.87
CA TYR B 115 17.38 25.47 -1.71
C TYR B 115 16.10 25.82 -0.99
N THR B 116 15.36 24.82 -0.49
CA THR B 116 14.11 25.03 0.28
C THR B 116 14.00 23.94 1.32
N TYR B 117 13.67 24.30 2.56
CA TYR B 117 13.46 23.32 3.62
C TYR B 117 12.07 22.74 3.49
N SER B 118 11.97 21.46 3.80
CA SER B 118 10.76 20.65 3.73
C SER B 118 10.75 19.85 5.01
N GLY B 119 10.36 20.51 6.10
CA GLY B 119 10.38 19.88 7.41
C GLY B 119 11.81 19.79 7.87
N LEU B 120 12.24 18.61 8.28
CA LEU B 120 13.61 18.42 8.79
C LEU B 120 14.66 18.09 7.70
N PHE B 121 14.30 18.15 6.43
CA PHE B 121 15.21 17.88 5.30
C PHE B 121 15.14 19.05 4.29
N CYS B 122 15.99 19.02 3.26
CA CYS B 122 16.15 20.10 2.28
C CYS B 122 15.92 19.59 0.88
N VAL B 123 15.33 20.43 0.04
CA VAL B 123 15.10 20.14 -1.38
C VAL B 123 15.94 21.16 -2.20
N THR B 124 16.61 20.71 -3.26
CA THR B 124 17.35 21.64 -4.11
C THR B 124 17.02 21.37 -5.58
N ILE B 125 16.85 22.43 -6.36
CA ILE B 125 16.52 22.31 -7.78
C ILE B 125 17.70 22.80 -8.60
N ASN B 126 18.25 21.94 -9.49
CA ASN B 126 19.39 22.25 -10.33
C ASN B 126 19.20 23.56 -11.15
N PRO B 127 19.99 24.62 -10.88
CA PRO B 127 19.81 25.87 -11.64
C PRO B 127 20.37 25.81 -13.06
N TYR B 128 21.31 24.87 -13.37
CA TYR B 128 21.98 24.77 -14.67
C TYR B 128 22.71 26.06 -15.07
N TRP B 130 25.81 29.14 -13.04
CA TRP B 130 26.57 29.66 -11.91
C TRP B 130 25.75 30.71 -11.16
N LEU B 131 25.64 30.56 -9.81
CA LEU B 131 24.92 31.52 -8.98
C LEU B 131 25.88 32.11 -7.96
N PRO B 132 25.72 33.38 -7.49
CA PRO B 132 26.71 33.95 -6.54
C PRO B 132 26.41 33.61 -5.09
N VAL B 133 26.05 32.35 -4.82
CA VAL B 133 25.62 31.90 -3.51
C VAL B 133 26.67 31.07 -2.76
N TYR B 134 27.82 30.78 -3.38
CA TYR B 134 28.84 29.89 -2.81
C TYR B 134 30.19 30.51 -2.53
N ASN B 135 30.28 31.84 -2.47
CA ASN B 135 31.58 32.50 -2.22
C ASN B 135 32.03 32.37 -0.75
N ALA B 136 33.30 32.77 -0.45
CA ALA B 136 33.91 32.72 0.89
C ALA B 136 33.23 33.62 1.92
N GLU B 137 32.58 34.71 1.48
CA GLU B 137 31.86 35.63 2.36
C GLU B 137 30.58 34.95 2.82
N VAL B 138 30.02 34.14 1.93
CA VAL B 138 28.81 33.39 2.24
C VAL B 138 29.14 32.24 3.19
N VAL B 139 30.26 31.52 2.97
CA VAL B 139 30.62 30.43 3.86
C VAL B 139 30.89 30.97 5.27
N ALA B 140 31.62 32.09 5.38
CA ALA B 140 31.91 32.73 6.66
C ALA B 140 30.64 33.15 7.40
N ALA B 141 29.64 33.69 6.69
CA ALA B 141 28.40 34.17 7.30
C ALA B 141 27.48 33.00 7.77
N TYR B 142 27.62 31.80 7.18
CA TYR B 142 26.81 30.68 7.60
C TYR B 142 27.32 29.98 8.88
N ARG B 143 28.61 30.18 9.22
CA ARG B 143 29.29 29.60 10.38
C ARG B 143 28.53 29.83 11.71
N GLY B 144 28.14 28.72 12.33
CA GLY B 144 27.45 28.73 13.62
C GLY B 144 26.02 29.17 13.63
N LYS B 145 25.46 29.49 12.44
CA LYS B 145 24.08 29.93 12.34
C LYS B 145 23.12 28.75 12.51
N LYS B 146 22.01 28.99 13.20
CA LYS B 146 20.93 28.02 13.38
C LYS B 146 20.17 28.03 12.04
N ARG B 147 19.59 26.89 11.68
CA ARG B 147 18.87 26.68 10.43
C ARG B 147 17.90 27.84 10.02
N SER B 148 17.14 28.35 10.99
CA SER B 148 16.15 29.41 10.81
C SER B 148 16.73 30.85 10.68
N GLU B 149 17.96 31.10 11.21
CA GLU B 149 18.54 32.44 11.16
C GLU B 149 19.40 32.69 9.91
N ALA B 150 19.23 31.86 8.89
CA ALA B 150 19.93 32.00 7.62
C ALA B 150 19.06 31.38 6.50
N PRO B 151 19.18 31.83 5.22
CA PRO B 151 18.37 31.21 4.13
C PRO B 151 18.70 29.73 3.89
N PRO B 152 17.76 28.91 3.33
CA PRO B 152 18.11 27.50 3.05
C PRO B 152 19.35 27.40 2.17
N HIS B 153 20.30 26.53 2.55
CA HIS B 153 21.56 26.36 1.86
C HIS B 153 22.23 25.07 2.25
N ILE B 154 23.07 24.54 1.34
CA ILE B 154 23.93 23.38 1.56
C ILE B 154 24.95 23.66 2.69
N PHE B 155 25.37 24.93 2.85
CA PHE B 155 26.32 25.38 3.88
C PHE B 155 25.68 25.29 5.27
N SER B 156 24.36 25.51 5.35
CA SER B 156 23.60 25.41 6.58
C SER B 156 23.42 23.95 6.98
N ILE B 157 23.19 23.06 5.98
CA ILE B 157 23.08 21.63 6.20
C ILE B 157 24.43 21.18 6.79
N SER B 158 25.56 21.61 6.16
CA SER B 158 26.93 21.30 6.57
C SER B 158 27.20 21.81 7.97
N ASP B 159 26.90 23.10 8.25
CA ASP B 159 27.12 23.68 9.58
C ASP B 159 26.29 23.04 10.69
N ASN B 160 25.01 22.73 10.42
CA ASN B 160 24.13 22.14 11.42
C ASN B 160 24.53 20.69 11.75
N ALA B 161 25.05 19.93 10.76
CA ALA B 161 25.58 18.58 10.99
C ALA B 161 26.83 18.70 11.88
N TYR B 162 27.65 19.78 11.69
CA TYR B 162 28.85 20.05 12.48
C TYR B 162 28.48 20.37 13.94
N GLN B 163 27.43 21.17 14.17
CA GLN B 163 26.94 21.56 15.50
C GLN B 163 26.40 20.34 16.26
N TYR B 164 25.63 19.46 15.57
CA TYR B 164 25.09 18.21 16.15
C TYR B 164 26.24 17.28 16.50
N MET B 165 27.27 17.17 15.63
CA MET B 165 28.45 16.34 15.85
C MET B 165 29.13 16.72 17.18
N LEU B 166 29.40 18.03 17.42
CA LEU B 166 30.02 18.47 18.66
C LEU B 166 29.09 18.44 19.86
N THR B 167 27.80 18.76 19.69
CA THR B 167 26.84 18.74 20.80
C THR B 167 26.49 17.32 21.28
N ASP B 168 26.23 16.40 20.34
CA ASP B 168 25.82 15.04 20.65
C ASP B 168 26.94 14.06 20.71
N ARG B 169 28.14 14.46 20.26
CA ARG B 169 29.36 13.63 20.21
C ARG B 169 29.09 12.36 19.40
N GLU B 170 28.55 12.56 18.18
CA GLU B 170 28.24 11.44 17.28
C GLU B 170 28.49 11.77 15.82
N ASN B 171 28.78 10.73 15.02
CA ASN B 171 29.06 10.84 13.61
C ASN B 171 27.80 11.24 12.83
N GLN B 172 28.01 12.02 11.78
CA GLN B 172 26.90 12.51 10.98
C GLN B 172 27.05 12.03 9.55
N SER B 173 25.93 12.04 8.83
CA SER B 173 25.95 11.68 7.43
C SER B 173 25.07 12.66 6.67
N ILE B 174 25.54 13.09 5.49
CA ILE B 174 24.84 13.99 4.59
C ILE B 174 24.53 13.13 3.37
N LEU B 175 23.26 12.79 3.22
CA LEU B 175 22.81 11.87 2.20
C LEU B 175 22.09 12.64 1.12
N ILE B 176 22.80 12.80 -0.01
CA ILE B 176 22.37 13.59 -1.15
C ILE B 176 21.75 12.69 -2.24
N THR B 177 20.41 12.71 -2.34
CA THR B 177 19.67 11.89 -3.30
C THR B 177 19.37 12.66 -4.61
N GLY B 178 18.97 11.92 -5.64
CA GLY B 178 18.61 12.48 -6.93
C GLY B 178 18.92 11.62 -8.14
N GLU B 179 18.20 11.85 -9.24
CA GLU B 179 18.43 11.17 -10.50
C GLU B 179 19.74 11.69 -11.12
N SER B 180 20.24 11.00 -12.17
CA SER B 180 21.44 11.43 -12.88
C SER B 180 21.22 12.88 -13.38
N GLY B 181 22.11 13.78 -12.98
CA GLY B 181 22.10 15.18 -13.39
C GLY B 181 21.47 16.15 -12.42
N ALA B 182 20.85 15.63 -11.32
CA ALA B 182 20.14 16.46 -10.33
C ALA B 182 21.00 17.40 -9.52
N GLY B 183 22.28 17.07 -9.32
CA GLY B 183 23.22 17.93 -8.60
C GLY B 183 23.88 17.36 -7.35
N LYS B 184 23.90 16.02 -7.22
CA LYS B 184 24.48 15.34 -6.05
C LYS B 184 25.98 15.60 -5.87
N THR B 185 26.75 15.47 -6.95
CA THR B 185 28.19 15.69 -6.99
C THR B 185 28.49 17.15 -6.71
N VAL B 186 27.71 18.10 -7.31
CA VAL B 186 27.91 19.54 -7.09
C VAL B 186 27.71 19.81 -5.59
N ASN B 187 26.61 19.30 -5.01
CA ASN B 187 26.32 19.54 -3.59
C ASN B 187 27.31 18.89 -2.67
N THR B 188 27.90 17.73 -3.07
CA THR B 188 28.95 17.05 -2.31
C THR B 188 30.18 17.93 -2.27
N LYS B 189 30.60 18.46 -3.43
CA LYS B 189 31.75 19.36 -3.56
C LYS B 189 31.57 20.67 -2.80
N ARG B 190 30.32 21.09 -2.59
CA ARG B 190 29.99 22.31 -1.84
C ARG B 190 30.09 22.07 -0.33
N VAL B 191 29.81 20.84 0.14
CA VAL B 191 29.94 20.42 1.54
C VAL B 191 31.43 20.42 1.88
N ILE B 192 32.26 19.83 0.99
CA ILE B 192 33.72 19.75 1.15
C ILE B 192 34.31 21.18 1.16
N GLN B 193 33.89 22.02 0.19
CA GLN B 193 34.31 23.42 0.07
C GLN B 193 34.01 24.17 1.36
N TYR B 194 32.81 23.96 1.97
CA TYR B 194 32.44 24.63 3.22
C TYR B 194 33.43 24.35 4.33
N PHE B 195 33.69 23.07 4.66
CA PHE B 195 34.60 22.72 5.73
C PHE B 195 36.06 23.13 5.45
N ALA B 196 36.52 23.03 4.18
CA ALA B 196 37.89 23.44 3.80
C ALA B 196 38.10 24.96 3.91
N VAL B 197 37.08 25.76 3.53
CA VAL B 197 37.17 27.22 3.62
C VAL B 197 37.10 27.62 5.07
N ILE B 198 36.22 26.98 5.88
CA ILE B 198 36.11 27.26 7.33
C ILE B 198 37.47 27.00 8.01
N ALA B 199 38.09 25.84 7.70
CA ALA B 199 39.39 25.46 8.24
C ALA B 199 40.52 26.44 7.83
N ALA B 200 40.45 26.98 6.59
CA ALA B 200 41.42 27.93 6.04
C ALA B 200 41.41 29.26 6.84
N ILE B 201 40.22 29.67 7.32
CA ILE B 201 40.01 30.87 8.13
C ILE B 201 40.61 30.66 9.53
N GLY B 202 40.28 29.56 10.20
CA GLY B 202 40.78 29.23 11.53
C GLY B 202 40.66 27.76 11.86
N GLY B 214 50.26 21.18 -1.31
CA GLY B 214 49.32 22.06 -0.62
C GLY B 214 48.82 21.55 0.74
N THR B 215 48.11 22.42 1.50
CA THR B 215 47.54 22.11 2.82
C THR B 215 46.43 21.05 2.68
N LEU B 216 45.95 20.47 3.81
CA LEU B 216 44.85 19.48 3.79
C LEU B 216 43.63 20.07 3.09
N GLU B 217 43.26 21.33 3.40
CA GLU B 217 42.14 22.08 2.80
C GLU B 217 42.26 22.17 1.27
N ASP B 218 43.46 22.50 0.76
CA ASP B 218 43.73 22.58 -0.68
C ASP B 218 43.67 21.22 -1.36
N GLN B 219 44.05 20.15 -0.65
CA GLN B 219 44.05 18.78 -1.15
C GLN B 219 42.68 18.17 -1.22
N ILE B 220 41.82 18.45 -0.22
CA ILE B 220 40.45 17.90 -0.15
C ILE B 220 39.64 18.41 -1.37
N ILE B 221 39.87 19.67 -1.75
CA ILE B 221 39.25 20.34 -2.88
C ILE B 221 39.74 19.74 -4.21
N GLN B 222 41.00 19.35 -4.28
CA GLN B 222 41.60 18.78 -5.49
C GLN B 222 41.37 17.29 -5.69
N ALA B 223 40.85 16.55 -4.67
CA ALA B 223 40.58 15.10 -4.78
C ALA B 223 39.54 14.77 -5.87
N ASN B 224 38.47 15.57 -5.93
CA ASN B 224 37.38 15.39 -6.88
C ASN B 224 37.83 15.69 -8.34
N PRO B 225 38.50 16.83 -8.71
CA PRO B 225 38.98 16.96 -10.12
C PRO B 225 39.77 15.76 -10.65
N ALA B 226 40.62 15.16 -9.78
CA ALA B 226 41.49 14.00 -10.08
C ALA B 226 40.66 12.74 -10.29
N LEU B 227 39.71 12.45 -9.38
CA LEU B 227 38.85 11.28 -9.48
C LEU B 227 37.90 11.39 -10.67
N GLU B 228 37.41 12.60 -10.96
CA GLU B 228 36.47 12.88 -12.03
C GLU B 228 37.02 12.68 -13.45
N ALA B 229 38.32 12.94 -13.70
CA ALA B 229 38.91 12.73 -15.01
C ALA B 229 38.92 11.22 -15.37
N PHE B 230 39.06 10.35 -14.35
CA PHE B 230 39.12 8.90 -14.51
C PHE B 230 37.80 8.15 -14.22
N GLY B 231 36.94 8.69 -13.36
CA GLY B 231 35.69 8.06 -12.92
C GLY B 231 34.39 8.69 -13.39
N ASN B 232 34.46 9.84 -14.10
CA ASN B 232 33.29 10.53 -14.64
C ASN B 232 33.30 10.52 -16.17
N ALA B 233 32.12 10.66 -16.76
CA ALA B 233 31.95 10.65 -18.22
C ALA B 233 30.63 11.27 -18.66
N LYS B 234 30.58 11.63 -19.93
CA LYS B 234 29.38 12.17 -20.53
C LYS B 234 28.42 11.04 -20.90
N THR B 235 27.21 11.12 -20.36
CA THR B 235 26.09 10.24 -20.69
C THR B 235 25.02 11.18 -21.26
N VAL B 236 23.86 10.65 -21.63
CA VAL B 236 22.80 11.52 -22.17
C VAL B 236 22.23 12.48 -21.08
N ARG B 237 22.10 12.02 -19.83
CA ARG B 237 21.52 12.81 -18.76
C ARG B 237 22.46 13.83 -18.11
N ASN B 238 23.77 13.52 -18.08
CA ASN B 238 24.75 14.38 -17.44
C ASN B 238 26.06 14.39 -18.21
N ASP B 239 26.57 15.59 -18.53
CA ASP B 239 27.85 15.77 -19.22
C ASP B 239 29.04 15.33 -18.35
N ASN B 240 28.82 15.28 -17.05
CA ASN B 240 29.82 14.90 -16.08
C ASN B 240 29.25 13.88 -15.11
N SER B 241 28.67 12.78 -15.66
CA SER B 241 28.07 11.74 -14.85
C SER B 241 29.12 11.00 -14.03
N SER B 242 28.85 10.75 -12.73
CA SER B 242 29.70 9.97 -11.84
C SER B 242 29.44 8.49 -12.16
N ARG B 243 30.47 7.82 -12.63
CA ARG B 243 30.38 6.41 -13.01
C ARG B 243 30.90 5.48 -11.91
N PHE B 244 30.85 5.95 -10.67
CA PHE B 244 31.24 5.24 -9.44
C PHE B 244 30.48 5.95 -8.29
N GLY B 245 30.16 5.24 -7.23
CA GLY B 245 29.55 5.85 -6.05
C GLY B 245 30.66 6.14 -5.07
N LYS B 246 30.44 7.07 -4.12
CA LYS B 246 31.46 7.41 -3.14
C LYS B 246 30.88 7.85 -1.82
N PHE B 247 31.62 7.57 -0.76
CA PHE B 247 31.33 8.00 0.59
C PHE B 247 32.59 8.68 1.11
N ILE B 248 32.52 10.01 1.32
CA ILE B 248 33.64 10.82 1.80
C ILE B 248 33.45 11.12 3.27
N ARG B 249 34.41 10.67 4.09
CA ARG B 249 34.37 10.96 5.53
C ARG B 249 35.28 12.14 5.81
N ILE B 250 34.73 13.18 6.45
CA ILE B 250 35.49 14.36 6.84
C ILE B 250 35.67 14.25 8.35
N HIS B 251 36.93 14.02 8.78
CA HIS B 251 37.25 13.80 10.18
C HIS B 251 37.56 15.09 10.92
N PHE B 252 37.14 15.13 12.20
CA PHE B 252 37.33 16.28 13.08
C PHE B 252 37.82 15.84 14.44
N GLY B 253 38.64 16.68 15.07
CA GLY B 253 39.14 16.43 16.42
C GLY B 253 38.05 16.72 17.45
N ALA B 254 38.31 16.41 18.73
CA ALA B 254 37.39 16.59 19.86
C ALA B 254 36.80 17.99 19.99
N THR B 255 37.57 19.00 19.60
CA THR B 255 37.25 20.44 19.68
C THR B 255 36.61 20.98 18.39
N GLY B 256 36.61 20.16 17.33
CA GLY B 256 36.03 20.53 16.04
C GLY B 256 36.98 20.97 14.94
N LYS B 257 38.29 20.80 15.12
CA LYS B 257 39.20 21.21 14.08
C LYS B 257 39.31 20.14 13.01
N LEU B 258 39.33 20.56 11.71
CA LEU B 258 39.46 19.66 10.54
C LEU B 258 40.74 18.85 10.69
N ALA B 259 40.59 17.53 10.88
CA ALA B 259 41.71 16.63 11.12
C ALA B 259 42.19 15.89 9.90
N SER B 260 41.28 15.32 9.15
CA SER B 260 41.61 14.43 8.04
C SER B 260 40.36 14.22 7.15
N ALA B 261 40.52 13.38 6.12
CA ALA B 261 39.45 12.94 5.21
C ALA B 261 39.83 11.64 4.56
N ASP B 262 38.84 10.85 4.19
CA ASP B 262 39.04 9.61 3.45
C ASP B 262 37.88 9.40 2.49
N ILE B 263 38.14 8.66 1.41
CA ILE B 263 37.17 8.37 0.35
C ILE B 263 37.11 6.88 0.15
N GLU B 264 35.87 6.35 0.05
CA GLU B 264 35.57 4.96 -0.32
C GLU B 264 34.79 5.06 -1.60
N THR B 265 35.20 4.33 -2.63
CA THR B 265 34.49 4.32 -3.93
C THR B 265 33.86 2.97 -4.19
N TYR B 266 32.75 2.95 -4.90
CA TYR B 266 31.99 1.73 -5.17
C TYR B 266 31.87 1.48 -6.66
N LEU B 267 32.09 0.22 -7.02
CA LEU B 267 31.97 -0.37 -8.37
C LEU B 267 32.06 0.63 -9.52
N LEU B 268 33.30 0.95 -9.95
CA LEU B 268 33.55 1.79 -11.12
C LEU B 268 33.02 1.02 -12.33
N GLU B 269 32.34 1.70 -13.26
CA GLU B 269 31.74 1.12 -14.47
C GLU B 269 32.86 0.80 -15.48
N LYS B 270 33.53 -0.34 -15.24
CA LYS B 270 34.63 -0.91 -16.01
C LYS B 270 34.32 -1.01 -17.48
N SER B 271 33.08 -1.38 -17.85
CA SER B 271 32.65 -1.57 -19.23
C SER B 271 32.87 -0.38 -20.15
N ARG B 272 32.71 0.88 -19.62
CA ARG B 272 32.86 2.14 -20.35
C ARG B 272 34.25 2.32 -20.97
N VAL B 273 35.29 1.73 -20.35
CA VAL B 273 36.68 1.81 -20.81
C VAL B 273 36.83 1.33 -22.27
N ILE B 274 36.08 0.29 -22.63
CA ILE B 274 36.17 -0.36 -23.92
C ILE B 274 34.87 -0.26 -24.74
N PHE B 275 33.77 0.21 -24.13
CA PHE B 275 32.47 0.28 -24.81
C PHE B 275 31.72 1.57 -24.53
N GLN B 276 31.04 2.13 -25.56
CA GLN B 276 30.18 3.31 -25.43
C GLN B 276 28.92 3.14 -26.25
N LEU B 277 27.79 3.65 -25.73
CA LEU B 277 26.55 3.71 -26.48
C LEU B 277 26.66 4.94 -27.42
N LYS B 278 25.69 5.11 -28.36
CA LYS B 278 25.73 6.16 -29.39
C LYS B 278 25.90 7.59 -28.86
N ALA B 279 25.17 8.01 -27.80
CA ALA B 279 25.23 9.38 -27.30
C ALA B 279 26.05 9.55 -26.00
N GLU B 280 27.13 8.79 -25.87
CA GLU B 280 27.96 8.89 -24.67
C GLU B 280 29.44 8.79 -25.00
N ARG B 281 30.27 9.19 -24.04
CA ARG B 281 31.72 9.19 -24.16
C ARG B 281 32.32 8.19 -23.19
N ASP B 282 33.62 7.87 -23.40
CA ASP B 282 34.43 7.07 -22.48
C ASP B 282 34.78 8.07 -21.36
N TYR B 283 35.64 7.67 -20.41
CA TYR B 283 36.06 8.56 -19.31
C TYR B 283 36.77 9.78 -19.83
N HIS B 284 36.55 10.95 -19.19
CA HIS B 284 37.08 12.26 -19.58
C HIS B 284 38.56 12.24 -19.97
N ILE B 285 39.40 11.58 -19.15
CA ILE B 285 40.87 11.53 -19.28
C ILE B 285 41.37 11.24 -20.70
N PHE B 286 40.74 10.29 -21.41
CA PHE B 286 41.15 9.92 -22.76
C PHE B 286 41.15 11.15 -23.68
N TYR B 287 40.05 11.91 -23.64
CA TYR B 287 39.86 13.12 -24.43
C TYR B 287 40.70 14.28 -23.93
N GLN B 288 40.96 14.33 -22.60
CA GLN B 288 41.81 15.36 -21.98
C GLN B 288 43.25 15.20 -22.50
N ILE B 289 43.76 13.96 -22.59
CA ILE B 289 45.10 13.67 -23.12
C ILE B 289 45.18 14.02 -24.61
N LEU B 290 44.19 13.56 -25.41
CA LEU B 290 44.13 13.76 -26.86
C LEU B 290 43.98 15.21 -27.30
N SER B 291 43.52 16.10 -26.39
CA SER B 291 43.34 17.54 -26.64
C SER B 291 44.62 18.22 -27.16
N ASN B 292 45.78 17.55 -26.98
CA ASN B 292 47.11 18.00 -27.37
C ASN B 292 47.57 19.24 -26.55
N LYS B 293 46.86 19.57 -25.43
CA LYS B 293 47.22 20.67 -24.52
C LYS B 293 48.60 20.42 -23.87
N LYS B 294 49.02 19.15 -23.84
CA LYS B 294 50.34 18.72 -23.37
C LYS B 294 50.93 17.85 -24.50
N PRO B 295 51.67 18.46 -25.48
CA PRO B 295 52.22 17.66 -26.60
C PRO B 295 53.19 16.56 -26.17
N GLU B 296 53.90 16.78 -25.03
CA GLU B 296 54.83 15.79 -24.44
C GLU B 296 54.11 14.49 -24.09
N LEU B 297 52.82 14.58 -23.69
CA LEU B 297 51.99 13.42 -23.35
C LEU B 297 51.74 12.54 -24.57
N LEU B 298 51.43 13.15 -25.74
CA LEU B 298 51.17 12.44 -27.00
C LEU B 298 52.42 11.69 -27.50
N ASP B 299 53.61 12.30 -27.35
CA ASP B 299 54.89 11.72 -27.73
C ASP B 299 55.29 10.59 -26.77
N MET B 300 54.99 10.76 -25.46
CA MET B 300 55.29 9.76 -24.43
C MET B 300 54.40 8.52 -24.55
N LEU B 301 53.11 8.70 -24.92
CA LEU B 301 52.16 7.60 -25.06
C LEU B 301 52.13 6.98 -26.47
N LEU B 302 52.94 7.53 -27.41
CA LEU B 302 53.06 7.07 -28.81
C LEU B 302 51.71 7.09 -29.54
N ILE B 303 50.86 8.09 -29.19
CA ILE B 303 49.50 8.29 -29.71
C ILE B 303 49.37 9.49 -30.64
N THR B 304 48.31 9.49 -31.45
CA THR B 304 47.93 10.58 -32.35
C THR B 304 47.01 11.53 -31.58
N ASN B 305 46.56 12.63 -32.20
CA ASN B 305 45.66 13.60 -31.58
C ASN B 305 44.18 13.24 -31.82
N ASN B 306 43.94 12.21 -32.69
CA ASN B 306 42.60 11.78 -33.08
C ASN B 306 42.02 10.64 -32.24
N PRO B 307 40.92 10.91 -31.49
CA PRO B 307 40.26 9.83 -30.72
C PRO B 307 39.68 8.70 -31.58
N TYR B 308 39.32 9.00 -32.87
CA TYR B 308 38.75 8.05 -33.81
C TYR B 308 39.77 7.01 -34.29
N ASP B 309 41.06 7.19 -33.96
CA ASP B 309 42.13 6.23 -34.28
C ASP B 309 42.19 5.11 -33.21
N TYR B 310 41.37 5.23 -32.14
CA TYR B 310 41.35 4.33 -30.99
C TYR B 310 39.96 3.76 -30.77
N ALA B 311 39.83 2.47 -31.10
CA ALA B 311 38.60 1.69 -31.09
C ALA B 311 37.84 1.74 -29.76
N PHE B 312 38.57 1.57 -28.64
CA PHE B 312 37.99 1.53 -27.29
C PHE B 312 37.24 2.79 -26.87
N ILE B 313 37.71 3.97 -27.29
CA ILE B 313 37.21 5.27 -26.86
C ILE B 313 36.35 6.07 -27.88
N SER B 314 36.09 5.53 -29.09
CA SER B 314 35.37 6.31 -30.10
C SER B 314 34.10 5.65 -30.67
N GLN B 315 33.41 4.84 -29.87
CA GLN B 315 32.17 4.16 -30.28
C GLN B 315 30.95 5.08 -30.22
N GLY B 316 31.02 6.15 -29.43
CA GLY B 316 29.94 7.10 -29.27
C GLY B 316 30.38 8.49 -29.67
N GLU B 317 30.28 9.43 -28.75
CA GLU B 317 30.70 10.81 -28.98
C GLU B 317 32.13 11.00 -28.45
N THR B 318 32.88 11.98 -29.00
CA THR B 318 34.27 12.28 -28.59
C THR B 318 34.41 13.73 -28.07
N THR B 319 33.40 14.61 -28.32
CA THR B 319 33.40 15.99 -27.83
C THR B 319 32.10 16.33 -27.08
N VAL B 320 32.20 17.25 -26.12
CA VAL B 320 31.06 17.72 -25.33
C VAL B 320 31.13 19.24 -25.36
N ALA B 321 30.03 19.89 -25.77
CA ALA B 321 29.95 21.35 -25.89
C ALA B 321 30.28 22.07 -24.58
N SER B 322 29.78 21.57 -23.44
CA SER B 322 30.00 22.17 -22.12
C SER B 322 31.39 21.92 -21.53
N ILE B 323 32.22 21.05 -22.15
CA ILE B 323 33.55 20.68 -21.63
C ILE B 323 34.70 21.11 -22.54
N ASP B 324 35.69 21.81 -21.93
CA ASP B 324 36.94 22.16 -22.61
C ASP B 324 37.97 21.13 -22.09
N ASP B 325 38.17 20.06 -22.86
CA ASP B 325 39.09 18.95 -22.51
C ASP B 325 40.56 19.40 -22.33
N ALA B 326 40.98 20.49 -23.04
CA ALA B 326 42.33 21.05 -22.96
C ALA B 326 42.53 21.68 -21.59
N GLU B 327 41.55 22.48 -21.18
CA GLU B 327 41.52 23.13 -19.90
C GLU B 327 41.39 22.10 -18.79
N GLU B 328 40.57 21.07 -19.02
CA GLU B 328 40.38 20.01 -18.03
C GLU B 328 41.64 19.19 -17.77
N LEU B 329 42.49 18.97 -18.82
CA LEU B 329 43.78 18.28 -18.69
C LEU B 329 44.68 19.01 -17.69
N MET B 330 44.72 20.37 -17.78
CA MET B 330 45.48 21.23 -16.89
C MET B 330 45.01 21.10 -15.44
N ALA B 331 43.68 21.14 -15.22
CA ALA B 331 43.04 20.99 -13.92
C ALA B 331 43.35 19.63 -13.29
N THR B 332 43.34 18.55 -14.11
CA THR B 332 43.66 17.17 -13.68
C THR B 332 45.13 17.09 -13.26
N ASP B 333 46.04 17.54 -14.15
CA ASP B 333 47.48 17.54 -13.91
C ASP B 333 47.80 18.32 -12.65
N ASN B 334 47.19 19.50 -12.47
CA ASN B 334 47.38 20.33 -11.29
C ASN B 334 46.90 19.65 -10.01
N ALA B 335 45.71 19.00 -10.07
CA ALA B 335 45.15 18.25 -8.94
C ALA B 335 46.16 17.21 -8.44
N PHE B 336 46.82 16.44 -9.35
CA PHE B 336 47.82 15.43 -8.99
C PHE B 336 49.02 16.08 -8.27
N ASP B 337 49.43 17.25 -8.73
CA ASP B 337 50.50 18.03 -8.11
C ASP B 337 50.12 18.45 -6.70
N VAL B 338 48.94 19.08 -6.53
CA VAL B 338 48.41 19.50 -5.21
C VAL B 338 48.27 18.29 -4.24
N LEU B 339 47.90 17.11 -4.77
CA LEU B 339 47.77 15.89 -3.99
C LEU B 339 49.13 15.20 -3.74
N GLY B 340 50.21 15.86 -4.14
CA GLY B 340 51.56 15.37 -3.93
C GLY B 340 51.90 14.10 -4.67
N PHE B 341 51.37 13.91 -5.89
CA PHE B 341 51.73 12.75 -6.71
C PHE B 341 53.09 13.08 -7.32
N THR B 342 53.98 12.09 -7.44
CA THR B 342 55.30 12.31 -8.03
C THR B 342 55.17 12.37 -9.56
N THR B 343 56.23 12.78 -10.26
CA THR B 343 56.27 12.81 -11.73
C THR B 343 56.18 11.37 -12.25
N GLU B 344 56.85 10.42 -11.56
CA GLU B 344 56.86 9.00 -11.87
C GLU B 344 55.46 8.38 -11.73
N GLU B 345 54.68 8.80 -10.69
CA GLU B 345 53.31 8.32 -10.44
C GLU B 345 52.34 8.86 -11.48
N LYS B 346 52.47 10.14 -11.84
CA LYS B 346 51.64 10.81 -12.85
C LYS B 346 51.88 10.20 -14.24
N ASN B 347 53.19 10.08 -14.64
CA ASN B 347 53.59 9.50 -15.93
C ASN B 347 53.13 8.05 -16.10
N SER B 348 53.14 7.25 -15.01
CA SER B 348 52.72 5.84 -15.03
C SER B 348 51.22 5.73 -15.29
N MET B 349 50.43 6.64 -14.69
CA MET B 349 48.98 6.68 -14.88
C MET B 349 48.69 7.09 -16.30
N TYR B 350 49.47 8.05 -16.84
CA TYR B 350 49.32 8.49 -18.22
C TYR B 350 49.72 7.37 -19.19
N LYS B 351 50.87 6.71 -18.93
CA LYS B 351 51.37 5.60 -19.75
C LYS B 351 50.39 4.45 -19.83
N LEU B 352 49.78 4.07 -18.67
CA LEU B 352 48.79 2.98 -18.62
C LEU B 352 47.52 3.36 -19.36
N THR B 353 47.12 4.65 -19.31
CA THR B 353 45.94 5.16 -20.03
C THR B 353 46.18 5.03 -21.55
N GLY B 354 47.38 5.42 -21.99
CA GLY B 354 47.80 5.32 -23.38
C GLY B 354 47.94 3.87 -23.85
N ALA B 355 48.46 2.97 -22.97
CA ALA B 355 48.62 1.54 -23.27
C ALA B 355 47.28 0.85 -23.46
N ILE B 356 46.24 1.29 -22.73
CA ILE B 356 44.86 0.80 -22.85
C ILE B 356 44.33 1.16 -24.25
N MET B 357 44.66 2.38 -24.71
CA MET B 357 44.29 2.88 -26.05
C MET B 357 44.90 1.99 -27.15
N HIS B 358 46.19 1.64 -27.05
CA HIS B 358 46.86 0.75 -28.02
C HIS B 358 46.36 -0.68 -27.96
N PHE B 359 46.03 -1.17 -26.74
CA PHE B 359 45.52 -2.52 -26.47
C PHE B 359 44.26 -2.77 -27.28
N GLY B 360 43.41 -1.77 -27.37
CA GLY B 360 42.17 -1.81 -28.13
C GLY B 360 42.35 -1.88 -29.63
N ASN B 361 43.52 -1.42 -30.13
CA ASN B 361 43.86 -1.43 -31.54
C ASN B 361 44.54 -2.71 -32.00
N MET B 362 44.78 -3.66 -31.07
CA MET B 362 45.41 -4.97 -31.38
C MET B 362 44.47 -5.86 -32.19
N LYS B 363 44.88 -6.22 -33.43
CA LYS B 363 44.12 -7.04 -34.35
C LYS B 363 44.52 -8.52 -34.28
N PHE B 364 43.53 -9.40 -34.43
CA PHE B 364 43.72 -10.85 -34.45
C PHE B 364 42.97 -11.45 -35.65
N LYS B 365 43.53 -12.50 -36.22
CA LYS B 365 42.97 -13.21 -37.37
C LYS B 365 43.05 -14.72 -37.13
N LEU B 366 42.46 -15.52 -38.02
CA LEU B 366 42.52 -16.97 -37.90
C LEU B 366 43.82 -17.54 -38.50
N LYS B 367 44.13 -18.81 -38.20
CA LYS B 367 45.28 -19.48 -38.76
C LYS B 367 44.89 -20.76 -39.43
N GLU B 371 39.51 -24.05 -34.31
CA GLU B 371 39.62 -22.62 -34.58
C GLU B 371 40.62 -21.93 -33.63
N GLN B 372 41.74 -21.43 -34.16
CA GLN B 372 42.79 -20.77 -33.39
C GLN B 372 43.14 -19.36 -33.91
N ALA B 373 43.25 -18.38 -32.99
CA ALA B 373 43.59 -16.99 -33.33
C ALA B 373 45.10 -16.72 -33.25
N GLU B 374 45.56 -15.83 -34.13
CA GLU B 374 46.94 -15.38 -34.17
C GLU B 374 46.95 -13.86 -34.40
N PRO B 375 48.02 -13.13 -33.98
CA PRO B 375 48.04 -11.68 -34.23
C PRO B 375 47.98 -11.29 -35.71
N ASP B 376 47.15 -10.30 -36.06
CA ASP B 376 47.01 -9.74 -37.40
C ASP B 376 47.74 -8.37 -37.34
N GLY B 377 49.05 -8.45 -37.14
CA GLY B 377 49.89 -7.26 -36.95
C GLY B 377 50.46 -7.29 -35.54
N THR B 378 51.50 -6.52 -35.29
CA THR B 378 52.14 -6.54 -33.97
C THR B 378 52.49 -5.14 -33.47
N GLU B 379 52.30 -4.10 -34.33
CA GLU B 379 52.63 -2.70 -34.07
C GLU B 379 51.96 -2.17 -32.81
N GLU B 380 50.62 -2.31 -32.71
CA GLU B 380 49.80 -1.88 -31.56
C GLU B 380 50.20 -2.65 -30.28
N ALA B 381 50.54 -3.97 -30.42
CA ALA B 381 51.01 -4.83 -29.32
C ALA B 381 52.37 -4.35 -28.79
N ASP B 382 53.28 -3.93 -29.71
CA ASP B 382 54.61 -3.41 -29.37
C ASP B 382 54.48 -2.14 -28.52
N LYS B 383 53.62 -1.19 -28.94
CA LYS B 383 53.37 0.09 -28.26
C LYS B 383 52.82 -0.13 -26.85
N SER B 384 51.81 -1.03 -26.69
CA SER B 384 51.22 -1.38 -25.39
C SER B 384 52.28 -1.97 -24.45
N ALA B 385 52.96 -3.06 -24.87
CA ALA B 385 54.01 -3.73 -24.10
C ALA B 385 55.15 -2.78 -23.66
N TYR B 386 55.55 -1.84 -24.53
CA TYR B 386 56.58 -0.84 -24.24
C TYR B 386 56.12 0.06 -23.11
N LEU B 387 54.86 0.53 -23.14
CA LEU B 387 54.31 1.40 -22.10
C LEU B 387 54.04 0.66 -20.80
N MET B 388 53.69 -0.64 -20.88
CA MET B 388 53.34 -1.51 -19.76
C MET B 388 54.52 -2.30 -19.18
N GLY B 389 55.73 -2.07 -19.69
CA GLY B 389 56.93 -2.76 -19.25
C GLY B 389 56.83 -4.26 -19.39
N LEU B 390 56.31 -4.72 -20.55
CA LEU B 390 56.13 -6.15 -20.85
C LEU B 390 56.84 -6.50 -22.15
N ASN B 391 56.90 -7.79 -22.46
CA ASN B 391 57.46 -8.30 -23.70
C ASN B 391 56.27 -8.53 -24.63
N SER B 392 56.29 -7.90 -25.83
CA SER B 392 55.24 -7.97 -26.86
C SER B 392 54.91 -9.42 -27.26
N ALA B 393 55.94 -10.19 -27.66
CA ALA B 393 55.82 -11.59 -28.07
C ALA B 393 55.25 -12.47 -26.96
N ASP B 394 55.55 -12.16 -25.67
CA ASP B 394 55.02 -12.90 -24.52
C ASP B 394 53.54 -12.59 -24.29
N LEU B 395 53.16 -11.31 -24.44
CA LEU B 395 51.80 -10.83 -24.30
C LEU B 395 50.86 -11.48 -25.33
N LEU B 396 51.28 -11.48 -26.62
CA LEU B 396 50.52 -12.05 -27.72
C LEU B 396 50.39 -13.54 -27.60
N LYS B 397 51.45 -14.23 -27.14
CA LYS B 397 51.39 -15.67 -26.95
C LYS B 397 50.51 -16.04 -25.75
N GLY B 398 50.56 -15.25 -24.67
CA GLY B 398 49.69 -15.41 -23.50
C GLY B 398 48.22 -15.19 -23.82
N LEU B 399 47.92 -14.25 -24.76
CA LEU B 399 46.56 -13.95 -25.20
C LEU B 399 46.01 -15.07 -26.07
N CYS B 400 46.77 -15.52 -27.08
CA CYS B 400 46.36 -16.58 -28.01
C CYS B 400 46.41 -17.97 -27.40
N HIS B 401 47.35 -18.25 -26.46
CA HIS B 401 47.56 -19.56 -25.83
C HIS B 401 47.63 -19.48 -24.29
N PRO B 402 46.52 -19.15 -23.58
CA PRO B 402 46.58 -19.13 -22.11
C PRO B 402 46.86 -20.53 -21.56
N ARG B 403 47.50 -20.62 -20.38
CA ARG B 403 47.88 -21.87 -19.72
C ARG B 403 46.85 -22.41 -18.75
N VAL B 404 46.72 -23.74 -18.74
CA VAL B 404 45.81 -24.50 -17.86
C VAL B 404 46.75 -25.32 -16.97
N LYS B 405 46.56 -25.19 -15.65
CA LYS B 405 47.39 -25.88 -14.67
C LYS B 405 46.98 -27.35 -14.54
N VAL B 406 47.97 -28.26 -14.74
CA VAL B 406 47.86 -29.70 -14.61
C VAL B 406 48.90 -30.12 -13.55
N GLY B 407 48.56 -29.84 -12.29
CA GLY B 407 49.44 -30.08 -11.15
C GLY B 407 50.56 -29.08 -11.19
N ASN B 408 51.81 -29.55 -11.26
CA ASN B 408 53.00 -28.71 -11.39
C ASN B 408 53.50 -28.73 -12.85
N GLU B 409 52.56 -28.91 -13.79
CA GLU B 409 52.76 -28.97 -15.23
C GLU B 409 51.66 -28.12 -15.81
N TYR B 410 51.79 -27.69 -17.05
CA TYR B 410 50.71 -26.88 -17.62
C TYR B 410 50.45 -27.35 -19.03
N VAL B 411 49.27 -27.01 -19.56
CA VAL B 411 48.86 -27.30 -20.93
C VAL B 411 48.28 -26.01 -21.53
N THR B 412 48.68 -25.68 -22.76
CA THR B 412 48.16 -24.51 -23.47
C THR B 412 46.69 -24.78 -23.87
N LYS B 413 45.83 -23.80 -23.69
CA LYS B 413 44.41 -23.83 -24.02
C LYS B 413 44.27 -23.05 -25.35
N GLY B 414 43.41 -23.49 -26.22
CA GLY B 414 43.19 -22.81 -27.50
C GLY B 414 42.22 -21.65 -27.38
N GLN B 415 42.42 -20.60 -28.22
CA GLN B 415 41.52 -19.42 -28.25
C GLN B 415 41.15 -19.02 -29.69
N ASN B 416 39.85 -18.83 -29.95
CA ASN B 416 39.41 -18.33 -31.26
C ASN B 416 39.50 -16.79 -31.22
N VAL B 417 39.30 -16.09 -32.37
CA VAL B 417 39.42 -14.61 -32.43
C VAL B 417 38.48 -13.92 -31.41
N GLN B 418 37.22 -14.38 -31.29
CA GLN B 418 36.20 -13.87 -30.34
C GLN B 418 36.71 -13.97 -28.90
N GLN B 419 37.35 -15.10 -28.56
CA GLN B 419 37.89 -15.34 -27.23
C GLN B 419 39.03 -14.38 -26.89
N VAL B 420 39.93 -14.12 -27.87
CA VAL B 420 41.07 -13.21 -27.69
C VAL B 420 40.59 -11.75 -27.55
N VAL B 421 39.67 -11.29 -28.44
CA VAL B 421 39.20 -9.92 -28.36
C VAL B 421 38.40 -9.72 -27.06
N TYR B 422 37.69 -10.77 -26.57
CA TYR B 422 37.01 -10.67 -25.28
C TYR B 422 38.02 -10.52 -24.13
N ALA B 423 39.05 -11.39 -24.10
CA ALA B 423 40.10 -11.39 -23.08
C ALA B 423 40.86 -10.07 -23.07
N LYS B 424 41.24 -9.55 -24.26
CA LYS B 424 41.96 -8.29 -24.45
C LYS B 424 41.16 -7.10 -23.85
N GLY B 425 39.83 -7.14 -24.02
CA GLY B 425 38.92 -6.15 -23.45
C GLY B 425 38.85 -6.26 -21.94
N ALA B 426 38.71 -7.48 -21.40
CA ALA B 426 38.65 -7.76 -19.96
C ALA B 426 39.91 -7.31 -19.22
N LEU B 427 41.10 -7.53 -19.84
CA LEU B 427 42.37 -7.11 -19.25
C LEU B 427 42.47 -5.60 -19.18
N ALA B 428 42.12 -4.88 -20.28
CA ALA B 428 42.13 -3.41 -20.34
C ALA B 428 41.24 -2.80 -19.24
N LYS B 429 40.03 -3.36 -19.03
CA LYS B 429 39.10 -2.94 -17.97
C LYS B 429 39.73 -3.11 -16.59
N ALA B 430 40.35 -4.27 -16.33
CA ALA B 430 41.04 -4.63 -15.09
C ALA B 430 42.18 -3.70 -14.80
N VAL B 431 43.04 -3.40 -15.78
CA VAL B 431 44.14 -2.46 -15.51
C VAL B 431 43.57 -1.07 -15.19
N TYR B 432 42.53 -0.62 -15.92
CA TYR B 432 41.90 0.69 -15.68
C TYR B 432 41.29 0.81 -14.30
N GLU B 433 40.49 -0.18 -13.88
CA GLU B 433 39.83 -0.19 -12.60
C GLU B 433 40.83 -0.28 -11.46
N ARG B 434 41.89 -1.10 -11.62
CA ARG B 434 42.93 -1.24 -10.60
C ARG B 434 43.77 0.02 -10.47
N MET B 435 44.02 0.73 -11.60
CA MET B 435 44.69 2.02 -11.64
C MET B 435 43.82 3.05 -10.90
N PHE B 436 42.50 3.09 -11.16
CA PHE B 436 41.57 4.01 -10.49
C PHE B 436 41.56 3.77 -8.97
N ASN B 437 41.57 2.48 -8.56
CA ASN B 437 41.56 2.08 -7.17
C ASN B 437 42.86 2.50 -6.50
N TRP B 438 44.01 2.37 -7.22
CA TRP B 438 45.31 2.81 -6.73
C TRP B 438 45.26 4.33 -6.45
N MET B 439 44.71 5.11 -7.40
CA MET B 439 44.58 6.56 -7.30
C MET B 439 43.80 6.96 -6.05
N VAL B 440 42.65 6.27 -5.75
CA VAL B 440 41.84 6.50 -4.54
C VAL B 440 42.67 6.22 -3.29
N THR B 441 43.40 5.10 -3.26
CA THR B 441 44.31 4.70 -2.16
C THR B 441 45.42 5.76 -1.96
N ARG B 442 46.02 6.24 -3.07
CA ARG B 442 47.05 7.27 -3.09
C ARG B 442 46.52 8.62 -2.59
N ILE B 443 45.29 9.00 -2.97
CA ILE B 443 44.66 10.24 -2.51
C ILE B 443 44.42 10.12 -0.98
N ASN B 444 43.92 8.96 -0.52
CA ASN B 444 43.68 8.70 0.91
C ASN B 444 44.93 8.83 1.76
N ALA B 445 46.09 8.32 1.27
CA ALA B 445 47.40 8.42 1.94
C ALA B 445 47.78 9.87 2.20
N THR B 446 47.56 10.78 1.22
CA THR B 446 47.86 12.21 1.36
C THR B 446 46.86 12.92 2.26
N LEU B 447 45.59 12.52 2.20
CA LEU B 447 44.53 13.11 3.04
C LEU B 447 44.68 12.71 4.52
N GLU B 448 45.52 11.67 4.86
CA GLU B 448 45.87 11.23 6.22
C GLU B 448 46.87 12.26 6.76
N THR B 449 46.55 12.95 7.87
CA THR B 449 47.46 13.98 8.40
C THR B 449 48.22 13.62 9.68
N LYS B 450 47.73 12.65 10.46
CA LYS B 450 48.30 12.22 11.76
C LYS B 450 47.84 13.18 12.91
N GLN B 451 46.88 14.08 12.61
CA GLN B 451 46.21 14.95 13.59
C GLN B 451 45.06 14.02 14.21
N PRO B 452 44.76 14.06 15.53
CA PRO B 452 43.77 13.11 16.07
C PRO B 452 42.32 13.32 15.60
N ARG B 453 41.55 12.23 15.56
CA ARG B 453 40.17 12.14 15.10
C ARG B 453 39.22 11.64 16.19
N GLN B 454 38.06 12.32 16.36
CA GLN B 454 37.04 11.92 17.32
C GLN B 454 35.75 11.55 16.58
N TYR B 455 35.35 12.40 15.63
CA TYR B 455 34.12 12.21 14.88
C TYR B 455 34.30 12.54 13.40
N PHE B 456 33.29 12.14 12.62
CA PHE B 456 33.28 12.45 11.21
C PHE B 456 31.91 12.90 10.73
N ILE B 457 31.91 13.54 9.56
CA ILE B 457 30.73 13.89 8.78
C ILE B 457 30.96 13.19 7.46
N GLY B 458 30.14 12.20 7.16
CA GLY B 458 30.26 11.42 5.94
C GLY B 458 29.27 11.92 4.92
N VAL B 459 29.74 12.15 3.69
CA VAL B 459 28.92 12.64 2.59
C VAL B 459 28.82 11.54 1.55
N LEU B 460 27.58 11.11 1.24
CA LEU B 460 27.31 10.05 0.28
C LEU B 460 26.87 10.65 -1.02
N ASP B 461 27.59 10.27 -2.10
CA ASP B 461 27.34 10.71 -3.47
C ASP B 461 27.32 9.44 -4.38
N ILE B 462 26.15 8.83 -4.51
CA ILE B 462 25.96 7.63 -5.32
C ILE B 462 25.81 8.00 -6.81
N ALA B 463 25.83 7.00 -7.72
CA ALA B 463 25.55 7.28 -9.11
C ALA B 463 23.98 7.30 -9.13
N GLY B 464 23.40 8.35 -9.70
CA GLY B 464 21.97 8.56 -9.71
C GLY B 464 21.14 7.72 -10.64
N PHE B 465 19.84 7.61 -10.32
CA PHE B 465 18.83 6.86 -11.07
C PHE B 465 18.86 7.34 -12.53
N GLU B 466 18.88 6.39 -13.47
CA GLU B 466 18.95 6.68 -14.90
C GLU B 466 18.22 5.65 -15.74
N ILE B 467 17.72 6.10 -16.91
CA ILE B 467 17.06 5.27 -17.90
C ILE B 467 17.65 5.62 -19.29
N PHE B 468 18.39 4.68 -19.90
CA PHE B 468 18.95 4.88 -21.23
C PHE B 468 18.08 4.12 -22.24
N ASP B 469 18.39 4.22 -23.55
CA ASP B 469 17.67 3.45 -24.58
C ASP B 469 18.02 1.97 -24.43
N PHE B 470 19.26 1.70 -23.96
CA PHE B 470 19.80 0.37 -23.68
C PHE B 470 20.21 0.34 -22.22
N ASN B 471 19.52 -0.48 -21.40
CA ASN B 471 19.80 -0.63 -19.97
C ASN B 471 20.32 -2.00 -19.71
N SER B 472 21.55 -2.08 -19.21
CA SER B 472 22.22 -3.34 -18.94
C SER B 472 22.42 -3.54 -17.41
N PHE B 473 23.34 -4.43 -17.04
CA PHE B 473 23.66 -4.80 -15.68
C PHE B 473 24.06 -3.61 -14.81
N GLU B 474 24.87 -2.69 -15.36
CA GLU B 474 25.29 -1.52 -14.61
C GLU B 474 24.13 -0.61 -14.23
N GLN B 475 23.09 -0.48 -15.09
CA GLN B 475 21.88 0.31 -14.81
C GLN B 475 21.09 -0.33 -13.68
N LEU B 476 21.01 -1.67 -13.64
CA LEU B 476 20.35 -2.37 -12.53
C LEU B 476 21.07 -2.09 -11.21
N CYS B 477 22.41 -2.21 -11.21
CA CYS B 477 23.22 -1.94 -10.02
C CYS B 477 23.04 -0.52 -9.54
N ILE B 478 23.02 0.47 -10.47
CA ILE B 478 22.87 1.90 -10.17
C ILE B 478 21.47 2.19 -9.60
N ASN B 479 20.41 1.72 -10.28
CA ASN B 479 19.01 1.95 -9.90
C ASN B 479 18.63 1.24 -8.60
N PHE B 480 19.20 0.07 -8.34
CA PHE B 480 19.00 -0.65 -7.09
C PHE B 480 19.58 0.16 -5.90
N THR B 481 20.75 0.78 -6.06
CA THR B 481 21.35 1.66 -5.04
C THR B 481 20.43 2.84 -4.69
N ASN B 482 19.80 3.44 -5.72
CA ASN B 482 18.89 4.57 -5.57
C ASN B 482 17.63 4.15 -4.80
N GLU B 483 17.11 2.92 -5.09
CA GLU B 483 15.95 2.31 -4.42
C GLU B 483 16.26 2.11 -2.95
N LYS B 484 17.45 1.56 -2.65
CA LYS B 484 17.98 1.31 -1.29
C LYS B 484 18.09 2.61 -0.52
N LEU B 485 18.64 3.67 -1.17
CA LEU B 485 18.78 4.98 -0.56
C LEU B 485 17.45 5.60 -0.22
N GLN B 486 16.46 5.47 -1.11
CA GLN B 486 15.12 5.95 -0.88
C GLN B 486 14.49 5.20 0.29
N GLN B 487 14.65 3.85 0.35
CA GLN B 487 14.14 3.07 1.47
C GLN B 487 14.80 3.45 2.79
N PHE B 488 16.10 3.82 2.79
CA PHE B 488 16.78 4.30 4.00
C PHE B 488 16.08 5.59 4.49
N PHE B 489 15.73 6.48 3.56
CA PHE B 489 14.97 7.68 3.87
C PHE B 489 13.60 7.32 4.46
N ASN B 490 12.85 6.39 3.81
CA ASN B 490 11.52 5.95 4.24
C ASN B 490 11.55 5.38 5.63
N HIS B 491 12.53 4.53 5.91
CA HIS B 491 12.70 3.91 7.21
C HIS B 491 12.97 4.93 8.32
N HIS B 492 13.85 5.89 8.08
CA HIS B 492 14.22 6.92 9.04
C HIS B 492 13.05 7.90 9.34
N MET B 493 12.43 8.40 8.27
CA MET B 493 11.37 9.40 8.35
C MET B 493 10.02 8.87 8.81
N PHE B 494 9.63 7.66 8.37
CA PHE B 494 8.30 7.11 8.62
C PHE B 494 8.27 5.93 9.57
N VAL B 495 9.32 5.09 9.62
CA VAL B 495 9.30 3.92 10.47
C VAL B 495 9.91 4.23 11.85
N LEU B 496 11.23 4.54 11.90
CA LEU B 496 11.95 4.84 13.14
C LEU B 496 11.30 5.97 13.94
N GLU B 497 10.78 6.97 13.20
CA GLU B 497 10.10 8.15 13.76
C GLU B 497 8.84 7.79 14.58
N GLN B 498 7.95 6.95 14.01
CA GLN B 498 6.73 6.49 14.66
C GLN B 498 7.03 5.47 15.75
N GLU B 499 8.11 4.67 15.57
CA GLU B 499 8.57 3.70 16.57
C GLU B 499 9.10 4.43 17.83
N GLU B 500 9.73 5.61 17.66
CA GLU B 500 10.22 6.47 18.74
C GLU B 500 9.04 6.92 19.62
N TYR B 501 7.93 7.38 19.00
CA TYR B 501 6.71 7.82 19.69
C TYR B 501 6.13 6.66 20.50
N LYS B 502 6.03 5.47 19.87
CA LYS B 502 5.55 4.23 20.48
C LYS B 502 6.36 3.79 21.70
N LYS B 503 7.71 3.69 21.59
CA LYS B 503 8.56 3.28 22.71
C LYS B 503 8.61 4.31 23.85
N GLU B 504 8.27 5.55 23.54
CA GLU B 504 8.25 6.64 24.52
C GLU B 504 6.86 6.82 25.20
N GLY B 505 5.88 5.99 24.83
CA GLY B 505 4.53 6.03 25.39
C GLY B 505 3.70 7.23 24.92
N ILE B 506 4.10 7.86 23.81
CA ILE B 506 3.36 8.99 23.24
C ILE B 506 2.14 8.40 22.53
N GLU B 507 0.93 8.94 22.85
CA GLU B 507 -0.34 8.53 22.23
C GLU B 507 -0.25 8.87 20.75
N TRP B 508 -0.18 7.82 19.93
CA TRP B 508 0.05 7.95 18.50
C TRP B 508 -0.66 6.86 17.72
N GLU B 509 -1.27 7.26 16.61
CA GLU B 509 -1.92 6.34 15.70
C GLU B 509 -0.98 6.21 14.50
N PHE B 510 -0.45 4.98 14.25
CA PHE B 510 0.46 4.71 13.16
C PHE B 510 -0.15 5.15 11.81
N ILE B 511 0.62 5.88 11.02
CA ILE B 511 0.22 6.36 9.72
C ILE B 511 1.01 5.61 8.66
N ASP B 512 0.29 4.97 7.73
CA ASP B 512 0.86 4.30 6.59
C ASP B 512 0.99 5.42 5.53
N PHE B 513 2.23 5.84 5.24
CA PHE B 513 2.53 6.91 4.30
C PHE B 513 2.64 6.45 2.83
N GLY B 514 2.55 5.13 2.61
CA GLY B 514 2.68 4.51 1.31
C GLY B 514 4.10 4.59 0.78
N MET B 515 5.10 4.72 1.71
CA MET B 515 6.53 4.83 1.42
C MET B 515 7.22 3.59 1.98
N ASP B 516 7.23 2.52 1.18
CA ASP B 516 7.83 1.23 1.52
C ASP B 516 8.18 0.51 0.23
N LEU B 517 9.49 0.38 -0.05
CA LEU B 517 10.03 -0.23 -1.26
C LEU B 517 10.52 -1.65 -1.07
N GLN B 518 10.18 -2.29 0.08
CA GLN B 518 10.63 -3.65 0.42
C GLN B 518 10.35 -4.69 -0.66
N ALA B 519 9.20 -4.62 -1.35
CA ALA B 519 8.83 -5.56 -2.42
C ALA B 519 9.83 -5.52 -3.57
N CYS B 520 10.11 -4.31 -4.12
CA CYS B 520 11.10 -4.22 -5.20
C CYS B 520 12.53 -4.57 -4.73
N ILE B 521 12.93 -4.10 -3.55
CA ILE B 521 14.25 -4.41 -2.99
C ILE B 521 14.45 -5.93 -2.84
N ASP B 522 13.43 -6.64 -2.24
CA ASP B 522 13.44 -8.10 -2.06
C ASP B 522 13.57 -8.83 -3.39
N LEU B 523 12.86 -8.35 -4.42
CA LEU B 523 12.90 -8.91 -5.78
C LEU B 523 14.33 -8.88 -6.34
N ILE B 524 15.05 -7.81 -6.06
CA ILE B 524 16.42 -7.69 -6.54
C ILE B 524 17.42 -8.46 -5.68
N GLU B 525 17.37 -8.33 -4.32
CA GLU B 525 18.42 -8.84 -3.44
C GLU B 525 18.21 -10.12 -2.62
N LYS B 526 16.96 -10.50 -2.26
CA LYS B 526 16.68 -11.68 -1.43
C LYS B 526 16.88 -13.01 -2.18
N PRO B 527 17.10 -14.16 -1.48
CA PRO B 527 17.27 -15.44 -2.21
C PRO B 527 16.13 -15.76 -3.16
N MET B 528 16.50 -16.19 -4.38
CA MET B 528 15.67 -16.50 -5.54
C MET B 528 15.21 -15.24 -6.28
N GLY B 529 15.77 -14.08 -5.92
CA GLY B 529 15.55 -12.80 -6.58
C GLY B 529 16.47 -12.69 -7.78
N ILE B 530 16.47 -11.52 -8.43
CA ILE B 530 17.27 -11.26 -9.66
C ILE B 530 18.77 -11.53 -9.48
N MET B 531 19.41 -10.95 -8.44
CA MET B 531 20.85 -11.14 -8.20
C MET B 531 21.19 -12.57 -7.84
N SER B 532 20.39 -13.14 -6.91
CA SER B 532 20.49 -14.52 -6.43
C SER B 532 20.44 -15.50 -7.62
N ILE B 533 19.51 -15.31 -8.59
CA ILE B 533 19.39 -16.13 -9.80
C ILE B 533 20.64 -15.96 -10.68
N LEU B 534 21.10 -14.72 -10.93
CA LEU B 534 22.31 -14.42 -11.70
C LEU B 534 23.54 -15.11 -11.12
N GLU B 535 23.72 -15.00 -9.79
CA GLU B 535 24.85 -15.58 -9.04
C GLU B 535 24.89 -17.10 -9.13
N GLU B 536 23.70 -17.73 -9.08
CA GLU B 536 23.52 -19.17 -9.17
C GLU B 536 23.78 -19.64 -10.61
N GLU B 537 23.26 -18.90 -11.63
CA GLU B 537 23.47 -19.21 -13.06
C GLU B 537 24.94 -19.10 -13.41
N CYS B 538 25.68 -18.33 -12.60
CA CYS B 538 27.13 -18.12 -12.71
C CYS B 538 27.95 -19.33 -12.40
N MET B 539 27.51 -20.20 -11.52
CA MET B 539 28.29 -21.38 -11.17
C MET B 539 28.07 -22.58 -12.14
N PHE B 540 27.42 -22.34 -13.31
CA PHE B 540 26.94 -23.33 -14.25
C PHE B 540 27.58 -23.21 -15.61
N PRO B 541 28.53 -24.09 -15.97
CA PRO B 541 29.22 -23.94 -17.27
C PRO B 541 28.32 -23.96 -18.51
N LYS B 542 27.21 -24.72 -18.48
CA LYS B 542 26.26 -24.80 -19.58
C LYS B 542 25.20 -23.65 -19.62
N ALA B 543 25.18 -22.76 -18.59
CA ALA B 543 24.25 -21.62 -18.51
C ALA B 543 24.53 -20.57 -19.58
N THR B 544 23.47 -20.01 -20.13
CA THR B 544 23.53 -19.01 -21.18
C THR B 544 22.67 -17.79 -20.78
N ASP B 545 22.70 -16.72 -21.58
CA ASP B 545 21.88 -15.53 -21.30
C ASP B 545 20.39 -15.89 -21.32
N MET B 546 20.01 -16.82 -22.22
CA MET B 546 18.62 -17.29 -22.36
C MET B 546 18.16 -18.23 -21.23
N THR B 547 19.08 -19.01 -20.62
CA THR B 547 18.72 -19.87 -19.49
C THR B 547 18.55 -18.98 -18.29
N PHE B 548 19.38 -17.91 -18.18
CA PHE B 548 19.26 -16.92 -17.10
C PHE B 548 17.90 -16.21 -17.22
N ALA B 550 15.12 -17.26 -18.86
CA ALA B 550 14.06 -18.22 -18.61
C ALA B 550 13.86 -18.43 -17.11
N LYS B 551 14.96 -18.47 -16.31
CA LYS B 551 14.89 -18.63 -14.85
C LYS B 551 14.25 -17.41 -14.20
N LEU B 552 14.54 -16.19 -14.70
CA LEU B 552 13.93 -14.95 -14.20
C LEU B 552 12.42 -15.01 -14.43
N PHE B 553 12.00 -15.32 -15.67
CA PHE B 553 10.59 -15.43 -16.08
C PHE B 553 9.84 -16.49 -15.30
N ASP B 554 10.39 -17.71 -15.21
CA ASP B 554 9.77 -18.83 -14.48
C ASP B 554 9.53 -18.53 -13.00
N ASN B 555 10.44 -17.77 -12.36
CA ASN B 555 10.34 -17.43 -10.96
C ASN B 555 9.55 -16.16 -10.61
N HIS B 556 9.50 -15.16 -11.52
CA HIS B 556 8.89 -13.87 -11.17
C HIS B 556 7.81 -13.32 -12.09
N LEU B 557 7.71 -13.76 -13.34
CA LEU B 557 6.66 -13.23 -14.23
C LEU B 557 5.27 -13.69 -13.77
N GLY B 558 4.44 -12.72 -13.38
CA GLY B 558 3.11 -12.94 -12.84
C GLY B 558 3.12 -13.43 -11.40
N LYS B 559 4.30 -13.42 -10.76
CA LYS B 559 4.51 -13.88 -9.38
C LYS B 559 5.06 -12.77 -8.48
N SER B 560 5.95 -11.88 -9.02
CA SER B 560 6.49 -10.72 -8.31
C SER B 560 5.93 -9.48 -8.99
N SER B 561 5.10 -8.73 -8.27
CA SER B 561 4.42 -7.52 -8.74
C SER B 561 5.32 -6.49 -9.46
N ASN B 562 6.55 -6.32 -8.98
CA ASN B 562 7.53 -5.36 -9.53
C ASN B 562 8.29 -5.88 -10.76
N PHE B 563 8.06 -7.17 -11.13
CA PHE B 563 8.70 -7.79 -12.29
C PHE B 563 7.67 -7.88 -13.41
N GLN B 564 8.02 -7.36 -14.59
CA GLN B 564 7.09 -7.32 -15.74
C GLN B 564 7.81 -7.66 -17.07
N LYS B 565 7.01 -7.88 -18.14
CA LYS B 565 7.48 -8.12 -19.51
C LYS B 565 7.69 -6.74 -20.15
N PRO B 566 8.72 -6.51 -20.97
CA PRO B 566 8.94 -5.14 -21.46
C PRO B 566 8.11 -4.64 -22.62
N ARG B 567 8.29 -3.29 -22.83
CA ARG B 567 7.70 -2.40 -23.84
C ARG B 567 8.82 -2.08 -24.84
N ASN B 568 8.89 -2.88 -25.93
CA ASN B 568 9.89 -2.71 -26.98
C ASN B 568 9.38 -1.83 -28.12
N ILE B 569 10.08 -0.71 -28.35
CA ILE B 569 9.74 0.26 -29.40
C ILE B 569 10.77 0.16 -30.54
N LYS B 570 10.27 -0.03 -31.78
CA LYS B 570 11.08 -0.17 -33.00
C LYS B 570 11.57 1.18 -33.48
N PRO B 573 16.23 -0.30 -28.89
CA PRO B 573 16.87 -1.62 -28.66
C PRO B 573 15.97 -2.62 -27.95
N GLU B 574 16.23 -3.93 -28.15
CA GLU B 574 15.44 -4.99 -27.55
C GLU B 574 15.69 -5.12 -26.04
N ALA B 575 14.63 -5.29 -25.25
CA ALA B 575 14.68 -5.48 -23.81
C ALA B 575 14.11 -6.86 -23.45
N HIS B 576 14.58 -7.44 -22.34
CA HIS B 576 14.18 -8.77 -21.92
C HIS B 576 13.21 -8.77 -20.76
N PHE B 577 13.38 -7.85 -19.80
CA PHE B 577 12.45 -7.70 -18.68
C PHE B 577 12.39 -6.26 -18.22
N SER B 578 11.31 -5.90 -17.56
CA SER B 578 11.17 -4.60 -16.97
C SER B 578 11.06 -4.71 -15.46
N LEU B 579 11.49 -3.67 -14.78
CA LEU B 579 11.44 -3.61 -13.32
C LEU B 579 10.74 -2.33 -12.91
N ILE B 580 9.72 -2.43 -12.02
CA ILE B 580 9.02 -1.23 -11.52
C ILE B 580 9.80 -0.67 -10.32
N HIS B 581 10.73 0.26 -10.59
CA HIS B 581 11.51 0.92 -9.53
C HIS B 581 10.66 2.05 -8.93
N TYR B 582 11.15 2.66 -7.80
CA TYR B 582 10.47 3.77 -7.14
C TYR B 582 10.29 4.98 -8.07
N ALA B 583 11.30 5.21 -8.95
CA ALA B 583 11.38 6.34 -9.86
C ALA B 583 10.93 6.03 -11.29
N GLY B 584 10.40 4.83 -11.51
CA GLY B 584 9.89 4.43 -12.81
C GLY B 584 10.18 3.02 -13.24
N THR B 585 9.56 2.62 -14.35
CA THR B 585 9.72 1.30 -14.95
C THR B 585 10.93 1.35 -15.86
N VAL B 586 11.86 0.39 -15.69
CA VAL B 586 13.10 0.32 -16.47
C VAL B 586 13.15 -1.02 -17.21
N ASP B 587 13.37 -0.96 -18.54
CA ASP B 587 13.50 -2.11 -19.42
C ASP B 587 14.97 -2.50 -19.51
N TYR B 588 15.27 -3.70 -19.04
CA TYR B 588 16.60 -4.29 -18.96
C TYR B 588 16.88 -5.34 -20.02
N ASN B 589 18.06 -5.23 -20.62
CA ASN B 589 18.58 -6.17 -21.61
C ASN B 589 19.61 -7.00 -20.83
N ILE B 590 19.44 -8.32 -20.83
CA ILE B 590 20.27 -9.24 -20.03
C ILE B 590 21.47 -9.88 -20.77
N ILE B 591 21.78 -9.43 -22.01
CA ILE B 591 22.90 -9.99 -22.79
C ILE B 591 24.23 -9.64 -22.14
N GLY B 592 25.01 -10.68 -21.85
CA GLY B 592 26.34 -10.58 -21.26
C GLY B 592 26.39 -10.45 -19.75
N TRP B 593 25.23 -10.58 -19.06
CA TRP B 593 25.18 -10.44 -17.59
C TRP B 593 25.97 -11.50 -16.85
N LEU B 594 25.96 -12.76 -17.34
CA LEU B 594 26.69 -13.84 -16.71
C LEU B 594 28.19 -13.55 -16.74
N GLN B 595 28.75 -13.13 -17.91
CA GLN B 595 30.18 -12.79 -18.05
C GLN B 595 30.56 -11.52 -17.27
N LYS B 596 29.64 -10.54 -17.24
CA LYS B 596 29.79 -9.31 -16.46
C LYS B 596 29.85 -9.63 -14.98
N ASN B 597 29.02 -10.57 -14.50
CA ASN B 597 28.99 -10.93 -13.08
C ASN B 597 30.20 -11.74 -12.64
N LYS B 598 30.68 -12.68 -13.49
CA LYS B 598 31.82 -13.55 -13.19
C LYS B 598 33.10 -12.74 -13.29
N ASP B 599 33.24 -11.94 -14.37
CA ASP B 599 34.40 -11.10 -14.62
C ASP B 599 35.74 -11.98 -14.77
N PRO B 600 35.76 -12.99 -15.67
CA PRO B 600 36.98 -13.82 -15.83
C PRO B 600 38.18 -13.11 -16.48
N LEU B 601 39.44 -13.46 -16.09
CA LEU B 601 40.63 -12.84 -16.69
C LEU B 601 41.64 -13.86 -17.18
N ASN B 602 42.37 -13.54 -18.27
CA ASN B 602 43.44 -14.41 -18.79
C ASN B 602 44.55 -14.29 -17.74
N GLU B 603 44.68 -15.33 -16.89
CA GLU B 603 45.66 -15.35 -15.80
C GLU B 603 47.10 -15.50 -16.26
N THR B 604 47.32 -15.88 -17.54
CA THR B 604 48.67 -15.97 -18.12
C THR B 604 49.19 -14.57 -18.33
N VAL B 605 48.37 -13.65 -18.89
CA VAL B 605 48.87 -12.30 -19.08
C VAL B 605 48.80 -11.55 -17.72
N VAL B 606 47.89 -11.92 -16.77
CA VAL B 606 47.89 -11.29 -15.43
C VAL B 606 49.26 -11.54 -14.77
N ASP B 607 49.84 -12.75 -14.98
CA ASP B 607 51.17 -13.13 -14.49
C ASP B 607 52.24 -12.22 -15.06
N LEU B 608 52.12 -11.87 -16.36
CA LEU B 608 53.06 -10.95 -17.03
C LEU B 608 52.97 -9.56 -16.39
N TYR B 609 51.75 -9.09 -16.08
CA TYR B 609 51.48 -7.81 -15.41
C TYR B 609 52.20 -7.79 -14.05
N LYS B 610 52.13 -8.90 -13.30
CA LYS B 610 52.81 -9.05 -12.01
C LYS B 610 54.34 -8.95 -12.12
N LYS B 611 54.93 -9.41 -13.26
CA LYS B 611 56.38 -9.42 -13.55
C LYS B 611 56.82 -8.21 -14.41
N SER B 612 56.00 -7.16 -14.46
CA SER B 612 56.24 -5.96 -15.26
C SER B 612 57.39 -5.11 -14.74
N SER B 613 58.16 -4.50 -15.65
CA SER B 613 59.25 -3.59 -15.29
C SER B 613 58.70 -2.21 -14.86
N LEU B 614 57.41 -1.91 -15.20
CA LEU B 614 56.72 -0.70 -14.79
C LEU B 614 56.19 -1.02 -13.40
N LYS B 615 56.77 -0.38 -12.37
CA LYS B 615 56.46 -0.60 -10.96
C LYS B 615 54.97 -0.58 -10.63
N MET B 616 54.22 0.38 -11.20
CA MET B 616 52.79 0.56 -10.97
C MET B 616 51.97 -0.63 -11.43
N LEU B 617 52.22 -1.11 -12.65
CA LEU B 617 51.50 -2.27 -13.18
C LEU B 617 51.67 -3.52 -12.31
N SER B 618 52.91 -3.81 -11.87
CA SER B 618 53.17 -4.95 -10.97
C SER B 618 52.45 -4.78 -9.63
N SER B 619 52.43 -3.55 -9.10
CA SER B 619 51.76 -3.23 -7.85
C SER B 619 50.23 -3.37 -7.99
N LEU B 620 49.66 -2.98 -9.17
CA LEU B 620 48.22 -3.08 -9.43
C LEU B 620 47.68 -4.50 -9.35
N PHE B 621 48.48 -5.49 -9.81
CA PHE B 621 48.10 -6.92 -9.84
C PHE B 621 48.83 -7.77 -8.82
N ALA B 622 49.51 -7.12 -7.87
CA ALA B 622 50.27 -7.74 -6.78
C ALA B 622 49.43 -8.75 -5.99
N ASN B 623 48.26 -8.30 -5.47
CA ASN B 623 47.33 -9.08 -4.64
C ASN B 623 46.35 -9.99 -5.44
N TYR B 624 46.56 -10.16 -6.77
CA TYR B 624 45.69 -11.00 -7.61
C TYR B 624 45.84 -12.49 -7.28
N GLN B 645 34.56 -13.50 -5.36
CA GLN B 645 33.14 -13.18 -5.33
C GLN B 645 32.66 -12.60 -6.67
N THR B 646 31.35 -12.77 -7.02
CA THR B 646 30.74 -12.18 -8.21
C THR B 646 30.52 -10.66 -7.95
N VAL B 647 30.36 -9.85 -9.01
CA VAL B 647 30.20 -8.42 -8.80
C VAL B 647 28.82 -8.12 -8.13
N SER B 648 27.74 -8.86 -8.42
CA SER B 648 26.46 -8.63 -7.70
C SER B 648 26.55 -8.98 -6.20
N ALA B 649 27.30 -10.02 -5.82
CA ALA B 649 27.48 -10.37 -4.42
C ALA B 649 28.29 -9.26 -3.70
N LEU B 650 29.29 -8.67 -4.39
CA LEU B 650 30.09 -7.56 -3.87
C LEU B 650 29.21 -6.29 -3.73
N HIS B 651 28.30 -6.07 -4.71
CA HIS B 651 27.39 -4.92 -4.71
C HIS B 651 26.43 -4.97 -3.52
N ARG B 652 25.84 -6.16 -3.28
CA ARG B 652 24.94 -6.40 -2.17
C ARG B 652 25.67 -6.19 -0.83
N GLU B 653 26.92 -6.68 -0.74
CA GLU B 653 27.79 -6.53 0.44
C GLU B 653 28.11 -5.05 0.74
N ASN B 654 28.53 -4.28 -0.27
CA ASN B 654 28.83 -2.84 -0.19
C ASN B 654 27.61 -2.09 0.34
N LEU B 655 26.43 -2.39 -0.22
CA LEU B 655 25.16 -1.77 0.13
C LEU B 655 24.77 -2.10 1.55
N ASN B 656 24.85 -3.38 1.93
CA ASN B 656 24.48 -3.80 3.29
C ASN B 656 25.36 -3.15 4.33
N LYS B 657 26.67 -3.12 4.08
CA LYS B 657 27.70 -2.54 4.95
C LYS B 657 27.43 -1.03 5.12
N LEU B 658 27.24 -0.32 4.00
CA LEU B 658 26.95 1.11 4.00
C LEU B 658 25.68 1.43 4.81
N MET B 659 24.56 0.71 4.52
CA MET B 659 23.26 0.93 5.18
C MET B 659 23.32 0.69 6.69
N THR B 660 24.06 -0.34 7.17
CA THR B 660 24.17 -0.57 8.62
C THR B 660 25.04 0.52 9.26
N ASN B 661 26.14 0.91 8.58
CA ASN B 661 27.02 1.99 9.06
C ASN B 661 26.31 3.33 9.12
N LEU B 662 25.42 3.64 8.14
CA LEU B 662 24.64 4.89 8.10
C LEU B 662 23.64 4.95 9.27
N ARG B 663 23.15 3.78 9.70
CA ARG B 663 22.23 3.65 10.83
C ARG B 663 22.91 4.05 12.18
N SER B 664 24.26 4.06 12.25
CA SER B 664 25.04 4.47 13.42
C SER B 664 25.41 5.98 13.35
N THR B 665 24.86 6.71 12.36
CA THR B 665 25.10 8.14 12.19
C THR B 665 23.77 8.89 12.27
N HIS B 666 23.83 10.23 12.46
CA HIS B 666 22.68 11.14 12.42
C HIS B 666 22.60 11.55 10.93
N PRO B 667 21.55 11.13 10.17
CA PRO B 667 21.50 11.49 8.76
C PRO B 667 20.86 12.84 8.49
N HIS B 668 21.27 13.49 7.40
CA HIS B 668 20.76 14.78 6.95
C HIS B 668 20.51 14.61 5.48
N PHE B 669 19.24 14.68 5.08
CA PHE B 669 18.87 14.46 3.69
C PHE B 669 18.80 15.73 2.87
N VAL B 670 19.38 15.66 1.66
CA VAL B 670 19.35 16.73 0.65
C VAL B 670 18.77 16.07 -0.60
N ARG B 671 17.61 16.56 -1.05
CA ARG B 671 16.92 15.99 -2.20
C ARG B 671 17.11 16.85 -3.43
N CYS B 672 18.02 16.43 -4.32
CA CYS B 672 18.28 17.15 -5.57
C CYS B 672 17.24 16.74 -6.60
N ILE B 673 16.73 17.75 -7.30
CA ILE B 673 15.69 17.64 -8.33
C ILE B 673 16.24 18.18 -9.66
N ILE B 674 16.10 17.39 -10.73
CA ILE B 674 16.44 17.81 -12.09
C ILE B 674 15.18 18.59 -12.62
N PRO B 675 15.30 19.87 -13.06
CA PRO B 675 14.08 20.62 -13.43
C PRO B 675 13.44 20.26 -14.79
N ASN B 676 14.29 19.83 -15.73
CA ASN B 676 13.91 19.49 -17.09
C ASN B 676 14.92 18.52 -17.70
N GLU B 677 14.61 18.01 -18.90
CA GLU B 677 15.43 17.06 -19.65
C GLU B 677 16.43 17.73 -20.62
N THR B 678 16.39 19.07 -20.76
CA THR B 678 17.20 19.79 -21.74
C THR B 678 18.34 20.68 -21.17
N LYS B 679 18.75 20.48 -19.90
CA LYS B 679 19.80 21.29 -19.24
C LYS B 679 19.52 22.80 -19.35
N SER B 680 18.22 23.15 -19.29
CA SER B 680 17.74 24.52 -19.42
C SER B 680 17.63 25.26 -18.08
N PRO B 681 18.43 26.36 -17.91
CA PRO B 681 18.36 27.13 -16.66
C PRO B 681 16.99 27.80 -16.44
N GLY B 682 16.41 27.59 -15.26
CA GLY B 682 15.16 28.21 -14.88
C GLY B 682 13.87 27.65 -15.44
N VAL B 683 13.92 26.56 -16.25
CA VAL B 683 12.66 26.04 -16.81
C VAL B 683 12.28 24.76 -16.05
N ILE B 684 11.02 24.73 -15.59
CA ILE B 684 10.41 23.63 -14.83
C ILE B 684 9.48 22.81 -15.74
N ASP B 685 9.75 21.51 -15.81
CA ASP B 685 8.91 20.53 -16.49
C ASP B 685 8.05 20.01 -15.32
N ASN B 686 6.83 20.59 -15.11
CA ASN B 686 5.91 20.25 -14.01
C ASN B 686 5.73 18.73 -13.79
N PRO B 687 5.35 17.89 -14.79
CA PRO B 687 5.24 16.44 -14.52
C PRO B 687 6.55 15.81 -14.09
N LEU B 688 7.70 16.26 -14.65
CA LEU B 688 9.02 15.72 -14.27
C LEU B 688 9.37 16.08 -12.79
N VAL B 689 9.12 17.34 -12.40
CA VAL B 689 9.38 17.82 -11.04
C VAL B 689 8.43 17.14 -10.05
N MET B 690 7.12 17.08 -10.37
CA MET B 690 6.12 16.44 -9.53
C MET B 690 6.42 14.95 -9.31
N HIS B 691 6.86 14.25 -10.35
CA HIS B 691 7.25 12.84 -10.29
C HIS B 691 8.39 12.62 -9.30
N GLN B 692 9.41 13.51 -9.33
CA GLN B 692 10.55 13.46 -8.42
C GLN B 692 10.13 13.73 -7.00
N LEU B 693 9.27 14.73 -6.76
CA LEU B 693 8.74 15.01 -5.42
C LEU B 693 7.90 13.85 -4.88
N ARG B 694 7.10 13.21 -5.74
CA ARG B 694 6.24 12.07 -5.39
C ARG B 694 7.03 10.84 -4.97
N CYS B 695 7.93 10.34 -5.87
CA CYS B 695 8.72 9.14 -5.57
C CYS B 695 9.76 9.37 -4.46
N ASN B 696 10.11 10.64 -4.15
CA ASN B 696 11.03 10.99 -3.05
C ASN B 696 10.31 11.00 -1.71
N GLY B 697 8.98 11.14 -1.72
CA GLY B 697 8.23 11.23 -0.48
C GLY B 697 8.42 12.57 0.21
N VAL B 698 8.57 13.66 -0.58
CA VAL B 698 8.76 15.03 -0.06
C VAL B 698 7.53 15.47 0.76
N LEU B 699 6.32 15.27 0.23
CA LEU B 699 5.09 15.60 0.92
C LEU B 699 4.86 14.85 2.21
N GLU B 700 5.03 13.53 2.20
CA GLU B 700 4.89 12.67 3.36
C GLU B 700 5.94 13.04 4.42
N GLY B 701 7.17 13.35 3.97
CA GLY B 701 8.27 13.78 4.83
C GLY B 701 7.94 15.07 5.55
N ILE B 702 7.22 15.98 4.85
CA ILE B 702 6.75 17.23 5.47
C ILE B 702 5.55 16.92 6.42
N ARG B 703 4.60 16.02 6.00
CA ARG B 703 3.45 15.64 6.82
C ARG B 703 3.84 15.09 8.16
N ILE B 704 4.83 14.16 8.24
CA ILE B 704 5.26 13.60 9.52
C ILE B 704 5.87 14.71 10.44
N CYS B 705 6.51 15.75 9.88
CA CYS B 705 7.03 16.90 10.65
C CYS B 705 5.87 17.70 11.25
N ARG B 706 4.76 17.84 10.50
CA ARG B 706 3.58 18.58 10.91
C ARG B 706 2.65 17.76 11.81
N LYS B 707 2.45 16.49 11.48
CA LYS B 707 1.59 15.59 12.23
C LYS B 707 2.22 15.01 13.48
N GLY B 708 3.51 14.75 13.43
CA GLY B 708 4.26 14.16 14.53
C GLY B 708 4.86 15.16 15.48
N PHE B 709 5.98 14.80 16.07
CA PHE B 709 6.67 15.58 17.08
C PHE B 709 8.16 15.60 16.68
N PRO B 710 8.55 16.53 15.77
CA PRO B 710 9.95 16.55 15.25
C PRO B 710 11.03 16.84 16.27
N ASN B 711 10.67 17.52 17.37
CA ASN B 711 11.57 17.87 18.48
C ASN B 711 11.23 17.12 19.75
N ARG B 712 12.26 16.70 20.48
CA ARG B 712 12.15 15.96 21.73
C ARG B 712 13.41 16.20 22.55
N ILE B 713 13.25 16.41 23.86
CA ILE B 713 14.35 16.71 24.79
C ILE B 713 14.18 15.85 26.04
N LEU B 714 15.28 15.24 26.52
CA LEU B 714 15.30 14.46 27.76
C LEU B 714 14.88 15.39 28.90
N TYR B 715 14.05 14.92 29.86
CA TYR B 715 13.52 15.74 30.97
C TYR B 715 14.59 16.54 31.75
N GLY B 716 15.74 15.91 32.00
CA GLY B 716 16.88 16.51 32.67
C GLY B 716 17.46 17.70 31.92
N ASP B 717 17.71 17.54 30.60
CA ASP B 717 18.21 18.60 29.72
C ASP B 717 17.19 19.75 29.57
N PHE B 718 15.87 19.40 29.58
CA PHE B 718 14.78 20.36 29.45
C PHE B 718 14.73 21.31 30.64
N ARG B 719 14.70 20.76 31.87
CA ARG B 719 14.66 21.55 33.10
C ARG B 719 15.92 22.41 33.25
N GLN B 720 17.10 21.91 32.78
CA GLN B 720 18.34 22.68 32.85
C GLN B 720 18.29 23.92 31.95
N ARG B 721 17.99 23.71 30.66
CA ARG B 721 17.93 24.75 29.63
C ARG B 721 16.77 25.74 29.78
N TYR B 722 15.56 25.26 30.17
CA TYR B 722 14.41 26.16 30.18
C TYR B 722 13.87 26.53 31.57
N ARG B 723 14.69 26.43 32.62
CA ARG B 723 14.30 26.82 33.97
C ARG B 723 14.10 28.33 34.05
N ILE B 724 15.00 29.13 33.43
CA ILE B 724 14.97 30.59 33.44
C ILE B 724 13.62 31.16 32.93
N LEU B 725 12.85 30.42 32.10
CA LEU B 725 11.53 30.83 31.59
C LEU B 725 10.52 31.12 32.71
N ASN B 726 10.63 30.40 33.84
CA ASN B 726 9.79 30.52 35.04
C ASN B 726 10.47 29.75 36.20
N PRO B 727 11.55 30.29 36.83
CA PRO B 727 12.23 29.55 37.91
C PRO B 727 11.37 29.17 39.11
N ALA B 728 10.26 29.90 39.36
CA ALA B 728 9.29 29.59 40.41
C ALA B 728 8.58 28.23 40.08
N ALA B 729 9.04 27.15 40.76
CA ALA B 729 8.64 25.74 40.59
C ALA B 729 9.08 25.19 39.23
N ASP B 737 11.85 15.61 40.77
CA ASP B 737 11.73 14.81 39.56
C ASP B 737 11.67 15.72 38.33
N SER B 738 12.58 15.50 37.37
CA SER B 738 12.70 16.28 36.12
C SER B 738 11.43 16.30 35.27
N ARG B 739 10.65 15.19 35.28
CA ARG B 739 9.38 15.15 34.54
C ARG B 739 8.35 16.03 35.24
N LYS B 740 8.28 15.97 36.60
CA LYS B 740 7.38 16.81 37.39
C LYS B 740 7.75 18.28 37.17
N GLY B 741 9.07 18.54 37.14
CA GLY B 741 9.66 19.85 36.87
C GLY B 741 9.29 20.38 35.50
N ALA B 742 9.38 19.52 34.46
CA ALA B 742 9.04 19.85 33.07
C ALA B 742 7.54 20.16 32.93
N GLU B 743 6.67 19.32 33.57
CA GLU B 743 5.22 19.47 33.55
C GLU B 743 4.79 20.83 34.07
N LYS B 744 5.17 21.17 35.32
CA LYS B 744 4.83 22.44 35.98
C LYS B 744 5.37 23.66 35.23
N LEU B 745 6.62 23.55 34.71
CA LEU B 745 7.27 24.62 33.93
C LEU B 745 6.42 24.92 32.70
N LEU B 746 6.13 23.89 31.86
CA LEU B 746 5.35 24.03 30.62
C LEU B 746 3.90 24.52 30.83
N GLY B 747 3.23 24.00 31.86
CA GLY B 747 1.86 24.36 32.21
C GLY B 747 1.71 25.80 32.67
N SER B 748 2.77 26.39 33.24
CA SER B 748 2.79 27.78 33.72
C SER B 748 3.00 28.83 32.60
N LEU B 749 3.35 28.37 31.37
CA LEU B 749 3.63 29.24 30.21
C LEU B 749 2.41 29.46 29.32
N ASP B 750 2.28 30.69 28.74
CA ASP B 750 1.14 31.00 27.87
C ASP B 750 1.38 30.49 26.42
N ILE B 751 1.25 29.18 26.29
CA ILE B 751 1.44 28.40 25.07
C ILE B 751 0.26 27.42 24.90
N ASP B 752 0.07 26.87 23.68
CA ASP B 752 -0.98 25.88 23.42
C ASP B 752 -0.49 24.54 24.00
N HIS B 753 -1.13 24.11 25.09
CA HIS B 753 -0.78 22.92 25.84
C HIS B 753 -1.08 21.60 25.11
N ASN B 754 -1.39 21.69 23.80
CA ASN B 754 -1.61 20.57 22.89
C ASN B 754 -0.38 20.41 21.99
N GLN B 755 0.52 21.43 21.95
CA GLN B 755 1.76 21.49 21.16
C GLN B 755 2.91 20.64 21.75
N TYR B 756 2.67 19.99 22.91
CA TYR B 756 3.68 19.15 23.56
C TYR B 756 3.05 17.91 24.24
N LYS B 757 3.84 16.82 24.35
CA LYS B 757 3.40 15.56 24.97
C LYS B 757 4.52 14.95 25.79
N PHE B 758 4.14 14.29 26.89
CA PHE B 758 5.06 13.68 27.82
C PHE B 758 5.31 12.22 27.56
N GLY B 759 6.59 11.91 27.33
CA GLY B 759 7.09 10.56 27.09
C GLY B 759 7.67 9.93 28.34
N HIS B 760 8.20 8.68 28.27
CA HIS B 760 8.82 8.04 29.42
C HIS B 760 10.09 8.76 29.87
N THR B 761 10.93 9.17 28.92
CA THR B 761 12.21 9.84 29.19
C THR B 761 12.33 11.25 28.56
N LYS B 762 11.50 11.57 27.55
CA LYS B 762 11.61 12.87 26.87
C LYS B 762 10.27 13.58 26.76
N VAL B 763 10.31 14.92 26.64
CA VAL B 763 9.15 15.73 26.33
C VAL B 763 9.20 15.98 24.81
N PHE B 764 8.10 15.65 24.12
CA PHE B 764 7.94 15.75 22.68
C PHE B 764 7.23 17.05 22.31
N PHE B 765 7.74 17.75 21.26
CA PHE B 765 7.23 19.03 20.78
C PHE B 765 6.71 19.02 19.36
N LYS B 766 5.59 19.73 19.11
CA LYS B 766 5.03 19.92 17.78
C LYS B 766 5.90 20.94 17.08
N ALA B 767 5.91 20.90 15.74
CA ALA B 767 6.70 21.82 14.92
C ALA B 767 6.39 23.28 15.31
N GLY B 768 7.46 24.01 15.64
CA GLY B 768 7.36 25.40 16.03
C GLY B 768 7.49 25.70 17.51
N LEU B 769 7.09 24.77 18.42
CA LEU B 769 7.16 25.03 19.85
C LEU B 769 8.59 25.21 20.36
N LEU B 770 9.57 24.42 19.89
CA LEU B 770 10.97 24.57 20.33
C LEU B 770 11.51 25.96 20.00
N GLY B 771 11.22 26.43 18.79
CA GLY B 771 11.60 27.75 18.29
C GLY B 771 11.06 28.87 19.16
N LEU B 772 9.79 28.74 19.58
CA LEU B 772 9.08 29.68 20.46
C LEU B 772 9.72 29.68 21.84
N LEU B 773 9.98 28.49 22.42
CA LEU B 773 10.62 28.34 23.72
C LEU B 773 12.03 28.95 23.70
N GLU B 774 12.72 28.86 22.53
CA GLU B 774 14.06 29.40 22.32
C GLU B 774 14.02 30.93 22.20
N GLU B 775 12.98 31.50 21.53
CA GLU B 775 12.78 32.95 21.43
C GLU B 775 12.61 33.49 22.87
N MET B 776 11.71 32.86 23.65
CA MET B 776 11.43 33.16 25.05
C MET B 776 12.69 33.07 25.93
N ARG B 777 13.60 32.11 25.69
CA ARG B 777 14.84 31.97 26.46
C ARG B 777 15.79 33.11 26.10
N ASP B 778 15.96 33.40 24.78
CA ASP B 778 16.81 34.47 24.29
C ASP B 778 16.38 35.85 24.84
N GLU B 779 15.07 36.01 25.14
CA GLU B 779 14.47 37.21 25.72
C GLU B 779 14.81 37.34 27.23
N ARG B 780 14.84 36.22 27.99
CA ARG B 780 15.17 36.23 29.42
C ARG B 780 16.68 36.38 29.68
N LEU B 781 17.53 36.07 28.67
CA LEU B 781 18.98 36.16 28.83
C LEU B 781 19.50 37.59 28.68
#